data_2IL5
# 
_entry.id   2IL5 
# 
_audit_conform.dict_name       mmcif_pdbx.dic 
_audit_conform.dict_version    5.397 
_audit_conform.dict_location   http://mmcif.pdb.org/dictionaries/ascii/mmcif_pdbx.dic 
# 
loop_
_database_2.database_id 
_database_2.database_code 
_database_2.pdbx_database_accession 
_database_2.pdbx_DOI 
PDB   2IL5         pdb_00002il5 10.2210/pdb2il5/pdb 
RCSB  RCSB039707   ?            ?                   
WWPDB D_1000039707 ?            ?                   
# 
loop_
_pdbx_audit_revision_history.ordinal 
_pdbx_audit_revision_history.data_content_type 
_pdbx_audit_revision_history.major_revision 
_pdbx_audit_revision_history.minor_revision 
_pdbx_audit_revision_history.revision_date 
1 'Structure model' 1 0 2006-10-31 
2 'Structure model' 1 1 2008-05-01 
3 'Structure model' 1 2 2011-07-13 
4 'Structure model' 1 3 2024-10-09 
# 
_pdbx_audit_revision_details.ordinal             1 
_pdbx_audit_revision_details.revision_ordinal    1 
_pdbx_audit_revision_details.data_content_type   'Structure model' 
_pdbx_audit_revision_details.provider            repository 
_pdbx_audit_revision_details.type                'Initial release' 
_pdbx_audit_revision_details.description         ? 
_pdbx_audit_revision_details.details             ? 
# 
loop_
_pdbx_audit_revision_group.ordinal 
_pdbx_audit_revision_group.revision_ordinal 
_pdbx_audit_revision_group.data_content_type 
_pdbx_audit_revision_group.group 
1 2 'Structure model' 'Version format compliance' 
2 3 'Structure model' Advisory                    
3 3 'Structure model' 'Source and taxonomy'       
4 3 'Structure model' 'Version format compliance' 
5 4 'Structure model' 'Data collection'           
6 4 'Structure model' 'Database references'       
7 4 'Structure model' 'Derived calculations'      
8 4 'Structure model' 'Structure summary'         
# 
loop_
_pdbx_audit_revision_category.ordinal 
_pdbx_audit_revision_category.revision_ordinal 
_pdbx_audit_revision_category.data_content_type 
_pdbx_audit_revision_category.category 
1 4 'Structure model' chem_comp_atom            
2 4 'Structure model' chem_comp_bond            
3 4 'Structure model' database_2                
4 4 'Structure model' pdbx_entry_details        
5 4 'Structure model' pdbx_modification_feature 
6 4 'Structure model' struct_conn               
7 4 'Structure model' struct_ref_seq_dif        
8 4 'Structure model' struct_site               
# 
loop_
_pdbx_audit_revision_item.ordinal 
_pdbx_audit_revision_item.revision_ordinal 
_pdbx_audit_revision_item.data_content_type 
_pdbx_audit_revision_item.item 
1 4 'Structure model' '_database_2.pdbx_DOI'                
2 4 'Structure model' '_database_2.pdbx_database_accession' 
3 4 'Structure model' '_struct_conn.pdbx_leaving_atom_flag' 
4 4 'Structure model' '_struct_ref_seq_dif.details'         
5 4 'Structure model' '_struct_site.pdbx_auth_asym_id'      
6 4 'Structure model' '_struct_site.pdbx_auth_comp_id'      
7 4 'Structure model' '_struct_site.pdbx_auth_seq_id'       
# 
_pdbx_database_status.status_code                     REL 
_pdbx_database_status.entry_id                        2IL5 
_pdbx_database_status.recvd_initial_deposition_date   2006-10-02 
_pdbx_database_status.deposit_site                    RCSB 
_pdbx_database_status.process_site                    RCSB 
_pdbx_database_status.status_code_sf                  REL 
_pdbx_database_status.status_code_mr                  ? 
_pdbx_database_status.SG_entry                        Y 
_pdbx_database_status.pdb_format_compatible           Y 
_pdbx_database_status.status_code_cs                  ? 
_pdbx_database_status.status_code_nmr_data            ? 
_pdbx_database_status.methods_development_category    ? 
# 
_pdbx_database_related.db_name        TargetDB 
_pdbx_database_related.db_id          APC23650 
_pdbx_database_related.details        . 
_pdbx_database_related.content_type   unspecified 
# 
loop_
_audit_author.name 
_audit_author.pdbx_ordinal 
'Osipiuk, J.'                                   1 
'Quartey, P.'                                   2 
'Holzle, D.'                                    3 
'Joachimiak, A.'                                4 
'Midwest Center for Structural Genomics (MCSG)' 5 
# 
_citation.id                        primary 
_citation.title                     'X-ray crystal structure of hypothetical protein SA2116 from Staphylococcus aureus.' 
_citation.journal_abbrev            'To be Published' 
_citation.journal_volume            ? 
_citation.page_first                ? 
_citation.page_last                 ? 
_citation.year                      ? 
_citation.journal_id_ASTM           ? 
_citation.country                   ? 
_citation.journal_id_ISSN           ? 
_citation.journal_id_CSD            0353 
_citation.book_publisher            ? 
_citation.pdbx_database_id_PubMed   ? 
_citation.pdbx_database_id_DOI      ? 
# 
loop_
_citation_author.citation_id 
_citation_author.name 
_citation_author.ordinal 
_citation_author.identifier_ORCID 
primary 'Osipiuk, J.'    1 ? 
primary 'Quartey, P.'    2 ? 
primary 'Holzle, D.'     3 ? 
primary 'Joachimiak, A.' 4 ? 
# 
loop_
_entity.id 
_entity.type 
_entity.src_method 
_entity.pdbx_description 
_entity.formula_weight 
_entity.pdbx_number_of_molecules 
_entity.pdbx_ec 
_entity.pdbx_mutation 
_entity.pdbx_fragment 
_entity.details 
1 polymer     man 'Hypothetical protein' 20805.217 1  ? ? ? ? 
2 non-polymer syn 'SODIUM ION'           22.990    1  ? ? ? ? 
3 water       nat water                  18.015    82 ? ? ? ? 
# 
_entity_poly.entity_id                      1 
_entity_poly.type                           'polypeptide(L)' 
_entity_poly.nstd_linkage                   no 
_entity_poly.nstd_monomer                   yes 
_entity_poly.pdbx_seq_one_letter_code       
;SNA(MSE)AKFNVENEHVEVEIEKLYKFSPELVYEAWTKKDLLKQWF(MSE)TSARTNKEIEADVKEGGKYRIVDQQRNG
KVNVIEGIYESLV(MSE)DEYVK(MSE)TIG(MSE)PGLSETQDVIEVEFFERETGGTQ(MSE)LFYYRSLVEKERRFTN
LEYKQKKKEYHDA(MSE)VHGFEL(MSE)FDK(MSE)YHVIETSTQQ
;
_entity_poly.pdbx_seq_one_letter_code_can   
;SNAMAKFNVENEHVEVEIEKLYKFSPELVYEAWTKKDLLKQWFMTSARTNKEIEADVKEGGKYRIVDQQRNGKVNVIEGI
YESLVMDEYVKMTIGMPGLSETQDVIEVEFFERETGGTQMLFYYRSLVEKERRFTNLEYKQKKKEYHDAMVHGFELMFDK
MYHVIETSTQQ
;
_entity_poly.pdbx_strand_id                 A 
_entity_poly.pdbx_target_identifier         APC23650 
# 
loop_
_pdbx_entity_nonpoly.entity_id 
_pdbx_entity_nonpoly.name 
_pdbx_entity_nonpoly.comp_id 
2 'SODIUM ION' NA  
3 water        HOH 
# 
loop_
_entity_poly_seq.entity_id 
_entity_poly_seq.num 
_entity_poly_seq.mon_id 
_entity_poly_seq.hetero 
1 1   SER n 
1 2   ASN n 
1 3   ALA n 
1 4   MSE n 
1 5   ALA n 
1 6   LYS n 
1 7   PHE n 
1 8   ASN n 
1 9   VAL n 
1 10  GLU n 
1 11  ASN n 
1 12  GLU n 
1 13  HIS n 
1 14  VAL n 
1 15  GLU n 
1 16  VAL n 
1 17  GLU n 
1 18  ILE n 
1 19  GLU n 
1 20  LYS n 
1 21  LEU n 
1 22  TYR n 
1 23  LYS n 
1 24  PHE n 
1 25  SER n 
1 26  PRO n 
1 27  GLU n 
1 28  LEU n 
1 29  VAL n 
1 30  TYR n 
1 31  GLU n 
1 32  ALA n 
1 33  TRP n 
1 34  THR n 
1 35  LYS n 
1 36  LYS n 
1 37  ASP n 
1 38  LEU n 
1 39  LEU n 
1 40  LYS n 
1 41  GLN n 
1 42  TRP n 
1 43  PHE n 
1 44  MSE n 
1 45  THR n 
1 46  SER n 
1 47  ALA n 
1 48  ARG n 
1 49  THR n 
1 50  ASN n 
1 51  LYS n 
1 52  GLU n 
1 53  ILE n 
1 54  GLU n 
1 55  ALA n 
1 56  ASP n 
1 57  VAL n 
1 58  LYS n 
1 59  GLU n 
1 60  GLY n 
1 61  GLY n 
1 62  LYS n 
1 63  TYR n 
1 64  ARG n 
1 65  ILE n 
1 66  VAL n 
1 67  ASP n 
1 68  GLN n 
1 69  GLN n 
1 70  ARG n 
1 71  ASN n 
1 72  GLY n 
1 73  LYS n 
1 74  VAL n 
1 75  ASN n 
1 76  VAL n 
1 77  ILE n 
1 78  GLU n 
1 79  GLY n 
1 80  ILE n 
1 81  TYR n 
1 82  GLU n 
1 83  SER n 
1 84  LEU n 
1 85  VAL n 
1 86  MSE n 
1 87  ASP n 
1 88  GLU n 
1 89  TYR n 
1 90  VAL n 
1 91  LYS n 
1 92  MSE n 
1 93  THR n 
1 94  ILE n 
1 95  GLY n 
1 96  MSE n 
1 97  PRO n 
1 98  GLY n 
1 99  LEU n 
1 100 SER n 
1 101 GLU n 
1 102 THR n 
1 103 GLN n 
1 104 ASP n 
1 105 VAL n 
1 106 ILE n 
1 107 GLU n 
1 108 VAL n 
1 109 GLU n 
1 110 PHE n 
1 111 PHE n 
1 112 GLU n 
1 113 ARG n 
1 114 GLU n 
1 115 THR n 
1 116 GLY n 
1 117 GLY n 
1 118 THR n 
1 119 GLN n 
1 120 MSE n 
1 121 LEU n 
1 122 PHE n 
1 123 TYR n 
1 124 TYR n 
1 125 ARG n 
1 126 SER n 
1 127 LEU n 
1 128 VAL n 
1 129 GLU n 
1 130 LYS n 
1 131 GLU n 
1 132 ARG n 
1 133 ARG n 
1 134 PHE n 
1 135 THR n 
1 136 ASN n 
1 137 LEU n 
1 138 GLU n 
1 139 TYR n 
1 140 LYS n 
1 141 GLN n 
1 142 LYS n 
1 143 LYS n 
1 144 LYS n 
1 145 GLU n 
1 146 TYR n 
1 147 HIS n 
1 148 ASP n 
1 149 ALA n 
1 150 MSE n 
1 151 VAL n 
1 152 HIS n 
1 153 GLY n 
1 154 PHE n 
1 155 GLU n 
1 156 LEU n 
1 157 MSE n 
1 158 PHE n 
1 159 ASP n 
1 160 LYS n 
1 161 MSE n 
1 162 TYR n 
1 163 HIS n 
1 164 VAL n 
1 165 ILE n 
1 166 GLU n 
1 167 THR n 
1 168 SER n 
1 169 THR n 
1 170 GLN n 
1 171 GLN n 
# 
_entity_src_gen.entity_id                          1 
_entity_src_gen.pdbx_src_id                        1 
_entity_src_gen.pdbx_alt_source_flag               sample 
_entity_src_gen.pdbx_seq_type                      ? 
_entity_src_gen.pdbx_beg_seq_num                   ? 
_entity_src_gen.pdbx_end_seq_num                   ? 
_entity_src_gen.gene_src_common_name               ? 
_entity_src_gen.gene_src_genus                     Staphylococcus 
_entity_src_gen.pdbx_gene_src_gene                 SA2116 
_entity_src_gen.gene_src_species                   'Staphylococcus aureus' 
_entity_src_gen.gene_src_strain                    USA300 
_entity_src_gen.gene_src_tissue                    ? 
_entity_src_gen.gene_src_tissue_fraction           ? 
_entity_src_gen.gene_src_details                   ? 
_entity_src_gen.pdbx_gene_src_fragment             ? 
_entity_src_gen.pdbx_gene_src_scientific_name      'Staphylococcus aureus subsp. aureus' 
_entity_src_gen.pdbx_gene_src_ncbi_taxonomy_id     367830 
_entity_src_gen.pdbx_gene_src_variant              ? 
_entity_src_gen.pdbx_gene_src_cell_line            ? 
_entity_src_gen.pdbx_gene_src_atcc                 ? 
_entity_src_gen.pdbx_gene_src_organ                ? 
_entity_src_gen.pdbx_gene_src_organelle            ? 
_entity_src_gen.pdbx_gene_src_cell                 ? 
_entity_src_gen.pdbx_gene_src_cellular_location    ? 
_entity_src_gen.host_org_common_name               ? 
_entity_src_gen.pdbx_host_org_scientific_name      'Escherichia coli BL21(DE3)' 
_entity_src_gen.pdbx_host_org_ncbi_taxonomy_id     469008 
_entity_src_gen.host_org_genus                     Escherichia 
_entity_src_gen.pdbx_host_org_gene                 ? 
_entity_src_gen.pdbx_host_org_organ                ? 
_entity_src_gen.host_org_species                   'Escherichia coli' 
_entity_src_gen.pdbx_host_org_tissue               ? 
_entity_src_gen.pdbx_host_org_tissue_fraction      ? 
_entity_src_gen.pdbx_host_org_strain               'BL21(DE3)' 
_entity_src_gen.pdbx_host_org_variant              ? 
_entity_src_gen.pdbx_host_org_cell_line            ? 
_entity_src_gen.pdbx_host_org_atcc                 ? 
_entity_src_gen.pdbx_host_org_culture_collection   ? 
_entity_src_gen.pdbx_host_org_cell                 ? 
_entity_src_gen.pdbx_host_org_organelle            ? 
_entity_src_gen.pdbx_host_org_cellular_location    ? 
_entity_src_gen.pdbx_host_org_vector_type          plasmid 
_entity_src_gen.pdbx_host_org_vector               ? 
_entity_src_gen.host_org_details                   ? 
_entity_src_gen.expression_system_id               ? 
_entity_src_gen.plasmid_name                       pMCSG7 
_entity_src_gen.plasmid_details                    ? 
_entity_src_gen.pdbx_description                   ? 
# 
loop_
_chem_comp.id 
_chem_comp.type 
_chem_comp.mon_nstd_flag 
_chem_comp.name 
_chem_comp.pdbx_synonyms 
_chem_comp.formula 
_chem_comp.formula_weight 
ALA 'L-peptide linking' y ALANINE          ? 'C3 H7 N O2'     89.093  
ARG 'L-peptide linking' y ARGININE         ? 'C6 H15 N4 O2 1' 175.209 
ASN 'L-peptide linking' y ASPARAGINE       ? 'C4 H8 N2 O3'    132.118 
ASP 'L-peptide linking' y 'ASPARTIC ACID'  ? 'C4 H7 N O4'     133.103 
GLN 'L-peptide linking' y GLUTAMINE        ? 'C5 H10 N2 O3'   146.144 
GLU 'L-peptide linking' y 'GLUTAMIC ACID'  ? 'C5 H9 N O4'     147.129 
GLY 'peptide linking'   y GLYCINE          ? 'C2 H5 N O2'     75.067  
HIS 'L-peptide linking' y HISTIDINE        ? 'C6 H10 N3 O2 1' 156.162 
HOH non-polymer         . WATER            ? 'H2 O'           18.015  
ILE 'L-peptide linking' y ISOLEUCINE       ? 'C6 H13 N O2'    131.173 
LEU 'L-peptide linking' y LEUCINE          ? 'C6 H13 N O2'    131.173 
LYS 'L-peptide linking' y LYSINE           ? 'C6 H15 N2 O2 1' 147.195 
MET 'L-peptide linking' y METHIONINE       ? 'C5 H11 N O2 S'  149.211 
MSE 'L-peptide linking' n SELENOMETHIONINE ? 'C5 H11 N O2 Se' 196.106 
NA  non-polymer         . 'SODIUM ION'     ? 'Na 1'           22.990  
PHE 'L-peptide linking' y PHENYLALANINE    ? 'C9 H11 N O2'    165.189 
PRO 'L-peptide linking' y PROLINE          ? 'C5 H9 N O2'     115.130 
SER 'L-peptide linking' y SERINE           ? 'C3 H7 N O3'     105.093 
THR 'L-peptide linking' y THREONINE        ? 'C4 H9 N O3'     119.119 
TRP 'L-peptide linking' y TRYPTOPHAN       ? 'C11 H12 N2 O2'  204.225 
TYR 'L-peptide linking' y TYROSINE         ? 'C9 H11 N O3'    181.189 
VAL 'L-peptide linking' y VALINE           ? 'C5 H11 N O2'    117.146 
# 
loop_
_pdbx_poly_seq_scheme.asym_id 
_pdbx_poly_seq_scheme.entity_id 
_pdbx_poly_seq_scheme.seq_id 
_pdbx_poly_seq_scheme.mon_id 
_pdbx_poly_seq_scheme.ndb_seq_num 
_pdbx_poly_seq_scheme.pdb_seq_num 
_pdbx_poly_seq_scheme.auth_seq_num 
_pdbx_poly_seq_scheme.pdb_mon_id 
_pdbx_poly_seq_scheme.auth_mon_id 
_pdbx_poly_seq_scheme.pdb_strand_id 
_pdbx_poly_seq_scheme.pdb_ins_code 
_pdbx_poly_seq_scheme.hetero 
A 1 1   SER 1   -2  ?   ?   ?   A . n 
A 1 2   ASN 2   -1  ?   ?   ?   A . n 
A 1 3   ALA 3   0   ?   ?   ?   A . n 
A 1 4   MSE 4   1   ?   ?   ?   A . n 
A 1 5   ALA 5   2   ?   ?   ?   A . n 
A 1 6   LYS 6   3   ?   ?   ?   A . n 
A 1 7   PHE 7   4   ?   ?   ?   A . n 
A 1 8   ASN 8   5   5   ASN ASN A . n 
A 1 9   VAL 9   6   6   VAL VAL A . n 
A 1 10  GLU 10  7   7   GLU GLU A . n 
A 1 11  ASN 11  8   8   ASN ASN A . n 
A 1 12  GLU 12  9   9   GLU GLU A . n 
A 1 13  HIS 13  10  10  HIS HIS A . n 
A 1 14  VAL 14  11  11  VAL VAL A . n 
A 1 15  GLU 15  12  12  GLU GLU A . n 
A 1 16  VAL 16  13  13  VAL VAL A . n 
A 1 17  GLU 17  14  14  GLU GLU A . n 
A 1 18  ILE 18  15  15  ILE ILE A . n 
A 1 19  GLU 19  16  16  GLU GLU A . n 
A 1 20  LYS 20  17  17  LYS LYS A . n 
A 1 21  LEU 21  18  18  LEU LEU A . n 
A 1 22  TYR 22  19  19  TYR TYR A . n 
A 1 23  LYS 23  20  20  LYS LYS A . n 
A 1 24  PHE 24  21  21  PHE PHE A . n 
A 1 25  SER 25  22  22  SER SER A . n 
A 1 26  PRO 26  23  23  PRO PRO A . n 
A 1 27  GLU 27  24  24  GLU GLU A . n 
A 1 28  LEU 28  25  25  LEU LEU A . n 
A 1 29  VAL 29  26  26  VAL VAL A . n 
A 1 30  TYR 30  27  27  TYR TYR A . n 
A 1 31  GLU 31  28  28  GLU GLU A . n 
A 1 32  ALA 32  29  29  ALA ALA A . n 
A 1 33  TRP 33  30  30  TRP TRP A . n 
A 1 34  THR 34  31  31  THR THR A . n 
A 1 35  LYS 35  32  32  LYS LYS A . n 
A 1 36  LYS 36  33  33  LYS LYS A . n 
A 1 37  ASP 37  34  34  ASP ASP A . n 
A 1 38  LEU 38  35  35  LEU LEU A . n 
A 1 39  LEU 39  36  36  LEU LEU A . n 
A 1 40  LYS 40  37  37  LYS LYS A . n 
A 1 41  GLN 41  38  38  GLN GLN A . n 
A 1 42  TRP 42  39  39  TRP TRP A . n 
A 1 43  PHE 43  40  40  PHE PHE A . n 
A 1 44  MSE 44  41  41  MSE MSE A . n 
A 1 45  THR 45  42  42  THR THR A . n 
A 1 46  SER 46  43  43  SER SER A . n 
A 1 47  ALA 47  44  44  ALA ALA A . n 
A 1 48  ARG 48  45  45  ARG ARG A . n 
A 1 49  THR 49  46  46  THR THR A . n 
A 1 50  ASN 50  47  47  ASN ASN A . n 
A 1 51  LYS 51  48  48  LYS LYS A . n 
A 1 52  GLU 52  49  49  GLU GLU A . n 
A 1 53  ILE 53  50  50  ILE ILE A . n 
A 1 54  GLU 54  51  51  GLU GLU A . n 
A 1 55  ALA 55  52  52  ALA ALA A . n 
A 1 56  ASP 56  53  53  ASP ASP A . n 
A 1 57  VAL 57  54  54  VAL VAL A . n 
A 1 58  LYS 58  55  55  LYS LYS A . n 
A 1 59  GLU 59  56  56  GLU GLU A . n 
A 1 60  GLY 60  57  57  GLY GLY A . n 
A 1 61  GLY 61  58  58  GLY GLY A . n 
A 1 62  LYS 62  59  59  LYS LYS A . n 
A 1 63  TYR 63  60  60  TYR TYR A . n 
A 1 64  ARG 64  61  61  ARG ARG A . n 
A 1 65  ILE 65  62  62  ILE ILE A . n 
A 1 66  VAL 66  63  63  VAL VAL A . n 
A 1 67  ASP 67  64  64  ASP ASP A . n 
A 1 68  GLN 68  65  65  GLN GLN A . n 
A 1 69  GLN 69  66  66  GLN GLN A . n 
A 1 70  ARG 70  67  67  ARG ARG A . n 
A 1 71  ASN 71  68  68  ASN ASN A . n 
A 1 72  GLY 72  69  69  GLY GLY A . n 
A 1 73  LYS 73  70  70  LYS LYS A . n 
A 1 74  VAL 74  71  71  VAL VAL A . n 
A 1 75  ASN 75  72  72  ASN ASN A . n 
A 1 76  VAL 76  73  73  VAL VAL A . n 
A 1 77  ILE 77  74  74  ILE ILE A . n 
A 1 78  GLU 78  75  75  GLU GLU A . n 
A 1 79  GLY 79  76  76  GLY GLY A . n 
A 1 80  ILE 80  77  77  ILE ILE A . n 
A 1 81  TYR 81  78  78  TYR TYR A . n 
A 1 82  GLU 82  79  79  GLU GLU A . n 
A 1 83  SER 83  80  80  SER SER A . n 
A 1 84  LEU 84  81  81  LEU LEU A . n 
A 1 85  VAL 85  82  82  VAL VAL A . n 
A 1 86  MSE 86  83  83  MSE MSE A . n 
A 1 87  ASP 87  84  84  ASP ASP A . n 
A 1 88  GLU 88  85  85  GLU GLU A . n 
A 1 89  TYR 89  86  86  TYR TYR A . n 
A 1 90  VAL 90  87  87  VAL VAL A . n 
A 1 91  LYS 91  88  88  LYS LYS A . n 
A 1 92  MSE 92  89  89  MSE MSE A . n 
A 1 93  THR 93  90  90  THR THR A . n 
A 1 94  ILE 94  91  91  ILE ILE A . n 
A 1 95  GLY 95  92  92  GLY GLY A . n 
A 1 96  MSE 96  93  93  MSE MSE A . n 
A 1 97  PRO 97  94  94  PRO PRO A . n 
A 1 98  GLY 98  95  ?   ?   ?   A . n 
A 1 99  LEU 99  96  ?   ?   ?   A . n 
A 1 100 SER 100 97  97  SER SER A . n 
A 1 101 GLU 101 98  98  GLU GLU A . n 
A 1 102 THR 102 99  99  THR THR A . n 
A 1 103 GLN 103 100 100 GLN GLN A . n 
A 1 104 ASP 104 101 101 ASP ASP A . n 
A 1 105 VAL 105 102 102 VAL VAL A . n 
A 1 106 ILE 106 103 103 ILE ILE A . n 
A 1 107 GLU 107 104 104 GLU GLU A . n 
A 1 108 VAL 108 105 105 VAL VAL A . n 
A 1 109 GLU 109 106 106 GLU GLU A . n 
A 1 110 PHE 110 107 107 PHE PHE A . n 
A 1 111 PHE 111 108 108 PHE PHE A . n 
A 1 112 GLU 112 109 109 GLU GLU A . n 
A 1 113 ARG 113 110 110 ARG ARG A . n 
A 1 114 GLU 114 111 111 GLU GLU A . n 
A 1 115 THR 115 112 112 THR THR A . n 
A 1 116 GLY 116 113 113 GLY GLY A . n 
A 1 117 GLY 117 114 114 GLY GLY A . n 
A 1 118 THR 118 115 115 THR THR A . n 
A 1 119 GLN 119 116 116 GLN GLN A . n 
A 1 120 MSE 120 117 117 MSE MSE A . n 
A 1 121 LEU 121 118 118 LEU LEU A . n 
A 1 122 PHE 122 119 119 PHE PHE A . n 
A 1 123 TYR 123 120 120 TYR TYR A . n 
A 1 124 TYR 124 121 121 TYR TYR A . n 
A 1 125 ARG 125 122 122 ARG ARG A . n 
A 1 126 SER 126 123 123 SER SER A . n 
A 1 127 LEU 127 124 124 LEU LEU A . n 
A 1 128 VAL 128 125 125 VAL VAL A . n 
A 1 129 GLU 129 126 126 GLU GLU A . n 
A 1 130 LYS 130 127 127 LYS LYS A . n 
A 1 131 GLU 131 128 128 GLU GLU A . n 
A 1 132 ARG 132 129 129 ARG ARG A . n 
A 1 133 ARG 133 130 130 ARG ARG A . n 
A 1 134 PHE 134 131 131 PHE PHE A . n 
A 1 135 THR 135 132 132 THR THR A . n 
A 1 136 ASN 136 133 133 ASN ASN A . n 
A 1 137 LEU 137 134 134 LEU LEU A . n 
A 1 138 GLU 138 135 135 GLU GLU A . n 
A 1 139 TYR 139 136 136 TYR TYR A . n 
A 1 140 LYS 140 137 137 LYS LYS A . n 
A 1 141 GLN 141 138 138 GLN GLN A . n 
A 1 142 LYS 142 139 139 LYS LYS A . n 
A 1 143 LYS 143 140 140 LYS LYS A . n 
A 1 144 LYS 144 141 141 LYS LYS A . n 
A 1 145 GLU 145 142 142 GLU GLU A . n 
A 1 146 TYR 146 143 143 TYR TYR A . n 
A 1 147 HIS 147 144 144 HIS HIS A . n 
A 1 148 ASP 148 145 145 ASP ASP A . n 
A 1 149 ALA 149 146 146 ALA ALA A . n 
A 1 150 MSE 150 147 147 MSE MSE A . n 
A 1 151 VAL 151 148 148 VAL VAL A . n 
A 1 152 HIS 152 149 149 HIS HIS A . n 
A 1 153 GLY 153 150 150 GLY GLY A . n 
A 1 154 PHE 154 151 151 PHE PHE A . n 
A 1 155 GLU 155 152 152 GLU GLU A . n 
A 1 156 LEU 156 153 153 LEU LEU A . n 
A 1 157 MSE 157 154 154 MSE MSE A . n 
A 1 158 PHE 158 155 155 PHE PHE A . n 
A 1 159 ASP 159 156 156 ASP ASP A . n 
A 1 160 LYS 160 157 157 LYS LYS A . n 
A 1 161 MSE 161 158 158 MSE MSE A . n 
A 1 162 TYR 162 159 159 TYR TYR A . n 
A 1 163 HIS 163 160 160 HIS HIS A . n 
A 1 164 VAL 164 161 161 VAL VAL A . n 
A 1 165 ILE 165 162 162 ILE ILE A . n 
A 1 166 GLU 166 163 163 GLU GLU A . n 
A 1 167 THR 167 164 164 THR THR A . n 
A 1 168 SER 168 165 165 SER SER A . n 
A 1 169 THR 169 166 166 THR THR A . n 
A 1 170 GLN 170 167 167 GLN GLN A . n 
A 1 171 GLN 171 168 168 GLN GLN A . n 
# 
loop_
_pdbx_nonpoly_scheme.asym_id 
_pdbx_nonpoly_scheme.entity_id 
_pdbx_nonpoly_scheme.mon_id 
_pdbx_nonpoly_scheme.ndb_seq_num 
_pdbx_nonpoly_scheme.pdb_seq_num 
_pdbx_nonpoly_scheme.auth_seq_num 
_pdbx_nonpoly_scheme.pdb_mon_id 
_pdbx_nonpoly_scheme.auth_mon_id 
_pdbx_nonpoly_scheme.pdb_strand_id 
_pdbx_nonpoly_scheme.pdb_ins_code 
B 2 NA  1  201 201 NA  NA  A . 
C 3 HOH 1  202 1   HOH HOH A . 
C 3 HOH 2  203 2   HOH HOH A . 
C 3 HOH 3  204 3   HOH HOH A . 
C 3 HOH 4  205 4   HOH HOH A . 
C 3 HOH 5  206 5   HOH HOH A . 
C 3 HOH 6  207 6   HOH HOH A . 
C 3 HOH 7  208 7   HOH HOH A . 
C 3 HOH 8  209 8   HOH HOH A . 
C 3 HOH 9  210 9   HOH HOH A . 
C 3 HOH 10 211 10  HOH HOH A . 
C 3 HOH 11 212 11  HOH HOH A . 
C 3 HOH 12 213 12  HOH HOH A . 
C 3 HOH 13 214 13  HOH HOH A . 
C 3 HOH 14 215 14  HOH HOH A . 
C 3 HOH 15 216 15  HOH HOH A . 
C 3 HOH 16 217 16  HOH HOH A . 
C 3 HOH 17 218 17  HOH HOH A . 
C 3 HOH 18 219 18  HOH HOH A . 
C 3 HOH 19 220 19  HOH HOH A . 
C 3 HOH 20 221 20  HOH HOH A . 
C 3 HOH 21 222 21  HOH HOH A . 
C 3 HOH 22 223 22  HOH HOH A . 
C 3 HOH 23 224 23  HOH HOH A . 
C 3 HOH 24 225 24  HOH HOH A . 
C 3 HOH 25 226 25  HOH HOH A . 
C 3 HOH 26 227 26  HOH HOH A . 
C 3 HOH 27 228 27  HOH HOH A . 
C 3 HOH 28 229 28  HOH HOH A . 
C 3 HOH 29 230 29  HOH HOH A . 
C 3 HOH 30 231 30  HOH HOH A . 
C 3 HOH 31 232 31  HOH HOH A . 
C 3 HOH 32 233 32  HOH HOH A . 
C 3 HOH 33 234 33  HOH HOH A . 
C 3 HOH 34 235 34  HOH HOH A . 
C 3 HOH 35 236 35  HOH HOH A . 
C 3 HOH 36 237 37  HOH HOH A . 
C 3 HOH 37 238 38  HOH HOH A . 
C 3 HOH 38 239 39  HOH HOH A . 
C 3 HOH 39 240 40  HOH HOH A . 
C 3 HOH 40 241 41  HOH HOH A . 
C 3 HOH 41 242 42  HOH HOH A . 
C 3 HOH 42 243 43  HOH HOH A . 
C 3 HOH 43 244 44  HOH HOH A . 
C 3 HOH 44 245 45  HOH HOH A . 
C 3 HOH 45 246 46  HOH HOH A . 
C 3 HOH 46 247 47  HOH HOH A . 
C 3 HOH 47 248 48  HOH HOH A . 
C 3 HOH 48 249 49  HOH HOH A . 
C 3 HOH 49 250 50  HOH HOH A . 
C 3 HOH 50 251 51  HOH HOH A . 
C 3 HOH 51 252 52  HOH HOH A . 
C 3 HOH 52 253 53  HOH HOH A . 
C 3 HOH 53 254 54  HOH HOH A . 
C 3 HOH 54 255 55  HOH HOH A . 
C 3 HOH 55 256 56  HOH HOH A . 
C 3 HOH 56 257 57  HOH HOH A . 
C 3 HOH 57 258 58  HOH HOH A . 
C 3 HOH 58 259 59  HOH HOH A . 
C 3 HOH 59 260 60  HOH HOH A . 
C 3 HOH 60 261 61  HOH HOH A . 
C 3 HOH 61 262 62  HOH HOH A . 
C 3 HOH 62 263 63  HOH HOH A . 
C 3 HOH 63 264 64  HOH HOH A . 
C 3 HOH 64 265 65  HOH HOH A . 
C 3 HOH 65 266 66  HOH HOH A . 
C 3 HOH 66 267 67  HOH HOH A . 
C 3 HOH 67 268 68  HOH HOH A . 
C 3 HOH 68 269 69  HOH HOH A . 
C 3 HOH 69 270 71  HOH HOH A . 
C 3 HOH 70 271 72  HOH HOH A . 
C 3 HOH 71 272 73  HOH HOH A . 
C 3 HOH 72 273 74  HOH HOH A . 
C 3 HOH 73 274 75  HOH HOH A . 
C 3 HOH 74 275 76  HOH HOH A . 
C 3 HOH 75 276 77  HOH HOH A . 
C 3 HOH 76 277 78  HOH HOH A . 
C 3 HOH 77 278 79  HOH HOH A . 
C 3 HOH 78 279 80  HOH HOH A . 
C 3 HOH 79 280 81  HOH HOH A . 
C 3 HOH 80 281 82  HOH HOH A . 
C 3 HOH 81 282 83  HOH HOH A . 
C 3 HOH 82 283 84  HOH HOH A . 
# 
loop_
_software.name 
_software.classification 
_software.version 
_software.citation_id 
_software.pdbx_ordinal 
REFMAC      refinement        5.2.0019 ? 1 
SBC-Collect 'data collection' .        ? 2 
HKL-2000    'data reduction'  .        ? 3 
HKL-2000    'data scaling'    .        ? 4 
SHELXD      phasing           .        ? 5 
CNS         phasing           .        ? 6 
ARP/wARP    'model building'  .        ? 7 
# 
_cell.entry_id           2IL5 
_cell.length_a           107.588 
_cell.length_b           107.588 
_cell.length_c           39.105 
_cell.angle_alpha        90.00 
_cell.angle_beta         90.00 
_cell.angle_gamma        120.00 
_cell.Z_PDB              6 
_cell.pdbx_unique_axis   ? 
_cell.length_a_esd       ? 
_cell.length_b_esd       ? 
_cell.length_c_esd       ? 
_cell.angle_alpha_esd    ? 
_cell.angle_beta_esd     ? 
_cell.angle_gamma_esd    ? 
# 
_symmetry.entry_id                         2IL5 
_symmetry.space_group_name_H-M             'P 62' 
_symmetry.pdbx_full_space_group_name_H-M   ? 
_symmetry.cell_setting                     ? 
_symmetry.Int_Tables_number                171 
_symmetry.space_group_name_Hall            ? 
# 
_exptl.entry_id          2IL5 
_exptl.method            'X-RAY DIFFRACTION' 
_exptl.crystals_number   1 
# 
_exptl_crystal.id                    1 
_exptl_crystal.density_meas          ? 
_exptl_crystal.density_Matthews      3.14 
_exptl_crystal.density_percent_sol   60.83 
_exptl_crystal.description           ? 
_exptl_crystal.F_000                 ? 
_exptl_crystal.preparation           ? 
# 
_exptl_crystal_grow.crystal_id      1 
_exptl_crystal_grow.method          'VAPOR DIFFUSION, SITTING DROP' 
_exptl_crystal_grow.temp            294 
_exptl_crystal_grow.temp_details    ? 
_exptl_crystal_grow.pH              7.5 
_exptl_crystal_grow.pdbx_details    
'0.2 M Proline, 0.1 M HEPES buffer, 10% PEG3350, pH 7.5, VAPOR DIFFUSION, SITTING DROP, temperature 294K' 
_exptl_crystal_grow.pdbx_pH_range   . 
# 
_diffrn.id                     1 
_diffrn.ambient_temp           100 
_diffrn.ambient_temp_details   ? 
_diffrn.crystal_id             1 
# 
_diffrn_detector.diffrn_id              1 
_diffrn_detector.detector               CCD 
_diffrn_detector.type                   SBC 
_diffrn_detector.pdbx_collection_date   2005-06-13 
_diffrn_detector.details                ? 
# 
_diffrn_radiation.diffrn_id                        1 
_diffrn_radiation.wavelength_id                    1 
_diffrn_radiation.pdbx_monochromatic_or_laue_m_l   M 
_diffrn_radiation.monochromator                    'double crystal monochromator' 
_diffrn_radiation.pdbx_diffrn_protocol             'SINGLE WAVELENGTH' 
_diffrn_radiation.pdbx_scattering_type             x-ray 
# 
_diffrn_radiation_wavelength.id           1 
_diffrn_radiation_wavelength.wavelength   0.97910 
_diffrn_radiation_wavelength.wt           1.0 
# 
_diffrn_source.diffrn_id                   1 
_diffrn_source.source                      SYNCHROTRON 
_diffrn_source.type                        'APS BEAMLINE 19-BM' 
_diffrn_source.pdbx_synchrotron_site       APS 
_diffrn_source.pdbx_synchrotron_beamline   19-BM 
_diffrn_source.pdbx_wavelength             ? 
_diffrn_source.pdbx_wavelength_list        0.97910 
# 
_reflns.entry_id                     2IL5 
_reflns.observed_criterion_sigma_F   0 
_reflns.observed_criterion_sigma_I   0 
_reflns.d_resolution_high            2.30 
_reflns.d_resolution_low             35.2 
_reflns.number_all                   11546 
_reflns.number_obs                   11546 
_reflns.percent_possible_obs         98.4 
_reflns.pdbx_Rmerge_I_obs            0.102 
_reflns.pdbx_Rsym_value              ? 
_reflns.pdbx_netI_over_sigmaI        49.2 
_reflns.B_iso_Wilson_estimate        63.5 
_reflns.pdbx_redundancy              20.4 
_reflns.R_free_details               ? 
_reflns.limit_h_max                  ? 
_reflns.limit_h_min                  ? 
_reflns.limit_k_max                  ? 
_reflns.limit_k_min                  ? 
_reflns.limit_l_max                  ? 
_reflns.limit_l_min                  ? 
_reflns.observed_criterion_F_max     ? 
_reflns.observed_criterion_F_min     ? 
_reflns.pdbx_chi_squared             ? 
_reflns.pdbx_scaling_rejects         ? 
_reflns.pdbx_ordinal                 1 
_reflns.pdbx_diffrn_id               1 
# 
_reflns_shell.d_res_high             2.30 
_reflns_shell.d_res_low              2.38 
_reflns_shell.percent_possible_all   88.4 
_reflns_shell.Rmerge_I_obs           0.797 
_reflns_shell.pdbx_Rsym_value        ? 
_reflns_shell.meanI_over_sigI_obs    3.0 
_reflns_shell.pdbx_redundancy        14.5 
_reflns_shell.percent_possible_obs   ? 
_reflns_shell.number_unique_all      1010 
_reflns_shell.number_measured_all    ? 
_reflns_shell.number_measured_obs    ? 
_reflns_shell.number_unique_obs      ? 
_reflns_shell.pdbx_chi_squared       ? 
_reflns_shell.pdbx_ordinal           1 
_reflns_shell.pdbx_diffrn_id         1 
# 
_refine.entry_id                                 2IL5 
_refine.ls_number_reflns_obs                     11531 
_refine.ls_number_reflns_all                     11531 
_refine.pdbx_ls_sigma_I                          0 
_refine.pdbx_ls_sigma_F                          0 
_refine.pdbx_data_cutoff_high_absF               ? 
_refine.pdbx_data_cutoff_low_absF                ? 
_refine.pdbx_data_cutoff_high_rms_absF           ? 
_refine.ls_d_res_low                             35.2 
_refine.ls_d_res_high                            2.30 
_refine.ls_percent_reflns_obs                    98.40 
_refine.ls_R_factor_obs                          0.2057 
_refine.ls_R_factor_all                          0.2057 
_refine.ls_R_factor_R_work                       0.2015 
_refine.ls_R_factor_R_free                       0.2452 
_refine.ls_R_factor_R_free_error                 ? 
_refine.ls_R_factor_R_free_error_details         ? 
_refine.ls_percent_reflns_R_free                 9.7 
_refine.ls_number_reflns_R_free                  1121 
_refine.ls_number_parameters                     ? 
_refine.ls_number_restraints                     ? 
_refine.occupancy_min                            ? 
_refine.occupancy_max                            ? 
_refine.correlation_coeff_Fo_to_Fc               0.950 
_refine.correlation_coeff_Fo_to_Fc_free          0.933 
_refine.B_iso_mean                               49.987 
_refine.aniso_B[1][1]                            -1.50 
_refine.aniso_B[2][2]                            -1.50 
_refine.aniso_B[3][3]                            2.25 
_refine.aniso_B[1][2]                            -0.75 
_refine.aniso_B[1][3]                            0.00 
_refine.aniso_B[2][3]                            0.00 
_refine.solvent_model_details                    MASK 
_refine.solvent_model_param_ksol                 ? 
_refine.solvent_model_param_bsol                 ? 
_refine.pdbx_solvent_vdw_probe_radii             1.40 
_refine.pdbx_solvent_ion_probe_radii             0.80 
_refine.pdbx_solvent_shrinkage_radii             0.80 
_refine.pdbx_ls_cross_valid_method               THROUGHOUT 
_refine.details                                  'HYDROGENS HAVE BEEN ADDED IN THE RIDING POSITIONS' 
_refine.pdbx_starting_model                      ? 
_refine.pdbx_method_to_determine_struct          SAD 
_refine.pdbx_isotropic_thermal_model             ? 
_refine.pdbx_stereochemistry_target_values       'MAXIMUM LIKELIHOOD' 
_refine.pdbx_stereochem_target_val_spec_case     ? 
_refine.pdbx_R_Free_selection_details            RANDOM 
_refine.pdbx_overall_ESU_R                       0.272 
_refine.pdbx_overall_ESU_R_Free                  0.219 
_refine.overall_SU_ML                            0.151 
_refine.overall_SU_B                             11.877 
_refine.ls_redundancy_reflns_obs                 ? 
_refine.B_iso_min                                ? 
_refine.B_iso_max                                ? 
_refine.overall_SU_R_Cruickshank_DPI             ? 
_refine.overall_SU_R_free                        ? 
_refine.ls_wR_factor_R_free                      ? 
_refine.ls_wR_factor_R_work                      ? 
_refine.overall_FOM_free_R_set                   ? 
_refine.overall_FOM_work_R_set                   ? 
_refine.pdbx_refine_id                           'X-RAY DIFFRACTION' 
_refine.pdbx_TLS_residual_ADP_flag               'LIKELY RESIDUAL' 
_refine.pdbx_diffrn_id                           1 
_refine.pdbx_overall_phase_error                 ? 
_refine.pdbx_overall_SU_R_free_Cruickshank_DPI   ? 
_refine.pdbx_overall_SU_R_Blow_DPI               ? 
_refine.pdbx_overall_SU_R_free_Blow_DPI          ? 
# 
_refine_hist.pdbx_refine_id                   'X-RAY DIFFRACTION' 
_refine_hist.cycle_id                         LAST 
_refine_hist.pdbx_number_atoms_protein        1367 
_refine_hist.pdbx_number_atoms_nucleic_acid   0 
_refine_hist.pdbx_number_atoms_ligand         1 
_refine_hist.number_atoms_solvent             82 
_refine_hist.number_atoms_total               1450 
_refine_hist.d_res_high                       2.30 
_refine_hist.d_res_low                        35.2 
# 
loop_
_refine_ls_restr.type 
_refine_ls_restr.dev_ideal 
_refine_ls_restr.dev_ideal_target 
_refine_ls_restr.weight 
_refine_ls_restr.number 
_refine_ls_restr.pdbx_refine_id 
_refine_ls_restr.pdbx_restraint_function 
r_bond_refined_d             0.017  0.022  ? 1399 'X-RAY DIFFRACTION' ? 
r_bond_other_d               ?      ?      ? ?    'X-RAY DIFFRACTION' ? 
r_angle_refined_deg          1.664  1.949  ? 1878 'X-RAY DIFFRACTION' ? 
r_angle_other_deg            ?      ?      ? ?    'X-RAY DIFFRACTION' ? 
r_dihedral_angle_1_deg       8.558  5.000  ? 162  'X-RAY DIFFRACTION' ? 
r_dihedral_angle_2_deg       38.033 25.065 ? 77   'X-RAY DIFFRACTION' ? 
r_dihedral_angle_3_deg       18.581 15.000 ? 276  'X-RAY DIFFRACTION' ? 
r_dihedral_angle_4_deg       15.659 15.000 ? 7    'X-RAY DIFFRACTION' ? 
r_chiral_restr               0.142  0.200  ? 197  'X-RAY DIFFRACTION' ? 
r_gen_planes_refined         0.007  0.020  ? 1055 'X-RAY DIFFRACTION' ? 
r_gen_planes_other           ?      ?      ? ?    'X-RAY DIFFRACTION' ? 
r_nbd_refined                0.219  0.200  ? 560  'X-RAY DIFFRACTION' ? 
r_nbd_other                  ?      ?      ? ?    'X-RAY DIFFRACTION' ? 
r_nbtor_refined              0.311  0.200  ? 911  'X-RAY DIFFRACTION' ? 
r_nbtor_other                ?      ?      ? ?    'X-RAY DIFFRACTION' ? 
r_xyhbond_nbd_refined        0.162  0.200  ? 89   'X-RAY DIFFRACTION' ? 
r_xyhbond_nbd_other          ?      ?      ? ?    'X-RAY DIFFRACTION' ? 
r_metal_ion_refined          ?      ?      ? ?    'X-RAY DIFFRACTION' ? 
r_metal_ion_other            ?      ?      ? ?    'X-RAY DIFFRACTION' ? 
r_symmetry_vdw_refined       0.245  0.200  ? 26   'X-RAY DIFFRACTION' ? 
r_symmetry_vdw_other         ?      ?      ? ?    'X-RAY DIFFRACTION' ? 
r_symmetry_hbond_refined     0.188  0.200  ? 10   'X-RAY DIFFRACTION' ? 
r_symmetry_hbond_other       ?      ?      ? ?    'X-RAY DIFFRACTION' ? 
r_symmetry_metal_ion_refined ?      ?      ? ?    'X-RAY DIFFRACTION' ? 
r_symmetry_metal_ion_other   ?      ?      ? ?    'X-RAY DIFFRACTION' ? 
r_mcbond_it                  0.951  1.500  ? 806  'X-RAY DIFFRACTION' ? 
r_mcbond_other               ?      ?      ? ?    'X-RAY DIFFRACTION' ? 
r_mcangle_it                 1.792  2.000  ? 1309 'X-RAY DIFFRACTION' ? 
r_scbond_it                  2.699  3.000  ? 613  'X-RAY DIFFRACTION' ? 
r_scangle_it                 4.162  4.500  ? 568  'X-RAY DIFFRACTION' ? 
r_rigid_bond_restr           ?      ?      ? ?    'X-RAY DIFFRACTION' ? 
r_sphericity_free            ?      ?      ? ?    'X-RAY DIFFRACTION' ? 
r_sphericity_bonded          ?      ?      ? ?    'X-RAY DIFFRACTION' ? 
# 
_refine_ls_shell.pdbx_total_number_of_bins_used   20 
_refine_ls_shell.d_res_high                       2.300 
_refine_ls_shell.d_res_low                        2.360 
_refine_ls_shell.number_reflns_R_work             648 
_refine_ls_shell.R_factor_R_work                  0.263 
_refine_ls_shell.percent_reflns_obs               84.71 
_refine_ls_shell.R_factor_R_free                  0.349 
_refine_ls_shell.R_factor_R_free_error            ? 
_refine_ls_shell.percent_reflns_R_free            ? 
_refine_ls_shell.number_reflns_R_free             50 
_refine_ls_shell.number_reflns_all                ? 
_refine_ls_shell.R_factor_all                     ? 
_refine_ls_shell.number_reflns_obs                680 
_refine_ls_shell.redundancy_reflns_obs            ? 
_refine_ls_shell.pdbx_refine_id                   'X-RAY DIFFRACTION' 
# 
_struct.entry_id                  2IL5 
_struct.title                     'Structure of Protein of Unknown Function SA2116 from Staphylococcus aureus' 
_struct.pdbx_model_details        ? 
_struct.pdbx_CASP_flag            ? 
_struct.pdbx_model_type_details   ? 
# 
_struct_keywords.entry_id        2IL5 
_struct_keywords.pdbx_keywords   'STRUCTURAL GENOMICS, UNKNOWN FUNCTION' 
_struct_keywords.text            
;structural genomics, APC23650, hypothetical protein, PSI-2, Protein Structure Initiative, Midwest Center for Structural Genomics, MCSG, UNKNOWN FUNCTION
;
# 
loop_
_struct_asym.id 
_struct_asym.pdbx_blank_PDB_chainid_flag 
_struct_asym.pdbx_modified 
_struct_asym.entity_id 
_struct_asym.details 
A N N 1 ? 
B N N 2 ? 
C N N 3 ? 
# 
_struct_ref.id                         1 
_struct_ref.db_name                    UNP 
_struct_ref.db_code                    Q2FEH1_STAA3 
_struct_ref.pdbx_db_accession          Q2FEH1 
_struct_ref.entity_id                  1 
_struct_ref.pdbx_seq_one_letter_code   
;MAKFNVENEHVEVEIEKLYKFSPELVYEAWTKKDLLKQWFMTSARTNKEIEADVKEGGKYRIVDQQRNGKVNVIEGIYES
LVMDEYVKMTIGMPGLSETQDVIEVEFFERETGGTQMLFYYRSLVEKERRFTNLEYKQKKKEYHDAMVHGFELMFDKMYH
VIETSTQQ
;
_struct_ref.pdbx_align_begin           1 
_struct_ref.pdbx_db_isoform            ? 
# 
_struct_ref_seq.align_id                      1 
_struct_ref_seq.ref_id                        1 
_struct_ref_seq.pdbx_PDB_id_code              2IL5 
_struct_ref_seq.pdbx_strand_id                A 
_struct_ref_seq.seq_align_beg                 4 
_struct_ref_seq.pdbx_seq_align_beg_ins_code   ? 
_struct_ref_seq.seq_align_end                 171 
_struct_ref_seq.pdbx_seq_align_end_ins_code   ? 
_struct_ref_seq.pdbx_db_accession             Q2FEH1 
_struct_ref_seq.db_align_beg                  1 
_struct_ref_seq.pdbx_db_align_beg_ins_code    ? 
_struct_ref_seq.db_align_end                  168 
_struct_ref_seq.pdbx_db_align_end_ins_code    ? 
_struct_ref_seq.pdbx_auth_seq_align_beg       1 
_struct_ref_seq.pdbx_auth_seq_align_end       168 
# 
loop_
_struct_ref_seq_dif.align_id 
_struct_ref_seq_dif.pdbx_pdb_id_code 
_struct_ref_seq_dif.mon_id 
_struct_ref_seq_dif.pdbx_pdb_strand_id 
_struct_ref_seq_dif.seq_num 
_struct_ref_seq_dif.pdbx_pdb_ins_code 
_struct_ref_seq_dif.pdbx_seq_db_name 
_struct_ref_seq_dif.pdbx_seq_db_accession_code 
_struct_ref_seq_dif.db_mon_id 
_struct_ref_seq_dif.pdbx_seq_db_seq_num 
_struct_ref_seq_dif.details 
_struct_ref_seq_dif.pdbx_auth_seq_num 
_struct_ref_seq_dif.pdbx_ordinal 
1 2IL5 SER A 1   ? UNP Q2FEH1 ?   ?   'cloning artifact' -2  1  
1 2IL5 ASN A 2   ? UNP Q2FEH1 ?   ?   'cloning artifact' -1  2  
1 2IL5 ALA A 3   ? UNP Q2FEH1 ?   ?   'cloning artifact' 0   3  
1 2IL5 MSE A 4   ? UNP Q2FEH1 MET 1   'modified residue' 1   4  
1 2IL5 MSE A 44  ? UNP Q2FEH1 MET 41  'modified residue' 41  5  
1 2IL5 MSE A 86  ? UNP Q2FEH1 MET 83  'modified residue' 83  6  
1 2IL5 MSE A 92  ? UNP Q2FEH1 MET 89  'modified residue' 89  7  
1 2IL5 MSE A 96  ? UNP Q2FEH1 MET 93  'modified residue' 93  8  
1 2IL5 MSE A 120 ? UNP Q2FEH1 MET 117 'modified residue' 117 9  
1 2IL5 MSE A 150 ? UNP Q2FEH1 MET 147 'modified residue' 147 10 
1 2IL5 MSE A 157 ? UNP Q2FEH1 MET 154 'modified residue' 154 11 
1 2IL5 MSE A 161 ? UNP Q2FEH1 MET 158 'modified residue' 158 12 
# 
_pdbx_struct_assembly.id                   1 
_pdbx_struct_assembly.details              author_defined_assembly 
_pdbx_struct_assembly.method_details       ? 
_pdbx_struct_assembly.oligomeric_details   monomeric 
_pdbx_struct_assembly.oligomeric_count     1 
# 
_pdbx_struct_assembly_gen.assembly_id       1 
_pdbx_struct_assembly_gen.oper_expression   1 
_pdbx_struct_assembly_gen.asym_id_list      A,B,C 
# 
_pdbx_struct_oper_list.id                   1 
_pdbx_struct_oper_list.type                 'identity operation' 
_pdbx_struct_oper_list.name                 1_555 
_pdbx_struct_oper_list.symmetry_operation   x,y,z 
_pdbx_struct_oper_list.matrix[1][1]         1.0000000000 
_pdbx_struct_oper_list.matrix[1][2]         0.0000000000 
_pdbx_struct_oper_list.matrix[1][3]         0.0000000000 
_pdbx_struct_oper_list.vector[1]            0.0000000000 
_pdbx_struct_oper_list.matrix[2][1]         0.0000000000 
_pdbx_struct_oper_list.matrix[2][2]         1.0000000000 
_pdbx_struct_oper_list.matrix[2][3]         0.0000000000 
_pdbx_struct_oper_list.vector[2]            0.0000000000 
_pdbx_struct_oper_list.matrix[3][1]         0.0000000000 
_pdbx_struct_oper_list.matrix[3][2]         0.0000000000 
_pdbx_struct_oper_list.matrix[3][3]         1.0000000000 
_pdbx_struct_oper_list.vector[3]            0.0000000000 
# 
_struct_biol.id                    1 
_struct_biol.pdbx_parent_biol_id   ? 
_struct_biol.details               ? 
# 
loop_
_struct_conf.conf_type_id 
_struct_conf.id 
_struct_conf.pdbx_PDB_helix_id 
_struct_conf.beg_label_comp_id 
_struct_conf.beg_label_asym_id 
_struct_conf.beg_label_seq_id 
_struct_conf.pdbx_beg_PDB_ins_code 
_struct_conf.end_label_comp_id 
_struct_conf.end_label_asym_id 
_struct_conf.end_label_seq_id 
_struct_conf.pdbx_end_PDB_ins_code 
_struct_conf.beg_auth_comp_id 
_struct_conf.beg_auth_asym_id 
_struct_conf.beg_auth_seq_id 
_struct_conf.end_auth_comp_id 
_struct_conf.end_auth_asym_id 
_struct_conf.end_auth_seq_id 
_struct_conf.pdbx_PDB_helix_class 
_struct_conf.details 
_struct_conf.pdbx_PDB_helix_length 
HELX_P HELX_P1 1 SER A 25  ? TRP A 33  ? SER A 22  TRP A 30  1 ? 9  
HELX_P HELX_P2 2 LYS A 35  ? LYS A 40  ? LYS A 32  LYS A 37  1 ? 6  
HELX_P HELX_P3 3 ARG A 70  ? GLY A 72  ? ARG A 67  GLY A 69  5 ? 3  
HELX_P HELX_P4 4 THR A 135 ? THR A 167 ? THR A 132 THR A 164 1 ? 33 
# 
_struct_conf_type.id          HELX_P 
_struct_conf_type.criteria    ? 
_struct_conf_type.reference   ? 
# 
loop_
_struct_conn.id 
_struct_conn.conn_type_id 
_struct_conn.pdbx_leaving_atom_flag 
_struct_conn.pdbx_PDB_id 
_struct_conn.ptnr1_label_asym_id 
_struct_conn.ptnr1_label_comp_id 
_struct_conn.ptnr1_label_seq_id 
_struct_conn.ptnr1_label_atom_id 
_struct_conn.pdbx_ptnr1_label_alt_id 
_struct_conn.pdbx_ptnr1_PDB_ins_code 
_struct_conn.pdbx_ptnr1_standard_comp_id 
_struct_conn.ptnr1_symmetry 
_struct_conn.ptnr2_label_asym_id 
_struct_conn.ptnr2_label_comp_id 
_struct_conn.ptnr2_label_seq_id 
_struct_conn.ptnr2_label_atom_id 
_struct_conn.pdbx_ptnr2_label_alt_id 
_struct_conn.pdbx_ptnr2_PDB_ins_code 
_struct_conn.ptnr1_auth_asym_id 
_struct_conn.ptnr1_auth_comp_id 
_struct_conn.ptnr1_auth_seq_id 
_struct_conn.ptnr2_auth_asym_id 
_struct_conn.ptnr2_auth_comp_id 
_struct_conn.ptnr2_auth_seq_id 
_struct_conn.ptnr2_symmetry 
_struct_conn.pdbx_ptnr3_label_atom_id 
_struct_conn.pdbx_ptnr3_label_seq_id 
_struct_conn.pdbx_ptnr3_label_comp_id 
_struct_conn.pdbx_ptnr3_label_asym_id 
_struct_conn.pdbx_ptnr3_label_alt_id 
_struct_conn.pdbx_ptnr3_PDB_ins_code 
_struct_conn.details 
_struct_conn.pdbx_dist_value 
_struct_conn.pdbx_value_order 
_struct_conn.pdbx_role 
covale1  covale both ? A PHE 43  C ? ? ? 1_555 A MSE 44  N ? ? A PHE 40  A MSE 41  1_555 ? ? ? ? ? ? ? 1.337 ? ? 
covale2  covale both ? A MSE 44  C ? ? ? 1_555 A THR 45  N ? ? A MSE 41  A THR 42  1_555 ? ? ? ? ? ? ? 1.321 ? ? 
covale3  covale both ? A VAL 85  C ? ? ? 1_555 A MSE 86  N ? ? A VAL 82  A MSE 83  1_555 ? ? ? ? ? ? ? 1.336 ? ? 
covale4  covale both ? A MSE 86  C ? ? ? 1_555 A ASP 87  N ? ? A MSE 83  A ASP 84  1_555 ? ? ? ? ? ? ? 1.345 ? ? 
covale5  covale both ? A LYS 91  C ? ? ? 1_555 A MSE 92  N ? ? A LYS 88  A MSE 89  1_555 ? ? ? ? ? ? ? 1.327 ? ? 
covale6  covale both ? A MSE 92  C ? ? ? 1_555 A THR 93  N ? ? A MSE 89  A THR 90  1_555 ? ? ? ? ? ? ? 1.336 ? ? 
covale7  covale both ? A GLY 95  C ? ? ? 1_555 A MSE 96  N ? ? A GLY 92  A MSE 93  1_555 ? ? ? ? ? ? ? 1.318 ? ? 
covale8  covale both ? A MSE 96  C ? ? ? 1_555 A PRO 97  N ? ? A MSE 93  A PRO 94  1_555 ? ? ? ? ? ? ? 1.362 ? ? 
covale9  covale both ? A GLN 119 C ? ? ? 1_555 A MSE 120 N ? ? A GLN 116 A MSE 117 1_555 ? ? ? ? ? ? ? 1.327 ? ? 
covale10 covale both ? A MSE 120 C ? ? ? 1_555 A LEU 121 N ? ? A MSE 117 A LEU 118 1_555 ? ? ? ? ? ? ? 1.339 ? ? 
covale11 covale both ? A ALA 149 C ? ? ? 1_555 A MSE 150 N ? ? A ALA 146 A MSE 147 1_555 ? ? ? ? ? ? ? 1.326 ? ? 
covale12 covale both ? A MSE 150 C ? ? ? 1_555 A VAL 151 N ? ? A MSE 147 A VAL 148 1_555 ? ? ? ? ? ? ? 1.328 ? ? 
covale13 covale both ? A LEU 156 C ? ? ? 1_555 A MSE 157 N ? ? A LEU 153 A MSE 154 1_555 ? ? ? ? ? ? ? 1.336 ? ? 
covale14 covale both ? A MSE 157 C ? ? ? 1_555 A PHE 158 N ? ? A MSE 154 A PHE 155 1_555 ? ? ? ? ? ? ? 1.332 ? ? 
covale15 covale both ? A LYS 160 C ? ? ? 1_555 A MSE 161 N ? ? A LYS 157 A MSE 158 1_555 ? ? ? ? ? ? ? 1.324 ? ? 
covale16 covale both ? A MSE 161 C ? ? ? 1_555 A TYR 162 N ? ? A MSE 158 A TYR 159 1_555 ? ? ? ? ? ? ? 1.329 ? ? 
# 
_struct_conn_type.id          covale 
_struct_conn_type.criteria    ? 
_struct_conn_type.reference   ? 
# 
loop_
_pdbx_modification_feature.ordinal 
_pdbx_modification_feature.label_comp_id 
_pdbx_modification_feature.label_asym_id 
_pdbx_modification_feature.label_seq_id 
_pdbx_modification_feature.label_alt_id 
_pdbx_modification_feature.modified_residue_label_comp_id 
_pdbx_modification_feature.modified_residue_label_asym_id 
_pdbx_modification_feature.modified_residue_label_seq_id 
_pdbx_modification_feature.modified_residue_label_alt_id 
_pdbx_modification_feature.auth_comp_id 
_pdbx_modification_feature.auth_asym_id 
_pdbx_modification_feature.auth_seq_id 
_pdbx_modification_feature.PDB_ins_code 
_pdbx_modification_feature.symmetry 
_pdbx_modification_feature.modified_residue_auth_comp_id 
_pdbx_modification_feature.modified_residue_auth_asym_id 
_pdbx_modification_feature.modified_residue_auth_seq_id 
_pdbx_modification_feature.modified_residue_PDB_ins_code 
_pdbx_modification_feature.modified_residue_symmetry 
_pdbx_modification_feature.comp_id_linking_atom 
_pdbx_modification_feature.modified_residue_id_linking_atom 
_pdbx_modification_feature.modified_residue_id 
_pdbx_modification_feature.ref_pcm_id 
_pdbx_modification_feature.ref_comp_id 
_pdbx_modification_feature.type 
_pdbx_modification_feature.category 
1 MSE A 44  ? . . . . MSE A 41  ? 1_555 . . . . . . . MET 1 MSE Selenomethionine 'Named protein modification' 
2 MSE A 86  ? . . . . MSE A 83  ? 1_555 . . . . . . . MET 1 MSE Selenomethionine 'Named protein modification' 
3 MSE A 92  ? . . . . MSE A 89  ? 1_555 . . . . . . . MET 1 MSE Selenomethionine 'Named protein modification' 
4 MSE A 96  ? . . . . MSE A 93  ? 1_555 . . . . . . . MET 1 MSE Selenomethionine 'Named protein modification' 
5 MSE A 120 ? . . . . MSE A 117 ? 1_555 . . . . . . . MET 1 MSE Selenomethionine 'Named protein modification' 
6 MSE A 150 ? . . . . MSE A 147 ? 1_555 . . . . . . . MET 1 MSE Selenomethionine 'Named protein modification' 
7 MSE A 157 ? . . . . MSE A 154 ? 1_555 . . . . . . . MET 1 MSE Selenomethionine 'Named protein modification' 
8 MSE A 161 ? . . . . MSE A 158 ? 1_555 . . . . . . . MET 1 MSE Selenomethionine 'Named protein modification' 
# 
_struct_sheet.id               A 
_struct_sheet.type             ? 
_struct_sheet.number_strands   7 
_struct_sheet.details          ? 
# 
loop_
_struct_sheet_order.sheet_id 
_struct_sheet_order.range_id_1 
_struct_sheet_order.range_id_2 
_struct_sheet_order.offset 
_struct_sheet_order.sense 
A 1 2 ? anti-parallel 
A 2 3 ? anti-parallel 
A 3 4 ? anti-parallel 
A 4 5 ? anti-parallel 
A 5 6 ? anti-parallel 
A 6 7 ? anti-parallel 
# 
loop_
_struct_sheet_range.sheet_id 
_struct_sheet_range.id 
_struct_sheet_range.beg_label_comp_id 
_struct_sheet_range.beg_label_asym_id 
_struct_sheet_range.beg_label_seq_id 
_struct_sheet_range.pdbx_beg_PDB_ins_code 
_struct_sheet_range.end_label_comp_id 
_struct_sheet_range.end_label_asym_id 
_struct_sheet_range.end_label_seq_id 
_struct_sheet_range.pdbx_end_PDB_ins_code 
_struct_sheet_range.beg_auth_comp_id 
_struct_sheet_range.beg_auth_asym_id 
_struct_sheet_range.beg_auth_seq_id 
_struct_sheet_range.end_auth_comp_id 
_struct_sheet_range.end_auth_asym_id 
_struct_sheet_range.end_auth_seq_id 
A 1 GLU A 12  ? TYR A 22  ? GLU A 9   TYR A 19  
A 2 THR A 118 ? VAL A 128 ? THR A 115 VAL A 125 
A 3 ASP A 104 ? GLU A 112 ? ASP A 101 GLU A 109 
A 4 TYR A 89  ? ILE A 94  ? TYR A 86  ILE A 91  
A 5 VAL A 74  ? VAL A 85  ? VAL A 71  VAL A 82  
A 6 LYS A 62  ? GLN A 68  ? LYS A 59  GLN A 65  
A 7 ASN A 50  ? ALA A 55  ? ASN A 47  ALA A 52  
# 
loop_
_pdbx_struct_sheet_hbond.sheet_id 
_pdbx_struct_sheet_hbond.range_id_1 
_pdbx_struct_sheet_hbond.range_id_2 
_pdbx_struct_sheet_hbond.range_1_label_atom_id 
_pdbx_struct_sheet_hbond.range_1_label_comp_id 
_pdbx_struct_sheet_hbond.range_1_label_asym_id 
_pdbx_struct_sheet_hbond.range_1_label_seq_id 
_pdbx_struct_sheet_hbond.range_1_PDB_ins_code 
_pdbx_struct_sheet_hbond.range_1_auth_atom_id 
_pdbx_struct_sheet_hbond.range_1_auth_comp_id 
_pdbx_struct_sheet_hbond.range_1_auth_asym_id 
_pdbx_struct_sheet_hbond.range_1_auth_seq_id 
_pdbx_struct_sheet_hbond.range_2_label_atom_id 
_pdbx_struct_sheet_hbond.range_2_label_comp_id 
_pdbx_struct_sheet_hbond.range_2_label_asym_id 
_pdbx_struct_sheet_hbond.range_2_label_seq_id 
_pdbx_struct_sheet_hbond.range_2_PDB_ins_code 
_pdbx_struct_sheet_hbond.range_2_auth_atom_id 
_pdbx_struct_sheet_hbond.range_2_auth_comp_id 
_pdbx_struct_sheet_hbond.range_2_auth_asym_id 
_pdbx_struct_sheet_hbond.range_2_auth_seq_id 
A 1 2 N LYS A 20  ? N LYS A 17  O MSE A 120 ? O MSE A 117 
A 2 3 O GLN A 119 ? O GLN A 116 N PHE A 111 ? N PHE A 108 
A 3 4 O ASP A 104 ? O ASP A 101 N ILE A 94  ? N ILE A 91  
A 4 5 O TYR A 89  ? O TYR A 86  N VAL A 85  ? N VAL A 82  
A 5 6 O ILE A 77  ? O ILE A 74  N ILE A 65  ? N ILE A 62  
A 6 7 O ARG A 64  ? O ARG A 61  N GLU A 54  ? N GLU A 51  
# 
_struct_site.id                   AC1 
_struct_site.pdbx_evidence_code   Software 
_struct_site.pdbx_auth_asym_id    A 
_struct_site.pdbx_auth_comp_id    NA 
_struct_site.pdbx_auth_seq_id     201 
_struct_site.pdbx_auth_ins_code   ? 
_struct_site.pdbx_num_residues    1 
_struct_site.details              'BINDING SITE FOR RESIDUE NA A 201' 
# 
_struct_site_gen.id                   1 
_struct_site_gen.site_id              AC1 
_struct_site_gen.pdbx_num_res         1 
_struct_site_gen.label_comp_id        GLY 
_struct_site_gen.label_asym_id        A 
_struct_site_gen.label_seq_id         95 
_struct_site_gen.pdbx_auth_ins_code   ? 
_struct_site_gen.auth_comp_id         GLY 
_struct_site_gen.auth_asym_id         A 
_struct_site_gen.auth_seq_id          92 
_struct_site_gen.label_atom_id        . 
_struct_site_gen.label_alt_id         ? 
_struct_site_gen.symmetry             1_555 
_struct_site_gen.details              ? 
# 
_pdbx_entry_details.entry_id                   2IL5 
_pdbx_entry_details.compound_details           ? 
_pdbx_entry_details.source_details             ? 
_pdbx_entry_details.nonpolymer_details         ? 
_pdbx_entry_details.sequence_details           ? 
_pdbx_entry_details.has_ligand_of_interest     ? 
_pdbx_entry_details.has_protein_modification   Y 
# 
_pdbx_validate_close_contact.id               1 
_pdbx_validate_close_contact.PDB_model_num    1 
_pdbx_validate_close_contact.auth_atom_id_1   OD1 
_pdbx_validate_close_contact.auth_asym_id_1   A 
_pdbx_validate_close_contact.auth_comp_id_1   ASP 
_pdbx_validate_close_contact.auth_seq_id_1    101 
_pdbx_validate_close_contact.PDB_ins_code_1   ? 
_pdbx_validate_close_contact.label_alt_id_1   ? 
_pdbx_validate_close_contact.auth_atom_id_2   O 
_pdbx_validate_close_contact.auth_asym_id_2   A 
_pdbx_validate_close_contact.auth_comp_id_2   HOH 
_pdbx_validate_close_contact.auth_seq_id_2    205 
_pdbx_validate_close_contact.PDB_ins_code_2   ? 
_pdbx_validate_close_contact.label_alt_id_2   ? 
_pdbx_validate_close_contact.dist             2.18 
# 
loop_
_pdbx_validate_rmsd_angle.id 
_pdbx_validate_rmsd_angle.PDB_model_num 
_pdbx_validate_rmsd_angle.auth_atom_id_1 
_pdbx_validate_rmsd_angle.auth_asym_id_1 
_pdbx_validate_rmsd_angle.auth_comp_id_1 
_pdbx_validate_rmsd_angle.auth_seq_id_1 
_pdbx_validate_rmsd_angle.PDB_ins_code_1 
_pdbx_validate_rmsd_angle.label_alt_id_1 
_pdbx_validate_rmsd_angle.auth_atom_id_2 
_pdbx_validate_rmsd_angle.auth_asym_id_2 
_pdbx_validate_rmsd_angle.auth_comp_id_2 
_pdbx_validate_rmsd_angle.auth_seq_id_2 
_pdbx_validate_rmsd_angle.PDB_ins_code_2 
_pdbx_validate_rmsd_angle.label_alt_id_2 
_pdbx_validate_rmsd_angle.auth_atom_id_3 
_pdbx_validate_rmsd_angle.auth_asym_id_3 
_pdbx_validate_rmsd_angle.auth_comp_id_3 
_pdbx_validate_rmsd_angle.auth_seq_id_3 
_pdbx_validate_rmsd_angle.PDB_ins_code_3 
_pdbx_validate_rmsd_angle.label_alt_id_3 
_pdbx_validate_rmsd_angle.angle_value 
_pdbx_validate_rmsd_angle.angle_target_value 
_pdbx_validate_rmsd_angle.angle_deviation 
_pdbx_validate_rmsd_angle.angle_standard_deviation 
_pdbx_validate_rmsd_angle.linker_flag 
1 1 NE A ARG 130 ? ? CZ A ARG 130 ? ? NH1 A ARG 130 ? ? 123.59 120.30 3.29  0.50 N 
2 1 NE A ARG 130 ? ? CZ A ARG 130 ? ? NH2 A ARG 130 ? ? 116.19 120.30 -4.11 0.50 N 
# 
loop_
_pdbx_validate_torsion.id 
_pdbx_validate_torsion.PDB_model_num 
_pdbx_validate_torsion.auth_comp_id 
_pdbx_validate_torsion.auth_asym_id 
_pdbx_validate_torsion.auth_seq_id 
_pdbx_validate_torsion.PDB_ins_code 
_pdbx_validate_torsion.label_alt_id 
_pdbx_validate_torsion.phi 
_pdbx_validate_torsion.psi 
1 1 TRP A 39  ? ? -148.42 -28.70  
2 1 MSE A 41  ? ? 58.79   16.60   
3 1 GLU A 85  ? ? -131.82 -43.54  
4 1 THR A 112 ? ? 114.24  -116.13 
# 
_pdbx_validate_peptide_omega.id               1 
_pdbx_validate_peptide_omega.PDB_model_num    1 
_pdbx_validate_peptide_omega.auth_comp_id_1   GLU 
_pdbx_validate_peptide_omega.auth_asym_id_1   A 
_pdbx_validate_peptide_omega.auth_seq_id_1    111 
_pdbx_validate_peptide_omega.PDB_ins_code_1   ? 
_pdbx_validate_peptide_omega.label_alt_id_1   ? 
_pdbx_validate_peptide_omega.auth_comp_id_2   THR 
_pdbx_validate_peptide_omega.auth_asym_id_2   A 
_pdbx_validate_peptide_omega.auth_seq_id_2    112 
_pdbx_validate_peptide_omega.PDB_ins_code_2   ? 
_pdbx_validate_peptide_omega.label_alt_id_2   ? 
_pdbx_validate_peptide_omega.omega            -142.78 
# 
_pdbx_SG_project.id                    1 
_pdbx_SG_project.project_name          'PSI, Protein Structure Initiative' 
_pdbx_SG_project.full_name_of_center   'Midwest Center for Structural Genomics' 
_pdbx_SG_project.initial_of_center     MCSG 
# 
loop_
_pdbx_struct_mod_residue.id 
_pdbx_struct_mod_residue.label_asym_id 
_pdbx_struct_mod_residue.label_comp_id 
_pdbx_struct_mod_residue.label_seq_id 
_pdbx_struct_mod_residue.auth_asym_id 
_pdbx_struct_mod_residue.auth_comp_id 
_pdbx_struct_mod_residue.auth_seq_id 
_pdbx_struct_mod_residue.PDB_ins_code 
_pdbx_struct_mod_residue.parent_comp_id 
_pdbx_struct_mod_residue.details 
1 A MSE 44  A MSE 41  ? MET SELENOMETHIONINE 
2 A MSE 86  A MSE 83  ? MET SELENOMETHIONINE 
3 A MSE 92  A MSE 89  ? MET SELENOMETHIONINE 
4 A MSE 96  A MSE 93  ? MET SELENOMETHIONINE 
5 A MSE 120 A MSE 117 ? MET SELENOMETHIONINE 
6 A MSE 150 A MSE 147 ? MET SELENOMETHIONINE 
7 A MSE 157 A MSE 154 ? MET SELENOMETHIONINE 
8 A MSE 161 A MSE 158 ? MET SELENOMETHIONINE 
# 
loop_
_pdbx_refine_tls.id 
_pdbx_refine_tls.details 
_pdbx_refine_tls.method 
_pdbx_refine_tls.origin_x 
_pdbx_refine_tls.origin_y 
_pdbx_refine_tls.origin_z 
_pdbx_refine_tls.T[1][1] 
_pdbx_refine_tls.T[2][2] 
_pdbx_refine_tls.T[3][3] 
_pdbx_refine_tls.T[1][2] 
_pdbx_refine_tls.T[1][3] 
_pdbx_refine_tls.T[2][3] 
_pdbx_refine_tls.L[1][1] 
_pdbx_refine_tls.L[2][2] 
_pdbx_refine_tls.L[3][3] 
_pdbx_refine_tls.L[1][2] 
_pdbx_refine_tls.L[1][3] 
_pdbx_refine_tls.L[2][3] 
_pdbx_refine_tls.S[1][1] 
_pdbx_refine_tls.S[1][2] 
_pdbx_refine_tls.S[1][3] 
_pdbx_refine_tls.S[2][1] 
_pdbx_refine_tls.S[2][2] 
_pdbx_refine_tls.S[2][3] 
_pdbx_refine_tls.S[3][1] 
_pdbx_refine_tls.S[3][2] 
_pdbx_refine_tls.S[3][3] 
_pdbx_refine_tls.pdbx_refine_id 
1 ? refined -4.4612 -0.5660 -0.4451 0.0906 -0.1360 -0.0615 0.0615 -0.0367 -0.0746 2.9515 3.9209 2.2613 -0.3893 0.4140 0.0252  0.0819 0.1175 -0.2338 -0.2222 -0.0813 0.4970 0.2316 -0.1859 -0.0005 'X-RAY DIFFRACTION' 
2 ? refined 6.3225  0.8176  0.9955  0.0469 -0.1496 -0.1455 0.1009 0.0207  -0.0789 3.5702 1.8788 4.2264 -0.1991 3.7140 -0.3576 0.3236 0.3360 -0.2927 -0.4736 -0.2187 0.0810 0.3243 0.2140  -0.1049 'X-RAY DIFFRACTION' 
# 
loop_
_pdbx_refine_tls_group.id 
_pdbx_refine_tls_group.refine_tls_id 
_pdbx_refine_tls_group.beg_auth_asym_id 
_pdbx_refine_tls_group.beg_auth_seq_id 
_pdbx_refine_tls_group.beg_label_asym_id 
_pdbx_refine_tls_group.beg_label_seq_id 
_pdbx_refine_tls_group.end_auth_asym_id 
_pdbx_refine_tls_group.end_auth_seq_id 
_pdbx_refine_tls_group.end_label_asym_id 
_pdbx_refine_tls_group.end_label_seq_id 
_pdbx_refine_tls_group.selection 
_pdbx_refine_tls_group.pdbx_refine_id 
_pdbx_refine_tls_group.selection_details 
1 1 A 5  A 8   A 94  A 97  ? 'X-RAY DIFFRACTION' ? 
2 2 A 97 A 100 A 168 A 171 ? 'X-RAY DIFFRACTION' ? 
# 
_pdbx_database_remark.id     300 
_pdbx_database_remark.text   
;BIOMOLECULE: 
 
THIS ENTRY CONTAINS THE CRYSTALLOGRAPHIC ASYMMETRIC UNIT 
WHICH CONSISTS OF 1 CHAIN(S). THE BIOLOGICAL MOLECULE 
FOR THE PROTEIN IS UNKNOWN.
;
# 
loop_
_pdbx_unobs_or_zero_occ_residues.id 
_pdbx_unobs_or_zero_occ_residues.PDB_model_num 
_pdbx_unobs_or_zero_occ_residues.polymer_flag 
_pdbx_unobs_or_zero_occ_residues.occupancy_flag 
_pdbx_unobs_or_zero_occ_residues.auth_asym_id 
_pdbx_unobs_or_zero_occ_residues.auth_comp_id 
_pdbx_unobs_or_zero_occ_residues.auth_seq_id 
_pdbx_unobs_or_zero_occ_residues.PDB_ins_code 
_pdbx_unobs_or_zero_occ_residues.label_asym_id 
_pdbx_unobs_or_zero_occ_residues.label_comp_id 
_pdbx_unobs_or_zero_occ_residues.label_seq_id 
1 1 Y 1 A SER -2 ? A SER 1  
2 1 Y 1 A ASN -1 ? A ASN 2  
3 1 Y 1 A ALA 0  ? A ALA 3  
4 1 Y 1 A MSE 1  ? A MSE 4  
5 1 Y 1 A ALA 2  ? A ALA 5  
6 1 Y 1 A LYS 3  ? A LYS 6  
7 1 Y 1 A PHE 4  ? A PHE 7  
8 1 Y 1 A GLY 95 ? A GLY 98 
9 1 Y 1 A LEU 96 ? A LEU 99 
# 
loop_
_chem_comp_atom.comp_id 
_chem_comp_atom.atom_id 
_chem_comp_atom.type_symbol 
_chem_comp_atom.pdbx_aromatic_flag 
_chem_comp_atom.pdbx_stereo_config 
_chem_comp_atom.pdbx_ordinal 
ALA N    N  N N 1   
ALA CA   C  N S 2   
ALA C    C  N N 3   
ALA O    O  N N 4   
ALA CB   C  N N 5   
ALA OXT  O  N N 6   
ALA H    H  N N 7   
ALA H2   H  N N 8   
ALA HA   H  N N 9   
ALA HB1  H  N N 10  
ALA HB2  H  N N 11  
ALA HB3  H  N N 12  
ALA HXT  H  N N 13  
ARG N    N  N N 14  
ARG CA   C  N S 15  
ARG C    C  N N 16  
ARG O    O  N N 17  
ARG CB   C  N N 18  
ARG CG   C  N N 19  
ARG CD   C  N N 20  
ARG NE   N  N N 21  
ARG CZ   C  N N 22  
ARG NH1  N  N N 23  
ARG NH2  N  N N 24  
ARG OXT  O  N N 25  
ARG H    H  N N 26  
ARG H2   H  N N 27  
ARG HA   H  N N 28  
ARG HB2  H  N N 29  
ARG HB3  H  N N 30  
ARG HG2  H  N N 31  
ARG HG3  H  N N 32  
ARG HD2  H  N N 33  
ARG HD3  H  N N 34  
ARG HE   H  N N 35  
ARG HH11 H  N N 36  
ARG HH12 H  N N 37  
ARG HH21 H  N N 38  
ARG HH22 H  N N 39  
ARG HXT  H  N N 40  
ASN N    N  N N 41  
ASN CA   C  N S 42  
ASN C    C  N N 43  
ASN O    O  N N 44  
ASN CB   C  N N 45  
ASN CG   C  N N 46  
ASN OD1  O  N N 47  
ASN ND2  N  N N 48  
ASN OXT  O  N N 49  
ASN H    H  N N 50  
ASN H2   H  N N 51  
ASN HA   H  N N 52  
ASN HB2  H  N N 53  
ASN HB3  H  N N 54  
ASN HD21 H  N N 55  
ASN HD22 H  N N 56  
ASN HXT  H  N N 57  
ASP N    N  N N 58  
ASP CA   C  N S 59  
ASP C    C  N N 60  
ASP O    O  N N 61  
ASP CB   C  N N 62  
ASP CG   C  N N 63  
ASP OD1  O  N N 64  
ASP OD2  O  N N 65  
ASP OXT  O  N N 66  
ASP H    H  N N 67  
ASP H2   H  N N 68  
ASP HA   H  N N 69  
ASP HB2  H  N N 70  
ASP HB3  H  N N 71  
ASP HD2  H  N N 72  
ASP HXT  H  N N 73  
GLN N    N  N N 74  
GLN CA   C  N S 75  
GLN C    C  N N 76  
GLN O    O  N N 77  
GLN CB   C  N N 78  
GLN CG   C  N N 79  
GLN CD   C  N N 80  
GLN OE1  O  N N 81  
GLN NE2  N  N N 82  
GLN OXT  O  N N 83  
GLN H    H  N N 84  
GLN H2   H  N N 85  
GLN HA   H  N N 86  
GLN HB2  H  N N 87  
GLN HB3  H  N N 88  
GLN HG2  H  N N 89  
GLN HG3  H  N N 90  
GLN HE21 H  N N 91  
GLN HE22 H  N N 92  
GLN HXT  H  N N 93  
GLU N    N  N N 94  
GLU CA   C  N S 95  
GLU C    C  N N 96  
GLU O    O  N N 97  
GLU CB   C  N N 98  
GLU CG   C  N N 99  
GLU CD   C  N N 100 
GLU OE1  O  N N 101 
GLU OE2  O  N N 102 
GLU OXT  O  N N 103 
GLU H    H  N N 104 
GLU H2   H  N N 105 
GLU HA   H  N N 106 
GLU HB2  H  N N 107 
GLU HB3  H  N N 108 
GLU HG2  H  N N 109 
GLU HG3  H  N N 110 
GLU HE2  H  N N 111 
GLU HXT  H  N N 112 
GLY N    N  N N 113 
GLY CA   C  N N 114 
GLY C    C  N N 115 
GLY O    O  N N 116 
GLY OXT  O  N N 117 
GLY H    H  N N 118 
GLY H2   H  N N 119 
GLY HA2  H  N N 120 
GLY HA3  H  N N 121 
GLY HXT  H  N N 122 
HIS N    N  N N 123 
HIS CA   C  N S 124 
HIS C    C  N N 125 
HIS O    O  N N 126 
HIS CB   C  N N 127 
HIS CG   C  Y N 128 
HIS ND1  N  Y N 129 
HIS CD2  C  Y N 130 
HIS CE1  C  Y N 131 
HIS NE2  N  Y N 132 
HIS OXT  O  N N 133 
HIS H    H  N N 134 
HIS H2   H  N N 135 
HIS HA   H  N N 136 
HIS HB2  H  N N 137 
HIS HB3  H  N N 138 
HIS HD1  H  N N 139 
HIS HD2  H  N N 140 
HIS HE1  H  N N 141 
HIS HE2  H  N N 142 
HIS HXT  H  N N 143 
HOH O    O  N N 144 
HOH H1   H  N N 145 
HOH H2   H  N N 146 
ILE N    N  N N 147 
ILE CA   C  N S 148 
ILE C    C  N N 149 
ILE O    O  N N 150 
ILE CB   C  N S 151 
ILE CG1  C  N N 152 
ILE CG2  C  N N 153 
ILE CD1  C  N N 154 
ILE OXT  O  N N 155 
ILE H    H  N N 156 
ILE H2   H  N N 157 
ILE HA   H  N N 158 
ILE HB   H  N N 159 
ILE HG12 H  N N 160 
ILE HG13 H  N N 161 
ILE HG21 H  N N 162 
ILE HG22 H  N N 163 
ILE HG23 H  N N 164 
ILE HD11 H  N N 165 
ILE HD12 H  N N 166 
ILE HD13 H  N N 167 
ILE HXT  H  N N 168 
LEU N    N  N N 169 
LEU CA   C  N S 170 
LEU C    C  N N 171 
LEU O    O  N N 172 
LEU CB   C  N N 173 
LEU CG   C  N N 174 
LEU CD1  C  N N 175 
LEU CD2  C  N N 176 
LEU OXT  O  N N 177 
LEU H    H  N N 178 
LEU H2   H  N N 179 
LEU HA   H  N N 180 
LEU HB2  H  N N 181 
LEU HB3  H  N N 182 
LEU HG   H  N N 183 
LEU HD11 H  N N 184 
LEU HD12 H  N N 185 
LEU HD13 H  N N 186 
LEU HD21 H  N N 187 
LEU HD22 H  N N 188 
LEU HD23 H  N N 189 
LEU HXT  H  N N 190 
LYS N    N  N N 191 
LYS CA   C  N S 192 
LYS C    C  N N 193 
LYS O    O  N N 194 
LYS CB   C  N N 195 
LYS CG   C  N N 196 
LYS CD   C  N N 197 
LYS CE   C  N N 198 
LYS NZ   N  N N 199 
LYS OXT  O  N N 200 
LYS H    H  N N 201 
LYS H2   H  N N 202 
LYS HA   H  N N 203 
LYS HB2  H  N N 204 
LYS HB3  H  N N 205 
LYS HG2  H  N N 206 
LYS HG3  H  N N 207 
LYS HD2  H  N N 208 
LYS HD3  H  N N 209 
LYS HE2  H  N N 210 
LYS HE3  H  N N 211 
LYS HZ1  H  N N 212 
LYS HZ2  H  N N 213 
LYS HZ3  H  N N 214 
LYS HXT  H  N N 215 
MET N    N  N N 216 
MET CA   C  N S 217 
MET C    C  N N 218 
MET O    O  N N 219 
MET CB   C  N N 220 
MET CG   C  N N 221 
MET SD   S  N N 222 
MET CE   C  N N 223 
MET OXT  O  N N 224 
MET H    H  N N 225 
MET H2   H  N N 226 
MET HA   H  N N 227 
MET HB2  H  N N 228 
MET HB3  H  N N 229 
MET HG2  H  N N 230 
MET HG3  H  N N 231 
MET HE1  H  N N 232 
MET HE2  H  N N 233 
MET HE3  H  N N 234 
MET HXT  H  N N 235 
MSE N    N  N N 236 
MSE CA   C  N S 237 
MSE C    C  N N 238 
MSE O    O  N N 239 
MSE OXT  O  N N 240 
MSE CB   C  N N 241 
MSE CG   C  N N 242 
MSE SE   SE N N 243 
MSE CE   C  N N 244 
MSE H    H  N N 245 
MSE H2   H  N N 246 
MSE HA   H  N N 247 
MSE HXT  H  N N 248 
MSE HB2  H  N N 249 
MSE HB3  H  N N 250 
MSE HG2  H  N N 251 
MSE HG3  H  N N 252 
MSE HE1  H  N N 253 
MSE HE2  H  N N 254 
MSE HE3  H  N N 255 
NA  NA   NA N N 256 
PHE N    N  N N 257 
PHE CA   C  N S 258 
PHE C    C  N N 259 
PHE O    O  N N 260 
PHE CB   C  N N 261 
PHE CG   C  Y N 262 
PHE CD1  C  Y N 263 
PHE CD2  C  Y N 264 
PHE CE1  C  Y N 265 
PHE CE2  C  Y N 266 
PHE CZ   C  Y N 267 
PHE OXT  O  N N 268 
PHE H    H  N N 269 
PHE H2   H  N N 270 
PHE HA   H  N N 271 
PHE HB2  H  N N 272 
PHE HB3  H  N N 273 
PHE HD1  H  N N 274 
PHE HD2  H  N N 275 
PHE HE1  H  N N 276 
PHE HE2  H  N N 277 
PHE HZ   H  N N 278 
PHE HXT  H  N N 279 
PRO N    N  N N 280 
PRO CA   C  N S 281 
PRO C    C  N N 282 
PRO O    O  N N 283 
PRO CB   C  N N 284 
PRO CG   C  N N 285 
PRO CD   C  N N 286 
PRO OXT  O  N N 287 
PRO H    H  N N 288 
PRO HA   H  N N 289 
PRO HB2  H  N N 290 
PRO HB3  H  N N 291 
PRO HG2  H  N N 292 
PRO HG3  H  N N 293 
PRO HD2  H  N N 294 
PRO HD3  H  N N 295 
PRO HXT  H  N N 296 
SER N    N  N N 297 
SER CA   C  N S 298 
SER C    C  N N 299 
SER O    O  N N 300 
SER CB   C  N N 301 
SER OG   O  N N 302 
SER OXT  O  N N 303 
SER H    H  N N 304 
SER H2   H  N N 305 
SER HA   H  N N 306 
SER HB2  H  N N 307 
SER HB3  H  N N 308 
SER HG   H  N N 309 
SER HXT  H  N N 310 
THR N    N  N N 311 
THR CA   C  N S 312 
THR C    C  N N 313 
THR O    O  N N 314 
THR CB   C  N R 315 
THR OG1  O  N N 316 
THR CG2  C  N N 317 
THR OXT  O  N N 318 
THR H    H  N N 319 
THR H2   H  N N 320 
THR HA   H  N N 321 
THR HB   H  N N 322 
THR HG1  H  N N 323 
THR HG21 H  N N 324 
THR HG22 H  N N 325 
THR HG23 H  N N 326 
THR HXT  H  N N 327 
TRP N    N  N N 328 
TRP CA   C  N S 329 
TRP C    C  N N 330 
TRP O    O  N N 331 
TRP CB   C  N N 332 
TRP CG   C  Y N 333 
TRP CD1  C  Y N 334 
TRP CD2  C  Y N 335 
TRP NE1  N  Y N 336 
TRP CE2  C  Y N 337 
TRP CE3  C  Y N 338 
TRP CZ2  C  Y N 339 
TRP CZ3  C  Y N 340 
TRP CH2  C  Y N 341 
TRP OXT  O  N N 342 
TRP H    H  N N 343 
TRP H2   H  N N 344 
TRP HA   H  N N 345 
TRP HB2  H  N N 346 
TRP HB3  H  N N 347 
TRP HD1  H  N N 348 
TRP HE1  H  N N 349 
TRP HE3  H  N N 350 
TRP HZ2  H  N N 351 
TRP HZ3  H  N N 352 
TRP HH2  H  N N 353 
TRP HXT  H  N N 354 
TYR N    N  N N 355 
TYR CA   C  N S 356 
TYR C    C  N N 357 
TYR O    O  N N 358 
TYR CB   C  N N 359 
TYR CG   C  Y N 360 
TYR CD1  C  Y N 361 
TYR CD2  C  Y N 362 
TYR CE1  C  Y N 363 
TYR CE2  C  Y N 364 
TYR CZ   C  Y N 365 
TYR OH   O  N N 366 
TYR OXT  O  N N 367 
TYR H    H  N N 368 
TYR H2   H  N N 369 
TYR HA   H  N N 370 
TYR HB2  H  N N 371 
TYR HB3  H  N N 372 
TYR HD1  H  N N 373 
TYR HD2  H  N N 374 
TYR HE1  H  N N 375 
TYR HE2  H  N N 376 
TYR HH   H  N N 377 
TYR HXT  H  N N 378 
VAL N    N  N N 379 
VAL CA   C  N S 380 
VAL C    C  N N 381 
VAL O    O  N N 382 
VAL CB   C  N N 383 
VAL CG1  C  N N 384 
VAL CG2  C  N N 385 
VAL OXT  O  N N 386 
VAL H    H  N N 387 
VAL H2   H  N N 388 
VAL HA   H  N N 389 
VAL HB   H  N N 390 
VAL HG11 H  N N 391 
VAL HG12 H  N N 392 
VAL HG13 H  N N 393 
VAL HG21 H  N N 394 
VAL HG22 H  N N 395 
VAL HG23 H  N N 396 
VAL HXT  H  N N 397 
# 
loop_
_chem_comp_bond.comp_id 
_chem_comp_bond.atom_id_1 
_chem_comp_bond.atom_id_2 
_chem_comp_bond.value_order 
_chem_comp_bond.pdbx_aromatic_flag 
_chem_comp_bond.pdbx_stereo_config 
_chem_comp_bond.pdbx_ordinal 
ALA N   CA   sing N N 1   
ALA N   H    sing N N 2   
ALA N   H2   sing N N 3   
ALA CA  C    sing N N 4   
ALA CA  CB   sing N N 5   
ALA CA  HA   sing N N 6   
ALA C   O    doub N N 7   
ALA C   OXT  sing N N 8   
ALA CB  HB1  sing N N 9   
ALA CB  HB2  sing N N 10  
ALA CB  HB3  sing N N 11  
ALA OXT HXT  sing N N 12  
ARG N   CA   sing N N 13  
ARG N   H    sing N N 14  
ARG N   H2   sing N N 15  
ARG CA  C    sing N N 16  
ARG CA  CB   sing N N 17  
ARG CA  HA   sing N N 18  
ARG C   O    doub N N 19  
ARG C   OXT  sing N N 20  
ARG CB  CG   sing N N 21  
ARG CB  HB2  sing N N 22  
ARG CB  HB3  sing N N 23  
ARG CG  CD   sing N N 24  
ARG CG  HG2  sing N N 25  
ARG CG  HG3  sing N N 26  
ARG CD  NE   sing N N 27  
ARG CD  HD2  sing N N 28  
ARG CD  HD3  sing N N 29  
ARG NE  CZ   sing N N 30  
ARG NE  HE   sing N N 31  
ARG CZ  NH1  sing N N 32  
ARG CZ  NH2  doub N N 33  
ARG NH1 HH11 sing N N 34  
ARG NH1 HH12 sing N N 35  
ARG NH2 HH21 sing N N 36  
ARG NH2 HH22 sing N N 37  
ARG OXT HXT  sing N N 38  
ASN N   CA   sing N N 39  
ASN N   H    sing N N 40  
ASN N   H2   sing N N 41  
ASN CA  C    sing N N 42  
ASN CA  CB   sing N N 43  
ASN CA  HA   sing N N 44  
ASN C   O    doub N N 45  
ASN C   OXT  sing N N 46  
ASN CB  CG   sing N N 47  
ASN CB  HB2  sing N N 48  
ASN CB  HB3  sing N N 49  
ASN CG  OD1  doub N N 50  
ASN CG  ND2  sing N N 51  
ASN ND2 HD21 sing N N 52  
ASN ND2 HD22 sing N N 53  
ASN OXT HXT  sing N N 54  
ASP N   CA   sing N N 55  
ASP N   H    sing N N 56  
ASP N   H2   sing N N 57  
ASP CA  C    sing N N 58  
ASP CA  CB   sing N N 59  
ASP CA  HA   sing N N 60  
ASP C   O    doub N N 61  
ASP C   OXT  sing N N 62  
ASP CB  CG   sing N N 63  
ASP CB  HB2  sing N N 64  
ASP CB  HB3  sing N N 65  
ASP CG  OD1  doub N N 66  
ASP CG  OD2  sing N N 67  
ASP OD2 HD2  sing N N 68  
ASP OXT HXT  sing N N 69  
GLN N   CA   sing N N 70  
GLN N   H    sing N N 71  
GLN N   H2   sing N N 72  
GLN CA  C    sing N N 73  
GLN CA  CB   sing N N 74  
GLN CA  HA   sing N N 75  
GLN C   O    doub N N 76  
GLN C   OXT  sing N N 77  
GLN CB  CG   sing N N 78  
GLN CB  HB2  sing N N 79  
GLN CB  HB3  sing N N 80  
GLN CG  CD   sing N N 81  
GLN CG  HG2  sing N N 82  
GLN CG  HG3  sing N N 83  
GLN CD  OE1  doub N N 84  
GLN CD  NE2  sing N N 85  
GLN NE2 HE21 sing N N 86  
GLN NE2 HE22 sing N N 87  
GLN OXT HXT  sing N N 88  
GLU N   CA   sing N N 89  
GLU N   H    sing N N 90  
GLU N   H2   sing N N 91  
GLU CA  C    sing N N 92  
GLU CA  CB   sing N N 93  
GLU CA  HA   sing N N 94  
GLU C   O    doub N N 95  
GLU C   OXT  sing N N 96  
GLU CB  CG   sing N N 97  
GLU CB  HB2  sing N N 98  
GLU CB  HB3  sing N N 99  
GLU CG  CD   sing N N 100 
GLU CG  HG2  sing N N 101 
GLU CG  HG3  sing N N 102 
GLU CD  OE1  doub N N 103 
GLU CD  OE2  sing N N 104 
GLU OE2 HE2  sing N N 105 
GLU OXT HXT  sing N N 106 
GLY N   CA   sing N N 107 
GLY N   H    sing N N 108 
GLY N   H2   sing N N 109 
GLY CA  C    sing N N 110 
GLY CA  HA2  sing N N 111 
GLY CA  HA3  sing N N 112 
GLY C   O    doub N N 113 
GLY C   OXT  sing N N 114 
GLY OXT HXT  sing N N 115 
HIS N   CA   sing N N 116 
HIS N   H    sing N N 117 
HIS N   H2   sing N N 118 
HIS CA  C    sing N N 119 
HIS CA  CB   sing N N 120 
HIS CA  HA   sing N N 121 
HIS C   O    doub N N 122 
HIS C   OXT  sing N N 123 
HIS CB  CG   sing N N 124 
HIS CB  HB2  sing N N 125 
HIS CB  HB3  sing N N 126 
HIS CG  ND1  sing Y N 127 
HIS CG  CD2  doub Y N 128 
HIS ND1 CE1  doub Y N 129 
HIS ND1 HD1  sing N N 130 
HIS CD2 NE2  sing Y N 131 
HIS CD2 HD2  sing N N 132 
HIS CE1 NE2  sing Y N 133 
HIS CE1 HE1  sing N N 134 
HIS NE2 HE2  sing N N 135 
HIS OXT HXT  sing N N 136 
HOH O   H1   sing N N 137 
HOH O   H2   sing N N 138 
ILE N   CA   sing N N 139 
ILE N   H    sing N N 140 
ILE N   H2   sing N N 141 
ILE CA  C    sing N N 142 
ILE CA  CB   sing N N 143 
ILE CA  HA   sing N N 144 
ILE C   O    doub N N 145 
ILE C   OXT  sing N N 146 
ILE CB  CG1  sing N N 147 
ILE CB  CG2  sing N N 148 
ILE CB  HB   sing N N 149 
ILE CG1 CD1  sing N N 150 
ILE CG1 HG12 sing N N 151 
ILE CG1 HG13 sing N N 152 
ILE CG2 HG21 sing N N 153 
ILE CG2 HG22 sing N N 154 
ILE CG2 HG23 sing N N 155 
ILE CD1 HD11 sing N N 156 
ILE CD1 HD12 sing N N 157 
ILE CD1 HD13 sing N N 158 
ILE OXT HXT  sing N N 159 
LEU N   CA   sing N N 160 
LEU N   H    sing N N 161 
LEU N   H2   sing N N 162 
LEU CA  C    sing N N 163 
LEU CA  CB   sing N N 164 
LEU CA  HA   sing N N 165 
LEU C   O    doub N N 166 
LEU C   OXT  sing N N 167 
LEU CB  CG   sing N N 168 
LEU CB  HB2  sing N N 169 
LEU CB  HB3  sing N N 170 
LEU CG  CD1  sing N N 171 
LEU CG  CD2  sing N N 172 
LEU CG  HG   sing N N 173 
LEU CD1 HD11 sing N N 174 
LEU CD1 HD12 sing N N 175 
LEU CD1 HD13 sing N N 176 
LEU CD2 HD21 sing N N 177 
LEU CD2 HD22 sing N N 178 
LEU CD2 HD23 sing N N 179 
LEU OXT HXT  sing N N 180 
LYS N   CA   sing N N 181 
LYS N   H    sing N N 182 
LYS N   H2   sing N N 183 
LYS CA  C    sing N N 184 
LYS CA  CB   sing N N 185 
LYS CA  HA   sing N N 186 
LYS C   O    doub N N 187 
LYS C   OXT  sing N N 188 
LYS CB  CG   sing N N 189 
LYS CB  HB2  sing N N 190 
LYS CB  HB3  sing N N 191 
LYS CG  CD   sing N N 192 
LYS CG  HG2  sing N N 193 
LYS CG  HG3  sing N N 194 
LYS CD  CE   sing N N 195 
LYS CD  HD2  sing N N 196 
LYS CD  HD3  sing N N 197 
LYS CE  NZ   sing N N 198 
LYS CE  HE2  sing N N 199 
LYS CE  HE3  sing N N 200 
LYS NZ  HZ1  sing N N 201 
LYS NZ  HZ2  sing N N 202 
LYS NZ  HZ3  sing N N 203 
LYS OXT HXT  sing N N 204 
MET N   CA   sing N N 205 
MET N   H    sing N N 206 
MET N   H2   sing N N 207 
MET CA  C    sing N N 208 
MET CA  CB   sing N N 209 
MET CA  HA   sing N N 210 
MET C   O    doub N N 211 
MET C   OXT  sing N N 212 
MET CB  CG   sing N N 213 
MET CB  HB2  sing N N 214 
MET CB  HB3  sing N N 215 
MET CG  SD   sing N N 216 
MET CG  HG2  sing N N 217 
MET CG  HG3  sing N N 218 
MET SD  CE   sing N N 219 
MET CE  HE1  sing N N 220 
MET CE  HE2  sing N N 221 
MET CE  HE3  sing N N 222 
MET OXT HXT  sing N N 223 
MSE N   CA   sing N N 224 
MSE N   H    sing N N 225 
MSE N   H2   sing N N 226 
MSE CA  C    sing N N 227 
MSE CA  CB   sing N N 228 
MSE CA  HA   sing N N 229 
MSE C   O    doub N N 230 
MSE C   OXT  sing N N 231 
MSE OXT HXT  sing N N 232 
MSE CB  CG   sing N N 233 
MSE CB  HB2  sing N N 234 
MSE CB  HB3  sing N N 235 
MSE CG  SE   sing N N 236 
MSE CG  HG2  sing N N 237 
MSE CG  HG3  sing N N 238 
MSE SE  CE   sing N N 239 
MSE CE  HE1  sing N N 240 
MSE CE  HE2  sing N N 241 
MSE CE  HE3  sing N N 242 
PHE N   CA   sing N N 243 
PHE N   H    sing N N 244 
PHE N   H2   sing N N 245 
PHE CA  C    sing N N 246 
PHE CA  CB   sing N N 247 
PHE CA  HA   sing N N 248 
PHE C   O    doub N N 249 
PHE C   OXT  sing N N 250 
PHE CB  CG   sing N N 251 
PHE CB  HB2  sing N N 252 
PHE CB  HB3  sing N N 253 
PHE CG  CD1  doub Y N 254 
PHE CG  CD2  sing Y N 255 
PHE CD1 CE1  sing Y N 256 
PHE CD1 HD1  sing N N 257 
PHE CD2 CE2  doub Y N 258 
PHE CD2 HD2  sing N N 259 
PHE CE1 CZ   doub Y N 260 
PHE CE1 HE1  sing N N 261 
PHE CE2 CZ   sing Y N 262 
PHE CE2 HE2  sing N N 263 
PHE CZ  HZ   sing N N 264 
PHE OXT HXT  sing N N 265 
PRO N   CA   sing N N 266 
PRO N   CD   sing N N 267 
PRO N   H    sing N N 268 
PRO CA  C    sing N N 269 
PRO CA  CB   sing N N 270 
PRO CA  HA   sing N N 271 
PRO C   O    doub N N 272 
PRO C   OXT  sing N N 273 
PRO CB  CG   sing N N 274 
PRO CB  HB2  sing N N 275 
PRO CB  HB3  sing N N 276 
PRO CG  CD   sing N N 277 
PRO CG  HG2  sing N N 278 
PRO CG  HG3  sing N N 279 
PRO CD  HD2  sing N N 280 
PRO CD  HD3  sing N N 281 
PRO OXT HXT  sing N N 282 
SER N   CA   sing N N 283 
SER N   H    sing N N 284 
SER N   H2   sing N N 285 
SER CA  C    sing N N 286 
SER CA  CB   sing N N 287 
SER CA  HA   sing N N 288 
SER C   O    doub N N 289 
SER C   OXT  sing N N 290 
SER CB  OG   sing N N 291 
SER CB  HB2  sing N N 292 
SER CB  HB3  sing N N 293 
SER OG  HG   sing N N 294 
SER OXT HXT  sing N N 295 
THR N   CA   sing N N 296 
THR N   H    sing N N 297 
THR N   H2   sing N N 298 
THR CA  C    sing N N 299 
THR CA  CB   sing N N 300 
THR CA  HA   sing N N 301 
THR C   O    doub N N 302 
THR C   OXT  sing N N 303 
THR CB  OG1  sing N N 304 
THR CB  CG2  sing N N 305 
THR CB  HB   sing N N 306 
THR OG1 HG1  sing N N 307 
THR CG2 HG21 sing N N 308 
THR CG2 HG22 sing N N 309 
THR CG2 HG23 sing N N 310 
THR OXT HXT  sing N N 311 
TRP N   CA   sing N N 312 
TRP N   H    sing N N 313 
TRP N   H2   sing N N 314 
TRP CA  C    sing N N 315 
TRP CA  CB   sing N N 316 
TRP CA  HA   sing N N 317 
TRP C   O    doub N N 318 
TRP C   OXT  sing N N 319 
TRP CB  CG   sing N N 320 
TRP CB  HB2  sing N N 321 
TRP CB  HB3  sing N N 322 
TRP CG  CD1  doub Y N 323 
TRP CG  CD2  sing Y N 324 
TRP CD1 NE1  sing Y N 325 
TRP CD1 HD1  sing N N 326 
TRP CD2 CE2  doub Y N 327 
TRP CD2 CE3  sing Y N 328 
TRP NE1 CE2  sing Y N 329 
TRP NE1 HE1  sing N N 330 
TRP CE2 CZ2  sing Y N 331 
TRP CE3 CZ3  doub Y N 332 
TRP CE3 HE3  sing N N 333 
TRP CZ2 CH2  doub Y N 334 
TRP CZ2 HZ2  sing N N 335 
TRP CZ3 CH2  sing Y N 336 
TRP CZ3 HZ3  sing N N 337 
TRP CH2 HH2  sing N N 338 
TRP OXT HXT  sing N N 339 
TYR N   CA   sing N N 340 
TYR N   H    sing N N 341 
TYR N   H2   sing N N 342 
TYR CA  C    sing N N 343 
TYR CA  CB   sing N N 344 
TYR CA  HA   sing N N 345 
TYR C   O    doub N N 346 
TYR C   OXT  sing N N 347 
TYR CB  CG   sing N N 348 
TYR CB  HB2  sing N N 349 
TYR CB  HB3  sing N N 350 
TYR CG  CD1  doub Y N 351 
TYR CG  CD2  sing Y N 352 
TYR CD1 CE1  sing Y N 353 
TYR CD1 HD1  sing N N 354 
TYR CD2 CE2  doub Y N 355 
TYR CD2 HD2  sing N N 356 
TYR CE1 CZ   doub Y N 357 
TYR CE1 HE1  sing N N 358 
TYR CE2 CZ   sing Y N 359 
TYR CE2 HE2  sing N N 360 
TYR CZ  OH   sing N N 361 
TYR OH  HH   sing N N 362 
TYR OXT HXT  sing N N 363 
VAL N   CA   sing N N 364 
VAL N   H    sing N N 365 
VAL N   H2   sing N N 366 
VAL CA  C    sing N N 367 
VAL CA  CB   sing N N 368 
VAL CA  HA   sing N N 369 
VAL C   O    doub N N 370 
VAL C   OXT  sing N N 371 
VAL CB  CG1  sing N N 372 
VAL CB  CG2  sing N N 373 
VAL CB  HB   sing N N 374 
VAL CG1 HG11 sing N N 375 
VAL CG1 HG12 sing N N 376 
VAL CG1 HG13 sing N N 377 
VAL CG2 HG21 sing N N 378 
VAL CG2 HG22 sing N N 379 
VAL CG2 HG23 sing N N 380 
VAL OXT HXT  sing N N 381 
# 
_atom_sites.entry_id                    2IL5 
_atom_sites.fract_transf_matrix[1][1]   -0.00051418 
_atom_sites.fract_transf_matrix[1][2]   -0.00499624 
_atom_sites.fract_transf_matrix[1][3]   0.00948494 
_atom_sites.fract_transf_matrix[2][1]   0.00272782 
_atom_sites.fract_transf_matrix[2][2]   0.00522271 
_atom_sites.fract_transf_matrix[2][3]   0.00897104 
_atom_sites.fract_transf_matrix[3][1]   -0.02418666 
_atom_sites.fract_transf_matrix[3][2]   0.00781435 
_atom_sites.fract_transf_matrix[3][3]   0.00280510 
_atom_sites.fract_transf_vector[1]      0.251129 
_atom_sites.fract_transf_vector[2]      0.414477 
_atom_sites.fract_transf_vector[3]      0.041543 
# 
loop_
_atom_type.symbol 
C  
N  
NA 
O  
SE 
# 
loop_
_atom_site.group_PDB 
_atom_site.id 
_atom_site.type_symbol 
_atom_site.label_atom_id 
_atom_site.label_alt_id 
_atom_site.label_comp_id 
_atom_site.label_asym_id 
_atom_site.label_entity_id 
_atom_site.label_seq_id 
_atom_site.pdbx_PDB_ins_code 
_atom_site.Cartn_x 
_atom_site.Cartn_y 
_atom_site.Cartn_z 
_atom_site.occupancy 
_atom_site.B_iso_or_equiv 
_atom_site.pdbx_formal_charge 
_atom_site.auth_seq_id 
_atom_site.auth_comp_id 
_atom_site.auth_asym_id 
_atom_site.auth_atom_id 
_atom_site.pdbx_PDB_model_num 
ATOM   1    N  N   . ASN A 1 8   ? 4.391   6.331   22.969  1.00 61.02 ? 5   ASN A N   1 
ATOM   2    C  CA  . ASN A 1 8   ? 5.813   6.252   23.409  1.00 60.93 ? 5   ASN A CA  1 
ATOM   3    C  C   . ASN A 1 8   ? 6.611   7.382   22.752  1.00 61.06 ? 5   ASN A C   1 
ATOM   4    O  O   . ASN A 1 8   ? 6.817   7.387   21.551  1.00 61.17 ? 5   ASN A O   1 
ATOM   5    C  CB  . ASN A 1 8   ? 6.381   4.862   23.046  1.00 61.01 ? 5   ASN A CB  1 
ATOM   6    C  CG  . ASN A 1 8   ? 7.754   4.576   23.674  1.00 59.63 ? 5   ASN A CG  1 
ATOM   7    O  OD1 . ASN A 1 8   ? 8.404   5.464   24.230  1.00 59.44 ? 5   ASN A OD1 1 
ATOM   8    N  ND2 . ASN A 1 8   ? 8.203   3.318   23.561  1.00 56.99 ? 5   ASN A ND2 1 
ATOM   9    N  N   . VAL A 1 9   ? 7.073   8.350   23.535  1.00 61.75 ? 6   VAL A N   1 
ATOM   10   C  CA  . VAL A 1 9   ? 7.817   9.470   22.940  1.00 61.71 ? 6   VAL A CA  1 
ATOM   11   C  C   . VAL A 1 9   ? 9.024   9.012   22.085  1.00 61.00 ? 6   VAL A C   1 
ATOM   12   O  O   . VAL A 1 9   ? 9.574   9.809   21.318  1.00 61.87 ? 6   VAL A O   1 
ATOM   13   C  CB  . VAL A 1 9   ? 8.200   10.579  23.987  1.00 61.95 ? 6   VAL A CB  1 
ATOM   14   C  CG1 . VAL A 1 9   ? 9.128   10.044  25.104  1.00 62.71 ? 6   VAL A CG1 1 
ATOM   15   C  CG2 . VAL A 1 9   ? 8.790   11.824  23.286  1.00 62.58 ? 6   VAL A CG2 1 
ATOM   16   N  N   . GLU A 1 10  ? 9.376   7.720   22.172  1.00 59.37 ? 7   GLU A N   1 
ATOM   17   C  CA  . GLU A 1 10  ? 10.652  7.199   21.658  1.00 56.88 ? 7   GLU A CA  1 
ATOM   18   C  C   . GLU A 1 10  ? 10.558  6.407   20.335  1.00 55.16 ? 7   GLU A C   1 
ATOM   19   O  O   . GLU A 1 10  ? 11.576  6.086   19.726  1.00 54.60 ? 7   GLU A O   1 
ATOM   20   C  CB  . GLU A 1 10  ? 11.377  6.411   22.761  1.00 56.77 ? 7   GLU A CB  1 
ATOM   21   C  CG  . GLU A 1 10  ? 11.856  7.308   23.911  1.00 57.73 ? 7   GLU A CG  1 
ATOM   22   C  CD  . GLU A 1 10  ? 12.717  6.587   24.948  1.00 59.28 ? 7   GLU A CD  1 
ATOM   23   O  OE1 . GLU A 1 10  ? 13.220  5.476   24.667  1.00 60.63 ? 7   GLU A OE1 1 
ATOM   24   O  OE2 . GLU A 1 10  ? 12.898  7.140   26.054  1.00 59.99 ? 7   GLU A OE2 1 
ATOM   25   N  N   . ASN A 1 11  ? 9.336   6.102   19.915  1.00 52.80 ? 8   ASN A N   1 
ATOM   26   C  CA  . ASN A 1 11  ? 9.083   5.419   18.663  1.00 51.47 ? 8   ASN A CA  1 
ATOM   27   C  C   . ASN A 1 11  ? 9.296   6.374   17.509  1.00 50.19 ? 8   ASN A C   1 
ATOM   28   O  O   . ASN A 1 11  ? 8.807   7.514   17.559  1.00 50.84 ? 8   ASN A O   1 
ATOM   29   C  CB  . ASN A 1 11  ? 7.654   4.912   18.612  1.00 51.70 ? 8   ASN A CB  1 
ATOM   30   C  CG  . ASN A 1 11  ? 7.390   3.743   19.565  1.00 54.35 ? 8   ASN A CG  1 
ATOM   31   O  OD1 . ASN A 1 11  ? 8.303   3.160   20.170  1.00 53.07 ? 8   ASN A OD1 1 
ATOM   32   N  ND2 . ASN A 1 11  ? 6.114   3.391   19.688  1.00 57.87 ? 8   ASN A ND2 1 
ATOM   33   N  N   . GLU A 1 12  ? 10.023  5.916   16.484  1.00 47.47 ? 9   GLU A N   1 
ATOM   34   C  CA  . GLU A 1 12  ? 10.352  6.738   15.314  1.00 44.76 ? 9   GLU A CA  1 
ATOM   35   C  C   . GLU A 1 12  ? 9.761   6.085   14.095  1.00 42.70 ? 9   GLU A C   1 
ATOM   36   O  O   . GLU A 1 12  ? 9.436   4.901   14.126  1.00 40.93 ? 9   GLU A O   1 
ATOM   37   C  CB  . GLU A 1 12  ? 11.868  6.877   15.112  1.00 44.48 ? 9   GLU A CB  1 
ATOM   38   C  CG  . GLU A 1 12  ? 12.593  7.540   16.249  1.00 46.92 ? 9   GLU A CG  1 
ATOM   39   C  CD  . GLU A 1 12  ? 14.090  7.223   16.260  1.00 51.15 ? 9   GLU A CD  1 
ATOM   40   O  OE1 . GLU A 1 12  ? 14.638  6.759   15.239  1.00 51.83 ? 9   GLU A OE1 1 
ATOM   41   O  OE2 . GLU A 1 12  ? 14.734  7.451   17.304  1.00 55.51 ? 9   GLU A OE2 1 
ATOM   42   N  N   . HIS A 1 13  ? 9.646   6.881   13.029  1.00 41.06 ? 10  HIS A N   1 
ATOM   43   C  CA  . HIS A 1 13  ? 9.047   6.474   11.786  1.00 40.81 ? 10  HIS A CA  1 
ATOM   44   C  C   . HIS A 1 13  ? 10.086  5.903   10.841  1.00 40.12 ? 10  HIS A C   1 
ATOM   45   O  O   . HIS A 1 13  ? 11.203  6.374   10.793  1.00 39.97 ? 10  HIS A O   1 
ATOM   46   C  CB  . HIS A 1 13  ? 8.401   7.682   11.101  1.00 41.05 ? 10  HIS A CB  1 
ATOM   47   C  CG  . HIS A 1 13  ? 7.224   8.253   11.844  1.00 44.24 ? 10  HIS A CG  1 
ATOM   48   N  ND1 . HIS A 1 13  ? 5.962   7.693   11.795  1.00 47.67 ? 10  HIS A ND1 1 
ATOM   49   C  CD2 . HIS A 1 13  ? 7.106   9.368   12.602  1.00 48.19 ? 10  HIS A CD2 1 
ATOM   50   C  CE1 . HIS A 1 13  ? 5.131   8.416   12.522  1.00 47.08 ? 10  HIS A CE1 1 
ATOM   51   N  NE2 . HIS A 1 13  ? 5.797   9.442   13.017  1.00 49.12 ? 10  HIS A NE2 1 
ATOM   52   N  N   . VAL A 1 14  ? 9.722   4.880   10.082  1.00 40.02 ? 11  VAL A N   1 
ATOM   53   C  CA  . VAL A 1 14  ? 10.421  4.673   8.841   1.00 40.10 ? 11  VAL A CA  1 
ATOM   54   C  C   . VAL A 1 14  ? 9.564   5.209   7.681   1.00 39.82 ? 11  VAL A C   1 
ATOM   55   O  O   . VAL A 1 14  ? 8.328   5.172   7.729   1.00 39.40 ? 11  VAL A O   1 
ATOM   56   C  CB  . VAL A 1 14  ? 10.959  3.233   8.618   1.00 39.95 ? 11  VAL A CB  1 
ATOM   57   C  CG1 . VAL A 1 14  ? 11.755  2.755   9.853   1.00 40.63 ? 11  VAL A CG1 1 
ATOM   58   C  CG2 . VAL A 1 14  ? 9.887   2.300   8.304   1.00 40.94 ? 11  VAL A CG2 1 
ATOM   59   N  N   . GLU A 1 15  ? 10.269  5.685   6.655   1.00 39.40 ? 12  GLU A N   1 
ATOM   60   C  CA  . GLU A 1 15  ? 9.681   6.193   5.471   1.00 40.22 ? 12  GLU A CA  1 
ATOM   61   C  C   . GLU A 1 15  ? 10.180  5.464   4.245   1.00 41.25 ? 12  GLU A C   1 
ATOM   62   O  O   . GLU A 1 15  ? 11.380  5.296   4.054   1.00 41.87 ? 12  GLU A O   1 
ATOM   63   C  CB  . GLU A 1 15  ? 9.940   7.707   5.374   1.00 38.94 ? 12  GLU A CB  1 
ATOM   64   C  CG  . GLU A 1 15  ? 9.296   8.431   6.528   1.00 37.27 ? 12  GLU A CG  1 
ATOM   65   C  CD  . GLU A 1 15  ? 9.617   9.887   6.582   1.00 39.30 ? 12  GLU A CD  1 
ATOM   66   O  OE1 . GLU A 1 15  ? 10.763  10.238  6.893   1.00 39.85 ? 12  GLU A OE1 1 
ATOM   67   O  OE2 . GLU A 1 15  ? 8.711   10.708  6.328   1.00 39.91 ? 12  GLU A OE2 1 
ATOM   68   N  N   . VAL A 1 16  ? 9.237   5.077   3.395   1.00 41.40 ? 13  VAL A N   1 
ATOM   69   C  CA  . VAL A 1 16  ? 9.532   4.399   2.157   1.00 41.74 ? 13  VAL A CA  1 
ATOM   70   C  C   . VAL A 1 16  ? 9.121   5.310   1.000   1.00 43.09 ? 13  VAL A C   1 
ATOM   71   O  O   . VAL A 1 16  ? 8.031   5.852   0.979   1.00 42.77 ? 13  VAL A O   1 
ATOM   72   C  CB  . VAL A 1 16  ? 8.869   2.959   2.138   1.00 41.36 ? 13  VAL A CB  1 
ATOM   73   C  CG1 . VAL A 1 16  ? 8.901   2.336   0.764   1.00 40.46 ? 13  VAL A CG1 1 
ATOM   74   C  CG2 . VAL A 1 16  ? 9.584   2.024   3.178   1.00 39.26 ? 13  VAL A CG2 1 
ATOM   75   N  N   . GLU A 1 17  ? 10.032  5.496   0.050   1.00 44.92 ? 14  GLU A N   1 
ATOM   76   C  CA  . GLU A 1 17  ? 9.777   6.342   -1.095  1.00 45.71 ? 14  GLU A CA  1 
ATOM   77   C  C   . GLU A 1 17  ? 10.054  5.516   -2.312  1.00 45.98 ? 14  GLU A C   1 
ATOM   78   O  O   . GLU A 1 17  ? 11.166  5.039   -2.494  1.00 45.27 ? 14  GLU A O   1 
ATOM   79   C  CB  . GLU A 1 17  ? 10.667  7.584   -1.068  1.00 45.64 ? 14  GLU A CB  1 
ATOM   80   C  CG  . GLU A 1 17  ? 10.281  8.571   0.047   1.00 46.48 ? 14  GLU A CG  1 
ATOM   81   C  CD  . GLU A 1 17  ? 11.200  9.756   0.088   1.00 45.84 ? 14  GLU A CD  1 
ATOM   82   O  OE1 . GLU A 1 17  ? 12.381  9.564   0.455   1.00 49.14 ? 14  GLU A OE1 1 
ATOM   83   O  OE2 . GLU A 1 17  ? 10.754  10.873  -0.251  1.00 45.47 ? 14  GLU A OE2 1 
ATOM   84   N  N   . ILE A 1 18  ? 9.030   5.329   -3.131  1.00 46.12 ? 15  ILE A N   1 
ATOM   85   C  CA  . ILE A 1 18  ? 9.163   4.527   -4.351  1.00 46.21 ? 15  ILE A CA  1 
ATOM   86   C  C   . ILE A 1 18  ? 8.662   5.289   -5.582  1.00 46.78 ? 15  ILE A C   1 
ATOM   87   O  O   . ILE A 1 18  ? 7.574   5.854   -5.567  1.00 46.75 ? 15  ILE A O   1 
ATOM   88   C  CB  . ILE A 1 18  ? 8.463   3.121   -4.234  1.00 46.18 ? 15  ILE A CB  1 
ATOM   89   C  CG1 . ILE A 1 18  ? 9.141   2.263   -3.141  1.00 44.49 ? 15  ILE A CG1 1 
ATOM   90   C  CG2 . ILE A 1 18  ? 8.470   2.415   -5.607  1.00 45.05 ? 15  ILE A CG2 1 
ATOM   91   C  CD1 . ILE A 1 18  ? 8.518   0.894   -2.898  1.00 40.33 ? 15  ILE A CD1 1 
ATOM   92   N  N   . GLU A 1 19  ? 9.482   5.327   -6.630  1.00 48.34 ? 16  GLU A N   1 
ATOM   93   C  CA  . GLU A 1 19  ? 9.064   5.865   -7.935  1.00 49.26 ? 16  GLU A CA  1 
ATOM   94   C  C   . GLU A 1 19  ? 8.944   4.735   -8.964  1.00 49.14 ? 16  GLU A C   1 
ATOM   95   O  O   . GLU A 1 19  ? 9.887   3.957   -9.149  1.00 48.83 ? 16  GLU A O   1 
ATOM   96   C  CB  . GLU A 1 19  ? 10.048  6.925   -8.451  1.00 49.35 ? 16  GLU A CB  1 
ATOM   97   C  CG  . GLU A 1 19  ? 9.724   7.382   -9.867  1.00 53.27 ? 16  GLU A CG  1 
ATOM   98   C  CD  . GLU A 1 19  ? 10.683  8.422   -10.414 1.00 57.67 ? 16  GLU A CD  1 
ATOM   99   O  OE1 . GLU A 1 19  ? 11.773  8.628   -9.840  1.00 59.54 ? 16  GLU A OE1 1 
ATOM   100  O  OE2 . GLU A 1 19  ? 10.335  9.041   -11.433 1.00 60.04 ? 16  GLU A OE2 1 
ATOM   101  N  N   . LYS A 1 20  ? 7.779   4.636   -9.606  1.00 49.12 ? 17  LYS A N   1 
ATOM   102  C  CA  . LYS A 1 20  ? 7.596   3.728   -10.754 1.00 49.23 ? 17  LYS A CA  1 
ATOM   103  C  C   . LYS A 1 20  ? 7.156   4.478   -12.012 1.00 48.70 ? 17  LYS A C   1 
ATOM   104  O  O   . LYS A 1 20  ? 6.323   5.381   -11.938 1.00 47.90 ? 17  LYS A O   1 
ATOM   105  C  CB  . LYS A 1 20  ? 6.554   2.667   -10.439 1.00 49.44 ? 17  LYS A CB  1 
ATOM   106  C  CG  . LYS A 1 20  ? 6.936   1.714   -9.328  1.00 53.03 ? 17  LYS A CG  1 
ATOM   107  C  CD  . LYS A 1 20  ? 8.087   0.861   -9.774  1.00 55.90 ? 17  LYS A CD  1 
ATOM   108  C  CE  . LYS A 1 20  ? 8.579   0.001   -8.644  1.00 57.34 ? 17  LYS A CE  1 
ATOM   109  N  NZ  . LYS A 1 20  ? 9.638   -0.913  -9.167  1.00 57.51 ? 17  LYS A NZ  1 
ATOM   110  N  N   . LEU A 1 21  ? 7.721   4.083   -13.155 1.00 48.88 ? 18  LEU A N   1 
ATOM   111  C  CA  . LEU A 1 21  ? 7.326   4.583   -14.497 1.00 48.83 ? 18  LEU A CA  1 
ATOM   112  C  C   . LEU A 1 21  ? 6.615   3.472   -15.297 1.00 48.84 ? 18  LEU A C   1 
ATOM   113  O  O   . LEU A 1 21  ? 7.174   2.414   -15.539 1.00 47.80 ? 18  LEU A O   1 
ATOM   114  C  CB  . LEU A 1 21  ? 8.544   5.088   -15.280 1.00 48.33 ? 18  LEU A CB  1 
ATOM   115  C  CG  . LEU A 1 21  ? 9.347   6.274   -14.712 1.00 48.79 ? 18  LEU A CG  1 
ATOM   116  C  CD1 . LEU A 1 21  ? 10.603  6.527   -15.556 1.00 49.58 ? 18  LEU A CD1 1 
ATOM   117  C  CD2 . LEU A 1 21  ? 8.545   7.552   -14.633 1.00 46.72 ? 18  LEU A CD2 1 
ATOM   118  N  N   . TYR A 1 22  ? 5.357   3.716   -15.661 1.00 49.33 ? 19  TYR A N   1 
ATOM   119  C  CA  . TYR A 1 22  ? 4.572   2.756   -16.424 1.00 49.12 ? 19  TYR A CA  1 
ATOM   120  C  C   . TYR A 1 22  ? 4.177   3.374   -17.735 1.00 49.22 ? 19  TYR A C   1 
ATOM   121  O  O   . TYR A 1 22  ? 4.108   4.599   -17.842 1.00 49.48 ? 19  TYR A O   1 
ATOM   122  C  CB  . TYR A 1 22  ? 3.307   2.362   -15.664 1.00 48.85 ? 19  TYR A CB  1 
ATOM   123  C  CG  . TYR A 1 22  ? 3.583   1.752   -14.328 1.00 50.19 ? 19  TYR A CG  1 
ATOM   124  C  CD1 . TYR A 1 22  ? 3.160   2.378   -13.141 1.00 49.96 ? 19  TYR A CD1 1 
ATOM   125  C  CD2 . TYR A 1 22  ? 4.310   0.557   -14.235 1.00 49.87 ? 19  TYR A CD2 1 
ATOM   126  C  CE1 . TYR A 1 22  ? 3.438   1.804   -11.900 1.00 49.71 ? 19  TYR A CE1 1 
ATOM   127  C  CE2 . TYR A 1 22  ? 4.587   -0.016  -13.021 1.00 50.20 ? 19  TYR A CE2 1 
ATOM   128  C  CZ  . TYR A 1 22  ? 4.149   0.611   -11.847 1.00 50.26 ? 19  TYR A CZ  1 
ATOM   129  O  OH  . TYR A 1 22  ? 4.436   0.004   -10.648 1.00 49.61 ? 19  TYR A OH  1 
ATOM   130  N  N   . LYS A 1 23  ? 3.905   2.512   -18.711 1.00 49.10 ? 20  LYS A N   1 
ATOM   131  C  CA  . LYS A 1 23  ? 3.329   2.902   -19.989 1.00 49.86 ? 20  LYS A CA  1 
ATOM   132  C  C   . LYS A 1 23  ? 1.819   3.185   -19.889 1.00 49.72 ? 20  LYS A C   1 
ATOM   133  O  O   . LYS A 1 23  ? 1.250   3.869   -20.736 1.00 49.90 ? 20  LYS A O   1 
ATOM   134  C  CB  . LYS A 1 23  ? 3.567   1.793   -21.027 1.00 50.00 ? 20  LYS A CB  1 
ATOM   135  C  CG  . LYS A 1 23  ? 2.851   0.488   -20.651 1.00 50.80 ? 20  LYS A CG  1 
ATOM   136  C  CD  . LYS A 1 23  ? 3.076   -0.622  -21.635 1.00 53.47 ? 20  LYS A CD  1 
ATOM   137  C  CE  . LYS A 1 23  ? 2.553   -1.919  -21.056 1.00 54.66 ? 20  LYS A CE  1 
ATOM   138  N  NZ  . LYS A 1 23  ? 3.277   -3.102  -21.605 1.00 57.31 ? 20  LYS A NZ  1 
ATOM   139  N  N   . PHE A 1 24  ? 1.168   2.618   -18.881 1.00 49.67 ? 21  PHE A N   1 
ATOM   140  C  CA  . PHE A 1 24  ? -0.270  2.826   -18.665 1.00 49.59 ? 21  PHE A CA  1 
ATOM   141  C  C   . PHE A 1 24  ? -0.620  4.282   -18.397 1.00 48.55 ? 21  PHE A C   1 
ATOM   142  O  O   . PHE A 1 24  ? 0.194   4.988   -17.834 1.00 47.82 ? 21  PHE A O   1 
ATOM   143  C  CB  . PHE A 1 24  ? -0.717  2.019   -17.455 1.00 50.32 ? 21  PHE A CB  1 
ATOM   144  C  CG  . PHE A 1 24  ? -0.347  0.591   -17.524 1.00 51.92 ? 21  PHE A CG  1 
ATOM   145  C  CD1 . PHE A 1 24  ? -0.802  -0.205  -18.571 1.00 54.98 ? 21  PHE A CD1 1 
ATOM   146  C  CD2 . PHE A 1 24  ? 0.453   0.026   -16.544 1.00 53.33 ? 21  PHE A CD2 1 
ATOM   147  C  CE1 . PHE A 1 24  ? -0.447  -1.563  -18.636 1.00 56.14 ? 21  PHE A CE1 1 
ATOM   148  C  CE2 . PHE A 1 24  ? 0.804   -1.319  -16.599 1.00 53.48 ? 21  PHE A CE2 1 
ATOM   149  C  CZ  . PHE A 1 24  ? 0.352   -2.111  -17.636 1.00 54.23 ? 21  PHE A CZ  1 
ATOM   150  N  N   . SER A 1 25  ? -1.828  4.701   -18.796 1.00 47.55 ? 22  SER A N   1 
ATOM   151  C  CA  . SER A 1 25  ? -2.387  6.022   -18.446 1.00 46.87 ? 22  SER A CA  1 
ATOM   152  C  C   . SER A 1 25  ? -2.584  6.209   -16.909 1.00 46.22 ? 22  SER A C   1 
ATOM   153  O  O   . SER A 1 25  ? -2.816  5.219   -16.191 1.00 46.14 ? 22  SER A O   1 
ATOM   154  C  CB  . SER A 1 25  ? -3.711  6.258   -19.182 1.00 46.68 ? 22  SER A CB  1 
ATOM   155  O  OG  . SER A 1 25  ? -4.753  5.485   -18.611 1.00 46.80 ? 22  SER A OG  1 
ATOM   156  N  N   . PRO A 1 26  ? -2.461  7.465   -16.400 1.00 45.17 ? 23  PRO A N   1 
ATOM   157  C  CA  . PRO A 1 26  ? -2.684  7.733   -14.961 1.00 44.87 ? 23  PRO A CA  1 
ATOM   158  C  C   . PRO A 1 26  ? -4.005  7.178   -14.487 1.00 44.24 ? 23  PRO A C   1 
ATOM   159  O  O   . PRO A 1 26  ? -4.083  6.596   -13.421 1.00 44.34 ? 23  PRO A O   1 
ATOM   160  C  CB  . PRO A 1 26  ? -2.687  9.266   -14.884 1.00 44.53 ? 23  PRO A CB  1 
ATOM   161  C  CG  . PRO A 1 26  ? -1.750  9.662   -15.946 1.00 44.92 ? 23  PRO A CG  1 
ATOM   162  C  CD  . PRO A 1 26  ? -2.036  8.687   -17.103 1.00 44.57 ? 23  PRO A CD  1 
ATOM   163  N  N   . GLU A 1 27  ? -5.031  7.376   -15.293 1.00 44.02 ? 24  GLU A N   1 
ATOM   164  C  CA  . GLU A 1 27  ? -6.324  6.754   -15.099 1.00 43.99 ? 24  GLU A CA  1 
ATOM   165  C  C   . GLU A 1 27  ? -6.324  5.240   -14.867 1.00 43.53 ? 24  GLU A C   1 
ATOM   166  O  O   . GLU A 1 27  ? -7.109  4.747   -14.058 1.00 43.83 ? 24  GLU A O   1 
ATOM   167  C  CB  . GLU A 1 27  ? -7.206  7.039   -16.307 1.00 43.40 ? 24  GLU A CB  1 
ATOM   168  C  CG  . GLU A 1 27  ? -8.262  5.968   -16.524 1.00 44.59 ? 24  GLU A CG  1 
ATOM   169  C  CD  . GLU A 1 27  ? -9.349  6.385   -17.459 1.00 47.90 ? 24  GLU A CD  1 
ATOM   170  O  OE1 . GLU A 1 27  ? -9.037  6.790   -18.602 1.00 48.62 ? 24  GLU A OE1 1 
ATOM   171  O  OE2 . GLU A 1 27  ? -10.521 6.279   -17.051 1.00 49.81 ? 24  GLU A OE2 1 
ATOM   172  N  N   . LEU A 1 28  ? -5.515  4.503   -15.635 1.00 43.40 ? 25  LEU A N   1 
ATOM   173  C  CA  . LEU A 1 28  ? -5.421  3.036   -15.465 1.00 42.89 ? 25  LEU A CA  1 
ATOM   174  C  C   . LEU A 1 28  ? -4.702  2.654   -14.172 1.00 42.98 ? 25  LEU A C   1 
ATOM   175  O  O   . LEU A 1 28  ? -5.134  1.736   -13.480 1.00 42.93 ? 25  LEU A O   1 
ATOM   176  C  CB  . LEU A 1 28  ? -4.793  2.342   -16.675 1.00 42.23 ? 25  LEU A CB  1 
ATOM   177  C  CG  . LEU A 1 28  ? -5.701  2.173   -17.912 1.00 41.68 ? 25  LEU A CG  1 
ATOM   178  C  CD1 . LEU A 1 28  ? -4.922  1.483   -18.992 1.00 40.13 ? 25  LEU A CD1 1 
ATOM   179  C  CD2 . LEU A 1 28  ? -7.024  1.415   -17.643 1.00 40.52 ? 25  LEU A CD2 1 
ATOM   180  N  N   . VAL A 1 29  ? -3.622  3.366   -13.848 1.00 42.71 ? 26  VAL A N   1 
ATOM   181  C  CA  . VAL A 1 29  ? -2.936  3.169   -12.573 1.00 42.55 ? 26  VAL A CA  1 
ATOM   182  C  C   . VAL A 1 29  ? -3.772  3.610   -11.361 1.00 42.67 ? 26  VAL A C   1 
ATOM   183  O  O   . VAL A 1 29  ? -3.808  2.908   -10.347 1.00 43.63 ? 26  VAL A O   1 
ATOM   184  C  CB  . VAL A 1 29  ? -1.541  3.826   -12.553 1.00 42.62 ? 26  VAL A CB  1 
ATOM   185  C  CG1 . VAL A 1 29  ? -0.819  3.467   -11.249 1.00 40.74 ? 26  VAL A CG1 1 
ATOM   186  C  CG2 . VAL A 1 29  ? -0.732  3.322   -13.759 1.00 41.35 ? 26  VAL A CG2 1 
ATOM   187  N  N   . TYR A 1 30  ? -4.452  4.750   -11.475 1.00 42.50 ? 27  TYR A N   1 
ATOM   188  C  CA  . TYR A 1 30  ? -5.287  5.280   -10.392 1.00 42.17 ? 27  TYR A CA  1 
ATOM   189  C  C   . TYR A 1 30  ? -6.414  4.312   -10.099 1.00 42.66 ? 27  TYR A C   1 
ATOM   190  O  O   . TYR A 1 30  ? -6.717  4.051   -8.953  1.00 43.62 ? 27  TYR A O   1 
ATOM   191  C  CB  . TYR A 1 30  ? -5.826  6.675   -10.744 1.00 40.92 ? 27  TYR A CB  1 
ATOM   192  C  CG  . TYR A 1 30  ? -6.751  7.299   -9.703  1.00 41.21 ? 27  TYR A CG  1 
ATOM   193  C  CD1 . TYR A 1 30  ? -8.158  7.202   -9.825  1.00 42.51 ? 27  TYR A CD1 1 
ATOM   194  C  CD2 . TYR A 1 30  ? -6.229  8.020   -8.611  1.00 38.12 ? 27  TYR A CD2 1 
ATOM   195  C  CE1 . TYR A 1 30  ? -9.011  7.763   -8.873  1.00 41.71 ? 27  TYR A CE1 1 
ATOM   196  C  CE2 . TYR A 1 30  ? -7.065  8.582   -7.651  1.00 37.45 ? 27  TYR A CE2 1 
ATOM   197  C  CZ  . TYR A 1 30  ? -8.450  8.461   -7.777  1.00 42.28 ? 27  TYR A CZ  1 
ATOM   198  O  OH  . TYR A 1 30  ? -9.272  9.060   -6.821  1.00 40.98 ? 27  TYR A OH  1 
ATOM   199  N  N   . GLU A 1 31  ? -7.043  3.795   -11.144 1.00 43.43 ? 28  GLU A N   1 
ATOM   200  C  CA  . GLU A 1 31  ? -8.076  2.777   -11.015 1.00 44.29 ? 28  GLU A CA  1 
ATOM   201  C  C   . GLU A 1 31  ? -7.640  1.553   -10.177 1.00 44.29 ? 28  GLU A C   1 
ATOM   202  O  O   . GLU A 1 31  ? -8.434  1.038   -9.368  1.00 44.93 ? 28  GLU A O   1 
ATOM   203  C  CB  . GLU A 1 31  ? -8.534  2.327   -12.405 1.00 44.25 ? 28  GLU A CB  1 
ATOM   204  C  CG  . GLU A 1 31  ? -9.818  1.478   -12.415 1.00 46.58 ? 28  GLU A CG  1 
ATOM   205  C  CD  . GLU A 1 31  ? -10.327 1.120   -13.844 1.00 48.80 ? 28  GLU A CD  1 
ATOM   206  O  OE1 . GLU A 1 31  ? -9.585  0.522   -14.659 1.00 48.44 ? 28  GLU A OE1 1 
ATOM   207  O  OE2 . GLU A 1 31  ? -11.498 1.425   -14.136 1.00 50.55 ? 28  GLU A OE2 1 
ATOM   208  N  N   . ALA A 1 32  ? -6.401  1.087   -10.372 1.00 43.73 ? 29  ALA A N   1 
ATOM   209  C  CA  . ALA A 1 32  ? -5.856  -0.067  -9.619  1.00 43.10 ? 29  ALA A CA  1 
ATOM   210  C  C   . ALA A 1 32  ? -5.983  0.095   -8.107  1.00 43.26 ? 29  ALA A C   1 
ATOM   211  O  O   . ALA A 1 32  ? -6.167  -0.898  -7.391  1.00 42.91 ? 29  ALA A O   1 
ATOM   212  C  CB  . ALA A 1 32  ? -4.401  -0.308  -10.005 1.00 43.16 ? 29  ALA A CB  1 
ATOM   213  N  N   . TRP A 1 33  ? -5.925  1.366   -7.656  1.00 43.30 ? 30  TRP A N   1 
ATOM   214  C  CA  . TRP A 1 33  ? -5.861  1.782   -6.258  1.00 43.43 ? 30  TRP A CA  1 
ATOM   215  C  C   . TRP A 1 33  ? -7.230  2.024   -5.676  1.00 43.68 ? 30  TRP A C   1 
ATOM   216  O  O   . TRP A 1 33  ? -7.365  2.170   -4.466  1.00 42.88 ? 30  TRP A O   1 
ATOM   217  C  CB  . TRP A 1 33  ? -5.034  3.084   -6.081  1.00 41.48 ? 30  TRP A CB  1 
ATOM   218  C  CG  . TRP A 1 33  ? -3.508  2.867   -6.106  1.00 41.35 ? 30  TRP A CG  1 
ATOM   219  C  CD1 . TRP A 1 33  ? -2.693  2.794   -7.227  1.00 39.44 ? 30  TRP A CD1 1 
ATOM   220  C  CD2 . TRP A 1 33  ? -2.638  2.717   -4.972  1.00 39.21 ? 30  TRP A CD2 1 
ATOM   221  N  NE1 . TRP A 1 33  ? -1.375  2.613   -6.844  1.00 39.56 ? 30  TRP A NE1 1 
ATOM   222  C  CE2 . TRP A 1 33  ? -1.314  2.554   -5.471  1.00 40.79 ? 30  TRP A CE2 1 
ATOM   223  C  CE3 . TRP A 1 33  ? -2.841  2.696   -3.580  1.00 37.57 ? 30  TRP A CE3 1 
ATOM   224  C  CZ2 . TRP A 1 33  ? -0.195  2.383   -4.611  1.00 39.85 ? 30  TRP A CZ2 1 
ATOM   225  C  CZ3 . TRP A 1 33  ? -1.716  2.507   -2.724  1.00 37.45 ? 30  TRP A CZ3 1 
ATOM   226  C  CH2 . TRP A 1 33  ? -0.428  2.348   -3.245  1.00 37.96 ? 30  TRP A CH2 1 
ATOM   227  N  N   . THR A 1 34  ? -8.238  2.086   -6.541  1.00 44.26 ? 31  THR A N   1 
ATOM   228  C  CA  . THR A 1 34  ? -9.526  2.649   -6.125  1.00 44.80 ? 31  THR A CA  1 
ATOM   229  C  C   . THR A 1 34  ? -10.691 1.816   -6.573  1.00 44.75 ? 31  THR A C   1 
ATOM   230  O  O   . THR A 1 34  ? -11.848 2.161   -6.315  1.00 44.66 ? 31  THR A O   1 
ATOM   231  C  CB  . THR A 1 34  ? -9.722  4.119   -6.614  1.00 44.58 ? 31  THR A CB  1 
ATOM   232  O  OG1 . THR A 1 34  ? -9.562  4.167   -8.023  1.00 44.11 ? 31  THR A OG1 1 
ATOM   233  C  CG2 . THR A 1 34  ? -8.726  5.072   -5.925  1.00 44.28 ? 31  THR A CG2 1 
ATOM   234  N  N   . LYS A 1 35  ? -10.376 0.718   -7.244  1.00 45.26 ? 32  LYS A N   1 
ATOM   235  C  CA  . LYS A 1 35  ? -11.372 -0.267  -7.591  1.00 46.03 ? 32  LYS A CA  1 
ATOM   236  C  C   . LYS A 1 35  ? -11.202 -1.589  -6.874  1.00 46.11 ? 32  LYS A C   1 
ATOM   237  O  O   . LYS A 1 35  ? -10.194 -2.285  -7.051  1.00 46.73 ? 32  LYS A O   1 
ATOM   238  C  CB  . LYS A 1 35  ? -11.410 -0.484  -9.102  1.00 46.60 ? 32  LYS A CB  1 
ATOM   239  C  CG  . LYS A 1 35  ? -12.688 0.044   -9.722  1.00 50.45 ? 32  LYS A CG  1 
ATOM   240  C  CD  . LYS A 1 35  ? -13.900 -0.747  -9.142  1.00 56.22 ? 32  LYS A CD  1 
ATOM   241  C  CE  . LYS A 1 35  ? -13.874 -2.248  -9.540  1.00 57.42 ? 32  LYS A CE  1 
ATOM   242  N  NZ  . LYS A 1 35  ? -14.640 -3.162  -8.616  1.00 57.29 ? 32  LYS A NZ  1 
ATOM   243  N  N   . LYS A 1 36  ? -12.226 -1.935  -6.096  1.00 46.26 ? 33  LYS A N   1 
ATOM   244  C  CA  . LYS A 1 36  ? -12.306 -3.171  -5.297  1.00 46.05 ? 33  LYS A CA  1 
ATOM   245  C  C   . LYS A 1 36  ? -11.841 -4.464  -5.978  1.00 45.73 ? 33  LYS A C   1 
ATOM   246  O  O   . LYS A 1 36  ? -11.025 -5.214  -5.436  1.00 45.27 ? 33  LYS A O   1 
ATOM   247  C  CB  . LYS A 1 36  ? -13.745 -3.367  -4.846  1.00 46.10 ? 33  LYS A CB  1 
ATOM   248  C  CG  . LYS A 1 36  ? -13.884 -4.021  -3.512  1.00 46.97 ? 33  LYS A CG  1 
ATOM   249  C  CD  . LYS A 1 36  ? -15.055 -4.941  -3.489  1.00 48.03 ? 33  LYS A CD  1 
ATOM   250  C  CE  . LYS A 1 36  ? -16.342 -4.195  -3.653  1.00 49.72 ? 33  LYS A CE  1 
ATOM   251  N  NZ  . LYS A 1 36  ? -17.362 -5.108  -4.180  1.00 50.61 ? 33  LYS A NZ  1 
ATOM   252  N  N   . ASP A 1 37  ? -12.361 -4.731  -7.166  1.00 46.09 ? 34  ASP A N   1 
ATOM   253  C  CA  A ASP A 1 37  ? -12.104 -6.020  -7.777  0.50 46.01 ? 34  ASP A CA  1 
ATOM   254  C  CA  B ASP A 1 37  ? -12.124 -6.006  -7.847  0.50 45.93 ? 34  ASP A CA  1 
ATOM   255  C  C   . ASP A 1 37  ? -10.748 -6.044  -8.485  1.00 45.93 ? 34  ASP A C   1 
ATOM   256  O  O   . ASP A 1 37  ? -10.297 -7.103  -8.953  1.00 45.68 ? 34  ASP A O   1 
ATOM   257  C  CB  A ASP A 1 37  ? -13.299 -6.437  -8.641  0.50 46.60 ? 34  ASP A CB  1 
ATOM   258  C  CB  B ASP A 1 37  ? -13.273 -6.389  -8.828  0.50 46.43 ? 34  ASP A CB  1 
ATOM   259  C  CG  A ASP A 1 37  ? -14.618 -6.354  -7.864  0.50 47.27 ? 34  ASP A CG  1 
ATOM   260  C  CG  B ASP A 1 37  ? -13.202 -5.678  -10.197 0.50 46.86 ? 34  ASP A CG  1 
ATOM   261  O  OD1 A ASP A 1 37  ? -14.721 -7.000  -6.790  0.50 47.73 ? 34  ASP A OD1 1 
ATOM   262  O  OD1 B ASP A 1 37  ? -12.527 -4.636  -10.347 0.50 45.55 ? 34  ASP A OD1 1 
ATOM   263  O  OD2 A ASP A 1 37  ? -15.525 -5.613  -8.303  0.50 47.94 ? 34  ASP A OD2 1 
ATOM   264  O  OD2 B ASP A 1 37  ? -13.864 -6.181  -11.139 0.50 47.95 ? 34  ASP A OD2 1 
ATOM   265  N  N   . LEU A 1 38  ? -10.101 -4.874  -8.505  1.00 45.69 ? 35  LEU A N   1 
ATOM   266  C  CA  . LEU A 1 38  ? -8.708  -4.745  -8.887  1.00 45.73 ? 35  LEU A CA  1 
ATOM   267  C  C   . LEU A 1 38  ? -7.809  -4.820  -7.632  1.00 45.70 ? 35  LEU A C   1 
ATOM   268  O  O   . LEU A 1 38  ? -6.863  -5.601  -7.603  1.00 45.72 ? 35  LEU A O   1 
ATOM   269  C  CB  . LEU A 1 38  ? -8.452  -3.444  -9.664  1.00 45.60 ? 35  LEU A CB  1 
ATOM   270  C  CG  . LEU A 1 38  ? -9.173  -3.259  -10.995 1.00 45.86 ? 35  LEU A CG  1 
ATOM   271  C  CD1 . LEU A 1 38  ? -8.681  -2.002  -11.704 1.00 44.07 ? 35  LEU A CD1 1 
ATOM   272  C  CD2 . LEU A 1 38  ? -9.044  -4.498  -11.901 1.00 44.04 ? 35  LEU A CD2 1 
ATOM   273  N  N   . LEU A 1 39  ? -8.128  -4.041  -6.598  1.00 45.13 ? 36  LEU A N   1 
ATOM   274  C  CA  . LEU A 1 39  ? -7.382  -4.067  -5.336  1.00 44.74 ? 36  LEU A CA  1 
ATOM   275  C  C   . LEU A 1 39  ? -7.310  -5.468  -4.718  1.00 45.17 ? 36  LEU A C   1 
ATOM   276  O  O   . LEU A 1 39  ? -6.296  -5.837  -4.101  1.00 44.81 ? 36  LEU A O   1 
ATOM   277  C  CB  . LEU A 1 39  ? -8.026  -3.135  -4.319  1.00 44.55 ? 36  LEU A CB  1 
ATOM   278  C  CG  . LEU A 1 39  ? -7.824  -1.630  -4.461  1.00 44.00 ? 36  LEU A CG  1 
ATOM   279  C  CD1 . LEU A 1 39  ? -8.950  -0.908  -3.671  1.00 43.52 ? 36  LEU A CD1 1 
ATOM   280  C  CD2 . LEU A 1 39  ? -6.393  -1.187  -4.038  1.00 41.75 ? 36  LEU A CD2 1 
ATOM   281  N  N   . LYS A 1 40  ? -8.390  -6.238  -4.900  1.00 44.98 ? 37  LYS A N   1 
ATOM   282  C  CA  . LYS A 1 40  ? -8.492  -7.600  -4.387  1.00 44.82 ? 37  LYS A CA  1 
ATOM   283  C  C   . LYS A 1 40  ? -7.432  -8.520  -4.962  1.00 44.64 ? 37  LYS A C   1 
ATOM   284  O  O   . LYS A 1 40  ? -7.117  -9.558  -4.367  1.00 44.67 ? 37  LYS A O   1 
ATOM   285  C  CB  . LYS A 1 40  ? -9.904  -8.153  -4.600  1.00 45.52 ? 37  LYS A CB  1 
ATOM   286  C  CG  . LYS A 1 40  ? -10.148 -8.990  -5.833  1.00 46.49 ? 37  LYS A CG  1 
ATOM   287  C  CD  . LYS A 1 40  ? -11.490 -9.694  -5.713  1.00 49.21 ? 37  LYS A CD  1 
ATOM   288  C  CE  . LYS A 1 40  ? -11.495 -10.716 -4.581  1.00 51.71 ? 37  LYS A CE  1 
ATOM   289  N  NZ  . LYS A 1 40  ? -12.676 -11.644 -4.618  1.00 53.80 ? 37  LYS A NZ  1 
ATOM   290  N  N   . GLN A 1 41  ? -6.858  -8.092  -6.089  1.00 44.15 ? 38  GLN A N   1 
ATOM   291  C  CA  . GLN A 1 41  ? -5.864  -8.844  -6.806  1.00 43.97 ? 38  GLN A CA  1 
ATOM   292  C  C   . GLN A 1 41  ? -4.435  -8.495  -6.431  1.00 44.74 ? 38  GLN A C   1 
ATOM   293  O  O   . GLN A 1 41  ? -3.525  -9.258  -6.782  1.00 45.36 ? 38  GLN A O   1 
ATOM   294  C  CB  . GLN A 1 41  ? -6.053  -8.683  -8.324  1.00 44.37 ? 38  GLN A CB  1 
ATOM   295  C  CG  . GLN A 1 41  ? -7.430  -9.091  -8.834  1.00 42.94 ? 38  GLN A CG  1 
ATOM   296  C  CD  . GLN A 1 41  ? -7.573  -8.986  -10.353 1.00 44.20 ? 38  GLN A CD  1 
ATOM   297  O  OE1 . GLN A 1 41  ? -6.838  -9.626  -11.108 1.00 44.52 ? 38  GLN A OE1 1 
ATOM   298  N  NE2 . GLN A 1 41  ? -8.539  -8.188  -10.802 1.00 41.62 ? 38  GLN A NE2 1 
ATOM   299  N  N   . TRP A 1 42  ? -4.213  -7.399  -5.698  1.00 44.82 ? 39  TRP A N   1 
ATOM   300  C  CA  . TRP A 1 42  ? -2.827  -6.958  -5.469  1.00 44.71 ? 39  TRP A CA  1 
ATOM   301  C  C   . TRP A 1 42  ? -2.532  -6.264  -4.161  1.00 44.75 ? 39  TRP A C   1 
ATOM   302  O  O   . TRP A 1 42  ? -1.406  -6.302  -3.708  1.00 45.52 ? 39  TRP A O   1 
ATOM   303  C  CB  . TRP A 1 42  ? -2.327  -6.059  -6.614  1.00 43.52 ? 39  TRP A CB  1 
ATOM   304  C  CG  . TRP A 1 42  ? -2.886  -4.660  -6.602  1.00 41.55 ? 39  TRP A CG  1 
ATOM   305  C  CD1 . TRP A 1 42  ? -4.029  -4.233  -7.227  1.00 40.20 ? 39  TRP A CD1 1 
ATOM   306  C  CD2 . TRP A 1 42  ? -2.305  -3.490  -5.979  1.00 41.30 ? 39  TRP A CD2 1 
ATOM   307  N  NE1 . TRP A 1 42  ? -4.207  -2.871  -7.005  1.00 41.92 ? 39  TRP A NE1 1 
ATOM   308  C  CE2 . TRP A 1 42  ? -3.163  -2.395  -6.255  1.00 41.15 ? 39  TRP A CE2 1 
ATOM   309  C  CE3 . TRP A 1 42  ? -1.147  -3.260  -5.205  1.00 39.90 ? 39  TRP A CE3 1 
ATOM   310  C  CZ2 . TRP A 1 42  ? -2.901  -1.087  -5.774  1.00 41.14 ? 39  TRP A CZ2 1 
ATOM   311  C  CZ3 . TRP A 1 42  ? -0.887  -1.965  -4.745  1.00 39.06 ? 39  TRP A CZ3 1 
ATOM   312  C  CH2 . TRP A 1 42  ? -1.764  -0.895  -5.042  1.00 39.40 ? 39  TRP A CH2 1 
ATOM   313  N  N   . PHE A 1 43  ? -3.508  -5.587  -3.581  1.00 45.57 ? 40  PHE A N   1 
ATOM   314  C  CA  . PHE A 1 43  ? -3.231  -4.733  -2.426  1.00 45.75 ? 40  PHE A CA  1 
ATOM   315  C  C   . PHE A 1 43  ? -3.356  -5.510  -1.130  1.00 45.94 ? 40  PHE A C   1 
ATOM   316  O  O   . PHE A 1 43  ? -4.463  -5.694  -0.637  1.00 44.93 ? 40  PHE A O   1 
ATOM   317  C  CB  . PHE A 1 43  ? -4.178  -3.532  -2.410  1.00 46.32 ? 40  PHE A CB  1 
ATOM   318  C  CG  . PHE A 1 43  ? -3.799  -2.494  -1.420  1.00 46.05 ? 40  PHE A CG  1 
ATOM   319  C  CD1 . PHE A 1 43  ? -4.436  -2.426  -0.181  1.00 48.35 ? 40  PHE A CD1 1 
ATOM   320  C  CD2 . PHE A 1 43  ? -2.783  -1.588  -1.705  1.00 49.43 ? 40  PHE A CD2 1 
ATOM   321  C  CE1 . PHE A 1 43  ? -4.062  -1.462  0.765   1.00 49.13 ? 40  PHE A CE1 1 
ATOM   322  C  CE2 . PHE A 1 43  ? -2.402  -0.626  -0.761  1.00 50.63 ? 40  PHE A CE2 1 
ATOM   323  C  CZ  . PHE A 1 43  ? -3.058  -0.572  0.472   1.00 49.75 ? 40  PHE A CZ  1 
HETATM 324  N  N   . MSE A 1 44  ? -2.210  -5.964  -0.612  1.00 46.19 ? 41  MSE A N   1 
HETATM 325  C  CA  . MSE A 1 44  ? -2.091  -6.822  0.592   1.00 47.00 ? 41  MSE A CA  1 
HETATM 326  C  C   . MSE A 1 44  ? -2.834  -8.140  0.474   1.00 45.54 ? 41  MSE A C   1 
HETATM 327  O  O   . MSE A 1 44  ? -3.100  -8.813  1.457   1.00 44.65 ? 41  MSE A O   1 
HETATM 328  C  CB  . MSE A 1 44  ? -2.560  -6.086  1.852   1.00 48.26 ? 41  MSE A CB  1 
HETATM 329  C  CG  . MSE A 1 44  ? -2.154  -4.639  1.931   1.00 54.43 ? 41  MSE A CG  1 
HETATM 330  SE SE  . MSE A 1 44  ? -0.461  -4.409  2.810   0.70 67.29 ? 41  MSE A SE  1 
HETATM 331  C  CE  . MSE A 1 44  ? -0.764  -5.290  4.536   1.00 64.21 ? 41  MSE A CE  1 
ATOM   332  N  N   . THR A 1 45  ? -3.181  -8.498  -0.750  1.00 45.20 ? 42  THR A N   1 
ATOM   333  C  CA  . THR A 1 45  ? -3.906  -9.710  -0.983  1.00 44.59 ? 42  THR A CA  1 
ATOM   334  C  C   . THR A 1 45  ? -3.713  -10.167 -2.439  1.00 43.96 ? 42  THR A C   1 
ATOM   335  O  O   . THR A 1 45  ? -2.928  -9.558  -3.178  1.00 44.04 ? 42  THR A O   1 
ATOM   336  C  CB  . THR A 1 45  ? -5.369  -9.476  -0.591  1.00 44.77 ? 42  THR A CB  1 
ATOM   337  O  OG1 . THR A 1 45  ? -6.057  -10.726 -0.490  1.00 44.86 ? 42  THR A OG1 1 
ATOM   338  C  CG2 . THR A 1 45  ? -6.048  -8.510  -1.559  1.00 45.42 ? 42  THR A CG2 1 
ATOM   339  N  N   . SER A 1 46  ? -4.378  -11.248 -2.841  1.00 42.52 ? 43  SER A N   1 
ATOM   340  C  CA  . SER A 1 46  ? -4.391  -11.653 -4.260  1.00 42.06 ? 43  SER A CA  1 
ATOM   341  C  C   . SER A 1 46  ? -5.686  -12.379 -4.578  1.00 42.02 ? 43  SER A C   1 
ATOM   342  O  O   . SER A 1 46  ? -6.450  -12.714 -3.650  1.00 42.22 ? 43  SER A O   1 
ATOM   343  C  CB  . SER A 1 46  ? -3.166  -12.510 -4.628  1.00 41.07 ? 43  SER A CB  1 
ATOM   344  O  OG  . SER A 1 46  ? -3.230  -13.748 -3.961  1.00 40.61 ? 43  SER A OG  1 
ATOM   345  N  N   . ALA A 1 47  ? -5.938  -12.603 -5.875  1.00 41.51 ? 44  ALA A N   1 
ATOM   346  C  CA  . ALA A 1 47  ? -7.135  -13.290 -6.322  1.00 42.35 ? 44  ALA A CA  1 
ATOM   347  C  C   . ALA A 1 47  ? -7.375  -14.591 -5.560  1.00 42.75 ? 44  ALA A C   1 
ATOM   348  O  O   . ALA A 1 47  ? -8.503  -14.847 -5.114  1.00 42.63 ? 44  ALA A O   1 
ATOM   349  C  CB  . ALA A 1 47  ? -7.090  -13.566 -7.851  1.00 42.53 ? 44  ALA A CB  1 
ATOM   350  N  N   . ARG A 1 48  ? -6.310  -15.387 -5.388  1.00 43.16 ? 45  ARG A N   1 
ATOM   351  C  CA  . ARG A 1 48  ? -6.430  -16.701 -4.765  1.00 44.00 ? 45  ARG A CA  1 
ATOM   352  C  C   . ARG A 1 48  ? -6.438  -16.749 -3.265  1.00 44.75 ? 45  ARG A C   1 
ATOM   353  O  O   . ARG A 1 48  ? -7.039  -17.655 -2.700  1.00 45.70 ? 45  ARG A O   1 
ATOM   354  C  CB  . ARG A 1 48  ? -5.404  -17.693 -5.314  1.00 43.76 ? 45  ARG A CB  1 
ATOM   355  C  CG  . ARG A 1 48  ? -5.925  -18.328 -6.567  1.00 43.82 ? 45  ARG A CG  1 
ATOM   356  C  CD  . ARG A 1 48  ? -4.939  -19.290 -7.185  1.00 44.90 ? 45  ARG A CD  1 
ATOM   357  N  NE  . ARG A 1 48  ? -4.998  -20.652 -6.661  1.00 40.77 ? 45  ARG A NE  1 
ATOM   358  C  CZ  . ARG A 1 48  ? -5.979  -21.524 -6.891  1.00 42.27 ? 45  ARG A CZ  1 
ATOM   359  N  NH1 . ARG A 1 48  ? -5.906  -22.751 -6.401  1.00 39.87 ? 45  ARG A NH1 1 
ATOM   360  N  NH2 . ARG A 1 48  ? -7.042  -21.174 -7.590  1.00 44.06 ? 45  ARG A NH2 1 
ATOM   361  N  N   . THR A 1 49  ? -5.767  -15.806 -2.606  1.00 45.71 ? 46  THR A N   1 
ATOM   362  C  CA  . THR A 1 49  ? -5.731  -15.812 -1.148  1.00 45.50 ? 46  THR A CA  1 
ATOM   363  C  C   . THR A 1 49  ? -6.788  -14.894 -0.509  1.00 46.81 ? 46  THR A C   1 
ATOM   364  O  O   . THR A 1 49  ? -7.061  -14.995 0.697   1.00 47.37 ? 46  THR A O   1 
ATOM   365  C  CB  . THR A 1 49  ? -4.335  -15.478 -0.626  1.00 45.74 ? 46  THR A CB  1 
ATOM   366  O  OG1 . THR A 1 49  ? -3.925  -14.186 -1.119  1.00 41.37 ? 46  THR A OG1 1 
ATOM   367  C  CG2 . THR A 1 49  ? -3.342  -16.585 -1.073  1.00 43.70 ? 46  THR A CG2 1 
ATOM   368  N  N   . ASN A 1 50  ? -7.397  -14.012 -1.299  1.00 47.08 ? 47  ASN A N   1 
ATOM   369  C  CA  . ASN A 1 50  ? -8.404  -13.118 -0.733  1.00 47.54 ? 47  ASN A CA  1 
ATOM   370  C  C   . ASN A 1 50  ? -9.634  -13.850 -0.183  1.00 47.93 ? 47  ASN A C   1 
ATOM   371  O  O   . ASN A 1 50  ? -10.243 -14.682 -0.879  1.00 47.62 ? 47  ASN A O   1 
ATOM   372  C  CB  . ASN A 1 50  ? -8.819  -12.034 -1.710  1.00 46.91 ? 47  ASN A CB  1 
ATOM   373  C  CG  . ASN A 1 50  ? -9.603  -10.926 -1.033  1.00 49.28 ? 47  ASN A CG  1 
ATOM   374  O  OD1 . ASN A 1 50  ? -10.758 -10.685 -1.391  1.00 50.79 ? 47  ASN A OD1 1 
ATOM   375  N  ND2 . ASN A 1 50  ? -8.985  -10.247 -0.030  1.00 47.38 ? 47  ASN A ND2 1 
ATOM   376  N  N   . LYS A 1 51  ? -9.979  -13.514 1.062   1.00 48.30 ? 48  LYS A N   1 
ATOM   377  C  CA  . LYS A 1 51  ? -11.118 -14.084 1.775   1.00 48.85 ? 48  LYS A CA  1 
ATOM   378  C  C   . LYS A 1 51  ? -12.304 -13.139 1.719   1.00 48.90 ? 48  LYS A C   1 
ATOM   379  O  O   . LYS A 1 51  ? -13.399 -13.518 1.317   1.00 48.28 ? 48  LYS A O   1 
ATOM   380  C  CB  . LYS A 1 51  ? -10.759 -14.279 3.238   1.00 49.17 ? 48  LYS A CB  1 
ATOM   381  C  CG  . LYS A 1 51  ? -10.069 -15.527 3.582   1.00 49.71 ? 48  LYS A CG  1 
ATOM   382  C  CD  . LYS A 1 51  ? -10.279 -15.811 5.051   1.00 51.94 ? 48  LYS A CD  1 
ATOM   383  C  CE  . LYS A 1 51  ? -11.630 -16.506 5.308   1.00 54.97 ? 48  LYS A CE  1 
ATOM   384  N  NZ  . LYS A 1 51  ? -11.747 -17.873 4.665   1.00 54.25 ? 48  LYS A NZ  1 
ATOM   385  N  N   . GLU A 1 52  ? -12.076 -11.912 2.180   1.00 49.54 ? 49  GLU A N   1 
ATOM   386  C  CA  . GLU A 1 52  ? -13.038 -10.818 2.044   1.00 50.32 ? 49  GLU A CA  1 
ATOM   387  C  C   . GLU A 1 52  ? -12.305 -9.574  1.609   1.00 50.06 ? 49  GLU A C   1 
ATOM   388  O  O   . GLU A 1 52  ? -11.178 -9.316  2.041   1.00 50.14 ? 49  GLU A O   1 
ATOM   389  C  CB  . GLU A 1 52  ? -13.720 -10.466 3.370   1.00 50.36 ? 49  GLU A CB  1 
ATOM   390  C  CG  . GLU A 1 52  ? -14.400 -11.576 4.147   1.00 54.42 ? 49  GLU A CG  1 
ATOM   391  C  CD  . GLU A 1 52  ? -14.874 -11.082 5.528   1.00 58.31 ? 49  GLU A CD  1 
ATOM   392  O  OE1 . GLU A 1 52  ? -15.188 -9.871  5.667   1.00 58.39 ? 49  GLU A OE1 1 
ATOM   393  O  OE2 . GLU A 1 52  ? -14.923 -11.911 6.469   1.00 59.81 ? 49  GLU A OE2 1 
ATOM   394  N  N   . ILE A 1 53  ? -12.977 -8.786  0.776   1.00 50.53 ? 50  ILE A N   1 
ATOM   395  C  CA  . ILE A 1 53  ? -12.646 -7.382  0.578   1.00 49.87 ? 50  ILE A CA  1 
ATOM   396  C  C   . ILE A 1 53  ? -13.923 -6.516  0.530   1.00 50.49 ? 50  ILE A C   1 
ATOM   397  O  O   . ILE A 1 53  ? -14.836 -6.761  -0.265  1.00 50.44 ? 50  ILE A O   1 
ATOM   398  C  CB  . ILE A 1 53  ? -11.757 -7.169  -0.685  1.00 49.48 ? 50  ILE A CB  1 
ATOM   399  C  CG1 . ILE A 1 53  ? -11.470 -5.671  -0.893  1.00 46.99 ? 50  ILE A CG1 1 
ATOM   400  C  CG2 . ILE A 1 53  ? -12.396 -7.866  -1.919  1.00 49.31 ? 50  ILE A CG2 1 
ATOM   401  C  CD1 . ILE A 1 53  ? -10.380 -5.354  -1.859  1.00 43.71 ? 50  ILE A CD1 1 
ATOM   402  N  N   . GLU A 1 54  ? -13.948 -5.492  1.385   1.00 50.92 ? 51  GLU A N   1 
ATOM   403  C  CA  . GLU A 1 54  ? -14.922 -4.405  1.335   1.00 50.74 ? 51  GLU A CA  1 
ATOM   404  C  C   . GLU A 1 54  ? -14.107 -3.144  1.156   1.00 50.01 ? 51  GLU A C   1 
ATOM   405  O  O   . GLU A 1 54  ? -13.093 -2.969  1.819   1.00 49.37 ? 51  GLU A O   1 
ATOM   406  C  CB  . GLU A 1 54  ? -15.709 -4.296  2.653   1.00 51.25 ? 51  GLU A CB  1 
ATOM   407  C  CG  . GLU A 1 54  ? -16.705 -5.423  2.926   1.00 54.22 ? 51  GLU A CG  1 
ATOM   408  C  CD  . GLU A 1 54  ? -16.986 -5.625  4.428   1.00 59.22 ? 51  GLU A CD  1 
ATOM   409  O  OE1 . GLU A 1 54  ? -16.834 -6.776  4.908   1.00 62.71 ? 51  GLU A OE1 1 
ATOM   410  O  OE2 . GLU A 1 54  ? -17.347 -4.651  5.132   1.00 60.52 ? 51  GLU A OE2 1 
ATOM   411  N  N   . ALA A 1 55  ? -14.533 -2.283  0.240   1.00 49.92 ? 52  ALA A N   1 
ATOM   412  C  CA  . ALA A 1 55  ? -13.919 -0.975  0.049   1.00 50.48 ? 52  ALA A CA  1 
ATOM   413  C  C   . ALA A 1 55  ? -15.014 0.032   -0.238  1.00 50.37 ? 52  ALA A C   1 
ATOM   414  O  O   . ALA A 1 55  ? -15.768 -0.127  -1.214  1.00 50.30 ? 52  ALA A O   1 
ATOM   415  C  CB  . ALA A 1 55  ? -12.881 -0.996  -1.098  1.00 50.19 ? 52  ALA A CB  1 
ATOM   416  N  N   . ASP A 1 56  ? -15.113 1.044   0.628   1.00 50.04 ? 53  ASP A N   1 
ATOM   417  C  CA  . ASP A 1 56  ? -15.957 2.219   0.374   1.00 49.38 ? 53  ASP A CA  1 
ATOM   418  C  C   . ASP A 1 56  ? -15.099 3.401   -0.118  1.00 48.88 ? 53  ASP A C   1 
ATOM   419  O  O   . ASP A 1 56  ? -14.632 4.242   0.665   1.00 48.38 ? 53  ASP A O   1 
ATOM   420  C  CB  . ASP A 1 56  ? -16.796 2.565   1.615   1.00 49.65 ? 53  ASP A CB  1 
ATOM   421  C  CG  . ASP A 1 56  ? -17.697 3.770   1.400   1.00 49.98 ? 53  ASP A CG  1 
ATOM   422  O  OD1 . ASP A 1 56  ? -18.080 4.027   0.238   1.00 50.03 ? 53  ASP A OD1 1 
ATOM   423  O  OD2 . ASP A 1 56  ? -18.010 4.462   2.397   1.00 50.78 ? 53  ASP A OD2 1 
ATOM   424  N  N   . VAL A 1 57  ? -14.905 3.447   -1.435  1.00 48.78 ? 54  VAL A N   1 
ATOM   425  C  CA  . VAL A 1 57  ? -13.913 4.337   -2.055  1.00 48.74 ? 54  VAL A CA  1 
ATOM   426  C  C   . VAL A 1 57  ? -14.421 5.776   -2.218  1.00 49.03 ? 54  VAL A C   1 
ATOM   427  O  O   . VAL A 1 57  ? -14.758 6.217   -3.319  1.00 48.85 ? 54  VAL A O   1 
ATOM   428  C  CB  . VAL A 1 57  ? -13.284 3.729   -3.366  1.00 48.49 ? 54  VAL A CB  1 
ATOM   429  C  CG1 . VAL A 1 57  ? -12.093 4.573   -3.866  1.00 47.70 ? 54  VAL A CG1 1 
ATOM   430  C  CG2 . VAL A 1 57  ? -12.804 2.294   -3.113  1.00 48.28 ? 54  VAL A CG2 1 
ATOM   431  N  N   . LYS A 1 58  ? -14.494 6.472   -1.080  1.00 49.63 ? 55  LYS A N   1 
ATOM   432  C  CA  . LYS A 1 58  ? -14.711 7.929   -1.001  1.00 49.97 ? 55  LYS A CA  1 
ATOM   433  C  C   . LYS A 1 58  ? -13.893 8.424   0.186   1.00 49.31 ? 55  LYS A C   1 
ATOM   434  O  O   . LYS A 1 58  ? -13.427 7.603   1.000   1.00 49.56 ? 55  LYS A O   1 
ATOM   435  C  CB  . LYS A 1 58  ? -16.186 8.284   -0.814  1.00 50.23 ? 55  LYS A CB  1 
ATOM   436  C  CG  . LYS A 1 58  ? -16.803 7.659   0.438   1.00 53.00 ? 55  LYS A CG  1 
ATOM   437  C  CD  . LYS A 1 58  ? -17.976 8.476   0.961   1.00 56.42 ? 55  LYS A CD  1 
ATOM   438  C  CE  . LYS A 1 58  ? -18.914 7.608   1.817   1.00 58.86 ? 55  LYS A CE  1 
ATOM   439  N  NZ  . LYS A 1 58  ? -20.001 6.936   0.996   1.00 57.94 ? 55  LYS A NZ  1 
ATOM   440  N  N   . GLU A 1 59  ? -13.717 9.747   0.286   1.00 48.28 ? 56  GLU A N   1 
ATOM   441  C  CA  . GLU A 1 59  ? -12.977 10.356  1.381   1.00 46.67 ? 56  GLU A CA  1 
ATOM   442  C  C   . GLU A 1 59  ? -13.674 10.062  2.720   1.00 46.66 ? 56  GLU A C   1 
ATOM   443  O  O   . GLU A 1 59  ? -14.894 10.227  2.834   1.00 47.25 ? 56  GLU A O   1 
ATOM   444  C  CB  . GLU A 1 59  ? -12.770 11.845  1.131   1.00 46.16 ? 56  GLU A CB  1 
ATOM   445  C  CG  . GLU A 1 59  ? -11.856 12.119  -0.072  1.00 47.23 ? 56  GLU A CG  1 
ATOM   446  C  CD  . GLU A 1 59  ? -11.468 13.585  -0.226  1.00 50.82 ? 56  GLU A CD  1 
ATOM   447  O  OE1 . GLU A 1 59  ? -12.114 14.459  0.428   1.00 54.41 ? 56  GLU A OE1 1 
ATOM   448  O  OE2 . GLU A 1 59  ? -10.517 13.876  -0.997  1.00 48.30 ? 56  GLU A OE2 1 
ATOM   449  N  N   . GLY A 1 60  ? -12.918 9.570   3.709   1.00 45.55 ? 57  GLY A N   1 
ATOM   450  C  CA  . GLY A 1 60  ? -13.500 9.126   4.987   1.00 44.57 ? 57  GLY A CA  1 
ATOM   451  C  C   . GLY A 1 60  ? -14.098 7.717   4.968   1.00 44.11 ? 57  GLY A C   1 
ATOM   452  O  O   . GLY A 1 60  ? -14.600 7.228   5.982   1.00 43.06 ? 57  GLY A O   1 
ATOM   453  N  N   . GLY A 1 61  ? -14.071 7.081   3.799   1.00 43.63 ? 58  GLY A N   1 
ATOM   454  C  CA  . GLY A 1 61  ? -14.591 5.728   3.648   1.00 44.42 ? 58  GLY A CA  1 
ATOM   455  C  C   . GLY A 1 61  ? -13.627 4.626   4.095   1.00 44.43 ? 58  GLY A C   1 
ATOM   456  O  O   . GLY A 1 61  ? -12.420 4.734   3.923   1.00 42.97 ? 58  GLY A O   1 
ATOM   457  N  N   . LYS A 1 62  ? -14.184 3.540   4.632   1.00 45.70 ? 59  LYS A N   1 
ATOM   458  C  CA  . LYS A 1 62  ? -13.391 2.417   5.129   1.00 46.68 ? 59  LYS A CA  1 
ATOM   459  C  C   . LYS A 1 62  ? -13.120 1.345   4.079   1.00 46.32 ? 59  LYS A C   1 
ATOM   460  O  O   . LYS A 1 62  ? -13.931 1.122   3.173   1.00 47.24 ? 59  LYS A O   1 
ATOM   461  C  CB  . LYS A 1 62  ? -14.080 1.799   6.344   1.00 47.33 ? 59  LYS A CB  1 
ATOM   462  C  CG  . LYS A 1 62  ? -13.330 0.565   6.915   1.00 51.92 ? 59  LYS A CG  1 
ATOM   463  C  CD  . LYS A 1 62  ? -14.036 -0.061  8.119   1.00 55.03 ? 59  LYS A CD  1 
ATOM   464  C  CE  . LYS A 1 62  ? -13.458 -1.426  8.403   1.00 56.78 ? 59  LYS A CE  1 
ATOM   465  N  NZ  . LYS A 1 62  ? -14.243 -2.115  9.469   1.00 61.58 ? 59  LYS A NZ  1 
ATOM   466  N  N   . TYR A 1 63  ? -11.972 0.680   4.193   1.00 45.57 ? 60  TYR A N   1 
ATOM   467  C  CA  . TYR A 1 63  ? -11.762 -0.551  3.474   1.00 44.63 ? 60  TYR A CA  1 
ATOM   468  C  C   . TYR A 1 63  ? -11.339 -1.637  4.457   1.00 45.27 ? 60  TYR A C   1 
ATOM   469  O  O   . TYR A 1 63  ? -10.712 -1.354  5.495   1.00 44.28 ? 60  TYR A O   1 
ATOM   470  C  CB  . TYR A 1 63  ? -10.771 -0.405  2.300   1.00 43.88 ? 60  TYR A CB  1 
ATOM   471  C  CG  . TYR A 1 63  ? -9.346  -0.231  2.755   1.00 43.30 ? 60  TYR A CG  1 
ATOM   472  C  CD1 . TYR A 1 63  ? -8.814  1.042   2.993   1.00 41.71 ? 60  TYR A CD1 1 
ATOM   473  C  CD2 . TYR A 1 63  ? -8.540  -1.348  2.996   1.00 41.67 ? 60  TYR A CD2 1 
ATOM   474  C  CE1 . TYR A 1 63  ? -7.505  1.190   3.443   1.00 42.60 ? 60  TYR A CE1 1 
ATOM   475  C  CE2 . TYR A 1 63  ? -7.251  -1.222  3.452   1.00 40.48 ? 60  TYR A CE2 1 
ATOM   476  C  CZ  . TYR A 1 63  ? -6.720  0.044   3.669   1.00 43.90 ? 60  TYR A CZ  1 
ATOM   477  O  OH  . TYR A 1 63  ? -5.421  0.146   4.130   1.00 42.39 ? 60  TYR A OH  1 
ATOM   478  N  N   . ARG A 1 64  ? -11.723 -2.879  4.133   1.00 45.24 ? 61  ARG A N   1 
ATOM   479  C  CA  . ARG A 1 64  ? -11.372 -4.031  4.949   1.00 45.96 ? 61  ARG A CA  1 
ATOM   480  C  C   . ARG A 1 64  ? -10.992 -5.257  4.097   1.00 45.74 ? 61  ARG A C   1 
ATOM   481  O  O   . ARG A 1 64  ? -11.821 -5.799  3.363   1.00 45.73 ? 61  ARG A O   1 
ATOM   482  C  CB  . ARG A 1 64  ? -12.512 -4.362  5.900   1.00 45.79 ? 61  ARG A CB  1 
ATOM   483  C  CG  . ARG A 1 64  ? -12.156 -5.427  6.862   1.00 47.38 ? 61  ARG A CG  1 
ATOM   484  C  CD  . ARG A 1 64  ? -13.351 -5.811  7.708   1.00 51.47 ? 61  ARG A CD  1 
ATOM   485  N  NE  . ARG A 1 64  ? -12.947 -6.713  8.792   1.00 52.82 ? 61  ARG A NE  1 
ATOM   486  C  CZ  . ARG A 1 64  ? -13.182 -8.015  8.779   1.00 54.56 ? 61  ARG A CZ  1 
ATOM   487  N  NH1 . ARG A 1 64  ? -12.784 -8.782  9.781   1.00 54.92 ? 61  ARG A NH1 1 
ATOM   488  N  NH2 . ARG A 1 64  ? -13.825 -8.548  7.752   1.00 55.30 ? 61  ARG A NH2 1 
ATOM   489  N  N   . ILE A 1 65  ? -9.730  -5.668  4.196   1.00 45.46 ? 62  ILE A N   1 
ATOM   490  C  CA  . ILE A 1 65  ? -9.201  -6.804  3.439   1.00 44.86 ? 62  ILE A CA  1 
ATOM   491  C  C   . ILE A 1 65  ? -8.827  -7.924  4.412   1.00 45.09 ? 62  ILE A C   1 
ATOM   492  O  O   . ILE A 1 65  ? -8.091  -7.699  5.391   1.00 43.87 ? 62  ILE A O   1 
ATOM   493  C  CB  . ILE A 1 65  ? -7.965  -6.399  2.607   1.00 45.10 ? 62  ILE A CB  1 
ATOM   494  C  CG1 . ILE A 1 65  ? -8.345  -5.298  1.606   1.00 44.39 ? 62  ILE A CG1 1 
ATOM   495  C  CG2 . ILE A 1 65  ? -7.337  -7.638  1.957   1.00 44.22 ? 62  ILE A CG2 1 
ATOM   496  C  CD1 . ILE A 1 65  ? -7.198  -4.659  0.840   1.00 42.17 ? 62  ILE A CD1 1 
ATOM   497  N  N   . VAL A 1 66  ? -9.380  -9.116  4.146   1.00 45.29 ? 63  VAL A N   1 
ATOM   498  C  CA  . VAL A 1 66  ? -9.052  -10.348 4.875   1.00 45.35 ? 63  VAL A CA  1 
ATOM   499  C  C   . VAL A 1 66  ? -8.322  -11.311 3.914   1.00 45.22 ? 63  VAL A C   1 
ATOM   500  O  O   . VAL A 1 66  ? -8.852  -11.704 2.884   1.00 45.56 ? 63  VAL A O   1 
ATOM   501  C  CB  . VAL A 1 66  ? -10.324 -10.986 5.448   1.00 45.75 ? 63  VAL A CB  1 
ATOM   502  C  CG1 . VAL A 1 66  ? -9.997  -12.162 6.308   1.00 45.78 ? 63  VAL A CG1 1 
ATOM   503  C  CG2 . VAL A 1 66  ? -11.129 -9.950  6.242   1.00 45.84 ? 63  VAL A CG2 1 
ATOM   504  N  N   . ASP A 1 67  ? -7.081  -11.637 4.238   1.00 44.90 ? 64  ASP A N   1 
ATOM   505  C  CA  . ASP A 1 67  ? -6.211  -12.395 3.359   1.00 43.74 ? 64  ASP A CA  1 
ATOM   506  C  C   . ASP A 1 67  ? -5.829  -13.698 4.047   1.00 43.08 ? 64  ASP A C   1 
ATOM   507  O  O   . ASP A 1 67  ? -5.364  -13.689 5.205   1.00 42.58 ? 64  ASP A O   1 
ATOM   508  C  CB  . ASP A 1 67  ? -4.946  -11.596 3.011   1.00 43.75 ? 64  ASP A CB  1 
ATOM   509  C  CG  . ASP A 1 67  ? -4.138  -12.243 1.887   1.00 45.05 ? 64  ASP A CG  1 
ATOM   510  O  OD1 . ASP A 1 67  ? -4.686  -12.448 0.778   1.00 45.90 ? 64  ASP A OD1 1 
ATOM   511  O  OD2 . ASP A 1 67  ? -2.954  -12.551 2.103   1.00 46.63 ? 64  ASP A OD2 1 
ATOM   512  N  N   . GLN A 1 68  ? -6.044  -14.804 3.321   1.00 41.59 ? 65  GLN A N   1 
ATOM   513  C  CA  . GLN A 1 68  ? -5.681  -16.152 3.743   1.00 40.66 ? 65  GLN A CA  1 
ATOM   514  C  C   . GLN A 1 68  ? -4.169  -16.412 3.756   1.00 40.16 ? 65  GLN A C   1 
ATOM   515  O  O   . GLN A 1 68  ? -3.499  -16.350 2.733   1.00 39.95 ? 65  GLN A O   1 
ATOM   516  C  CB  . GLN A 1 68  ? -6.379  -17.173 2.839   1.00 40.90 ? 65  GLN A CB  1 
ATOM   517  C  CG  . GLN A 1 68  ? -6.325  -18.626 3.332   1.00 39.64 ? 65  GLN A CG  1 
ATOM   518  C  CD  . GLN A 1 68  ? -7.058  -18.816 4.630   1.00 39.40 ? 65  GLN A CD  1 
ATOM   519  O  OE1 . GLN A 1 68  ? -6.441  -18.964 5.690   1.00 39.76 ? 65  GLN A OE1 1 
ATOM   520  N  NE2 . GLN A 1 68  ? -8.379  -18.790 4.565   1.00 39.23 ? 65  GLN A NE2 1 
ATOM   521  N  N   . GLN A 1 69  ? -3.644  -16.710 4.938   1.00 40.39 ? 66  GLN A N   1 
ATOM   522  C  CA  . GLN A 1 69  ? -2.268  -17.170 5.105   1.00 40.64 ? 66  GLN A CA  1 
ATOM   523  C  C   . GLN A 1 69  ? -2.263  -18.661 5.402   1.00 39.24 ? 66  GLN A C   1 
ATOM   524  O  O   . GLN A 1 69  ? -3.315  -19.280 5.430   1.00 37.90 ? 66  GLN A O   1 
ATOM   525  C  CB  . GLN A 1 69  ? -1.619  -16.406 6.265   1.00 41.72 ? 66  GLN A CB  1 
ATOM   526  C  CG  . GLN A 1 69  ? -1.656  -14.879 6.101   1.00 47.24 ? 66  GLN A CG  1 
ATOM   527  C  CD  . GLN A 1 69  ? -0.560  -14.403 5.172   1.00 56.53 ? 66  GLN A CD  1 
ATOM   528  O  OE1 . GLN A 1 69  ? -0.730  -14.373 3.944   1.00 59.83 ? 66  GLN A OE1 1 
ATOM   529  N  NE2 . GLN A 1 69  ? 0.580   -14.019 5.753   1.00 60.45 ? 66  GLN A NE2 1 
ATOM   530  N  N   . ARG A 1 70  ? -1.081  -19.222 5.641   1.00 38.86 ? 67  ARG A N   1 
ATOM   531  C  CA  . ARG A 1 70  ? -0.931  -20.653 5.866   1.00 39.68 ? 67  ARG A CA  1 
ATOM   532  C  C   . ARG A 1 70  ? -1.604  -21.154 7.164   1.00 40.42 ? 67  ARG A C   1 
ATOM   533  O  O   . ARG A 1 70  ? -1.915  -20.359 8.056   1.00 39.87 ? 67  ARG A O   1 
ATOM   534  C  CB  . ARG A 1 70  ? 0.554   -21.067 5.795   1.00 39.58 ? 67  ARG A CB  1 
ATOM   535  C  CG  . ARG A 1 70  ? 1.165   -20.863 4.423   1.00 37.44 ? 67  ARG A CG  1 
ATOM   536  C  CD  . ARG A 1 70  ? 2.490   -21.537 4.310   1.00 37.08 ? 67  ARG A CD  1 
ATOM   537  N  NE  . ARG A 1 70  ? 2.348   -22.980 4.197   1.00 38.73 ? 67  ARG A NE  1 
ATOM   538  C  CZ  . ARG A 1 70  ? 2.177   -23.655 3.058   1.00 38.03 ? 67  ARG A CZ  1 
ATOM   539  N  NH1 . ARG A 1 70  ? 2.075   -24.967 3.085   1.00 35.69 ? 67  ARG A NH1 1 
ATOM   540  N  NH2 . ARG A 1 70  ? 2.103   -23.024 1.893   1.00 38.02 ? 67  ARG A NH2 1 
ATOM   541  N  N   . ASN A 1 71  ? -1.832  -22.466 7.241   1.00 40.33 ? 68  ASN A N   1 
ATOM   542  C  CA  . ASN A 1 71  ? -2.425  -23.113 8.421   1.00 41.27 ? 68  ASN A CA  1 
ATOM   543  C  C   . ASN A 1 71  ? -3.697  -22.436 9.008   1.00 42.33 ? 68  ASN A C   1 
ATOM   544  O  O   . ASN A 1 71  ? -3.852  -22.346 10.226  1.00 42.97 ? 68  ASN A O   1 
ATOM   545  C  CB  . ASN A 1 71  ? -1.370  -23.315 9.519   1.00 40.44 ? 68  ASN A CB  1 
ATOM   546  C  CG  . ASN A 1 71  ? -0.284  -24.302 9.126   1.00 39.54 ? 68  ASN A CG  1 
ATOM   547  O  OD1 . ASN A 1 71  ? -0.478  -25.529 9.193   1.00 39.55 ? 68  ASN A OD1 1 
ATOM   548  N  ND2 . ASN A 1 71  ? 0.887   -23.778 8.770   1.00 34.74 ? 68  ASN A ND2 1 
ATOM   549  N  N   . GLY A 1 72  ? -4.616  -21.992 8.156   1.00 42.93 ? 69  GLY A N   1 
ATOM   550  C  CA  . GLY A 1 72  ? -5.878  -21.438 8.642   1.00 44.10 ? 69  GLY A CA  1 
ATOM   551  C  C   . GLY A 1 72  ? -5.797  -19.977 9.104   1.00 45.56 ? 69  GLY A C   1 
ATOM   552  O  O   . GLY A 1 72  ? -6.842  -19.321 9.225   1.00 45.31 ? 69  GLY A O   1 
ATOM   553  N  N   . LYS A 1 73  ? -4.582  -19.470 9.363   1.00 46.32 ? 70  LYS A N   1 
ATOM   554  C  CA  . LYS A 1 73  ? -4.405  -18.072 9.780   1.00 48.28 ? 70  LYS A CA  1 
ATOM   555  C  C   . LYS A 1 73  ? -4.756  -17.017 8.747   1.00 48.52 ? 70  LYS A C   1 
ATOM   556  O  O   . LYS A 1 73  ? -4.603  -17.190 7.535   1.00 48.80 ? 70  LYS A O   1 
ATOM   557  C  CB  . LYS A 1 73  ? -3.036  -17.720 10.391  1.00 48.72 ? 70  LYS A CB  1 
ATOM   558  C  CG  . LYS A 1 73  ? -1.993  -18.795 10.503  1.00 51.86 ? 70  LYS A CG  1 
ATOM   559  C  CD  . LYS A 1 73  ? -0.655  -18.253 9.964   1.00 54.75 ? 70  LYS A CD  1 
ATOM   560  C  CE  . LYS A 1 73  ? 0.272   -19.416 9.617   1.00 55.50 ? 70  LYS A CE  1 
ATOM   561  N  NZ  . LYS A 1 73  ? 1.125   -19.126 8.437   1.00 56.99 ? 70  LYS A NZ  1 
ATOM   562  N  N   . VAL A 1 74  ? -5.217  -15.900 9.280   1.00 49.15 ? 71  VAL A N   1 
ATOM   563  C  CA  . VAL A 1 74  ? -5.731  -14.796 8.489   1.00 49.64 ? 71  VAL A CA  1 
ATOM   564  C  C   . VAL A 1 74  ? -4.948  -13.516 8.800   1.00 49.83 ? 71  VAL A C   1 
ATOM   565  O  O   . VAL A 1 74  ? -4.419  -13.333 9.912   1.00 49.65 ? 71  VAL A O   1 
ATOM   566  C  CB  . VAL A 1 74  ? -7.287  -14.685 8.712   1.00 49.62 ? 71  VAL A CB  1 
ATOM   567  C  CG1 . VAL A 1 74  ? -7.818  -13.311 8.495   1.00 49.90 ? 71  VAL A CG1 1 
ATOM   568  C  CG2 . VAL A 1 74  ? -8.035  -15.710 7.845   1.00 48.61 ? 71  VAL A CG2 1 
ATOM   569  N  N   . ASN A 1 75  ? -4.825  -12.675 7.778   1.00 50.19 ? 72  ASN A N   1 
ATOM   570  C  CA  . ASN A 1 75  ? -4.379  -11.295 7.897   1.00 50.24 ? 72  ASN A CA  1 
ATOM   571  C  C   . ASN A 1 75  ? -5.558  -10.383 7.659   1.00 49.68 ? 72  ASN A C   1 
ATOM   572  O  O   . ASN A 1 75  ? -6.208  -10.491 6.618   1.00 48.32 ? 72  ASN A O   1 
ATOM   573  C  CB  . ASN A 1 75  ? -3.334  -10.970 6.832   1.00 51.04 ? 72  ASN A CB  1 
ATOM   574  C  CG  . ASN A 1 75  ? -2.007  -10.645 7.419   1.00 54.87 ? 72  ASN A CG  1 
ATOM   575  O  OD1 . ASN A 1 75  ? -1.336  -11.520 8.004   1.00 54.80 ? 72  ASN A OD1 1 
ATOM   576  N  ND2 . ASN A 1 75  ? -1.608  -9.346  7.306   1.00 59.48 ? 72  ASN A ND2 1 
ATOM   577  N  N   . VAL A 1 76  ? -5.811  -9.476  8.617   1.00 49.44 ? 73  VAL A N   1 
ATOM   578  C  CA  . VAL A 1 76  ? -6.834  -8.434  8.471   1.00 48.36 ? 73  VAL A CA  1 
ATOM   579  C  C   . VAL A 1 76  ? -6.160  -7.066  8.277   1.00 48.14 ? 73  VAL A C   1 
ATOM   580  O  O   . VAL A 1 76  ? -5.298  -6.648  9.050   1.00 48.02 ? 73  VAL A O   1 
ATOM   581  C  CB  . VAL A 1 76  ? -7.858  -8.418  9.660   1.00 48.69 ? 73  VAL A CB  1 
ATOM   582  C  CG1 . VAL A 1 76  ? -8.925  -7.374  9.420   1.00 48.42 ? 73  VAL A CG1 1 
ATOM   583  C  CG2 . VAL A 1 76  ? -8.496  -9.790  9.853   1.00 47.55 ? 73  VAL A CG2 1 
ATOM   584  N  N   . ILE A 1 77  ? -6.533  -6.405  7.198   1.00 46.97 ? 74  ILE A N   1 
ATOM   585  C  CA  . ILE A 1 77  ? -5.982  -5.147  6.851   1.00 45.86 ? 74  ILE A CA  1 
ATOM   586  C  C   . ILE A 1 77  ? -7.170  -4.208  6.686   1.00 46.23 ? 74  ILE A C   1 
ATOM   587  O  O   . ILE A 1 77  ? -8.093  -4.463  5.904   1.00 46.57 ? 74  ILE A O   1 
ATOM   588  C  CB  . ILE A 1 77  ? -5.112  -5.223  5.564   1.00 45.85 ? 74  ILE A CB  1 
ATOM   589  C  CG1 . ILE A 1 77  ? -4.051  -6.315  5.694   1.00 45.27 ? 74  ILE A CG1 1 
ATOM   590  C  CG2 . ILE A 1 77  ? -4.497  -3.865  5.192   1.00 43.06 ? 74  ILE A CG2 1 
ATOM   591  C  CD1 . ILE A 1 77  ? -4.296  -7.576  4.809   1.00 41.88 ? 74  ILE A CD1 1 
ATOM   592  N  N   . GLU A 1 78  ? -7.153  -3.129  7.462   1.00 46.21 ? 75  GLU A N   1 
ATOM   593  C  CA  . GLU A 1 78  ? -8.217  -2.127  7.449   1.00 45.13 ? 75  GLU A CA  1 
ATOM   594  C  C   . GLU A 1 78  ? -7.623  -0.747  7.435   1.00 43.29 ? 75  GLU A C   1 
ATOM   595  O  O   . GLU A 1 78  ? -6.544  -0.534  7.950   1.00 42.38 ? 75  GLU A O   1 
ATOM   596  C  CB  . GLU A 1 78  ? -9.073  -2.235  8.705   1.00 45.69 ? 75  GLU A CB  1 
ATOM   597  C  CG  . GLU A 1 78  ? -9.914  -3.473  8.783   1.00 48.89 ? 75  GLU A CG  1 
ATOM   598  C  CD  . GLU A 1 78  ? -10.808 -3.427  9.994   1.00 53.72 ? 75  GLU A CD  1 
ATOM   599  O  OE1 . GLU A 1 78  ? -10.310 -3.012  11.079  1.00 54.35 ? 75  GLU A OE1 1 
ATOM   600  O  OE2 . GLU A 1 78  ? -12.002 -3.799  9.864   1.00 55.57 ? 75  GLU A OE2 1 
ATOM   601  N  N   . GLY A 1 79  ? -8.373  0.208   6.903   1.00 42.09 ? 76  GLY A N   1 
ATOM   602  C  CA  . GLY A 1 79  ? -7.959  1.589   6.924   1.00 40.49 ? 76  GLY A CA  1 
ATOM   603  C  C   . GLY A 1 79  ? -9.005  2.450   6.277   1.00 41.09 ? 76  GLY A C   1 
ATOM   604  O  O   . GLY A 1 79  ? -10.150 2.027   6.022   1.00 40.55 ? 76  GLY A O   1 
ATOM   605  N  N   . ILE A 1 80  ? -8.573  3.654   5.963   1.00 41.47 ? 77  ILE A N   1 
ATOM   606  C  CA  . ILE A 1 80  ? -9.444  4.738   5.544   1.00 43.02 ? 77  ILE A CA  1 
ATOM   607  C  C   . ILE A 1 80  ? -8.860  5.437   4.329   1.00 42.40 ? 77  ILE A C   1 
ATOM   608  O  O   . ILE A 1 80  ? -7.649  5.649   4.261   1.00 42.90 ? 77  ILE A O   1 
ATOM   609  C  CB  . ILE A 1 80  ? -9.592  5.793   6.714   1.00 42.39 ? 77  ILE A CB  1 
ATOM   610  C  CG1 . ILE A 1 80  ? -10.429 5.239   7.859   1.00 42.77 ? 77  ILE A CG1 1 
ATOM   611  C  CG2 . ILE A 1 80  ? -10.220 7.057   6.223   1.00 46.17 ? 77  ILE A CG2 1 
ATOM   612  C  CD1 . ILE A 1 80  ? -11.777 4.804   7.430   1.00 43.60 ? 77  ILE A CD1 1 
ATOM   613  N  N   . TYR A 1 81  ? -9.711  5.823   3.384   1.00 42.09 ? 78  TYR A N   1 
ATOM   614  C  CA  . TYR A 1 81  ? -9.280  6.767   2.372   1.00 42.42 ? 78  TYR A CA  1 
ATOM   615  C  C   . TYR A 1 81  ? -9.352  8.171   2.952   1.00 42.98 ? 78  TYR A C   1 
ATOM   616  O  O   . TYR A 1 81  ? -10.375 8.573   3.464   1.00 43.91 ? 78  TYR A O   1 
ATOM   617  C  CB  . TYR A 1 81  ? -10.149 6.657   1.149   1.00 43.15 ? 78  TYR A CB  1 
ATOM   618  C  CG  . TYR A 1 81  ? -9.944  5.377   0.419   1.00 44.19 ? 78  TYR A CG  1 
ATOM   619  C  CD1 . TYR A 1 81  ? -8.839  5.226   -0.423  1.00 45.02 ? 78  TYR A CD1 1 
ATOM   620  C  CD2 . TYR A 1 81  ? -10.831 4.282   0.601   1.00 43.60 ? 78  TYR A CD2 1 
ATOM   621  C  CE1 . TYR A 1 81  ? -8.637  4.061   -1.113  1.00 46.43 ? 78  TYR A CE1 1 
ATOM   622  C  CE2 . TYR A 1 81  ? -10.628 3.103   -0.057  1.00 46.71 ? 78  TYR A CE2 1 
ATOM   623  C  CZ  . TYR A 1 81  ? -9.520  3.001   -0.932  1.00 48.98 ? 78  TYR A CZ  1 
ATOM   624  O  OH  . TYR A 1 81  ? -9.268  1.853   -1.639  1.00 49.68 ? 78  TYR A OH  1 
ATOM   625  N  N   . GLU A 1 82  ? -8.254  8.904   2.937   1.00 42.77 ? 79  GLU A N   1 
ATOM   626  C  CA  . GLU A 1 82  ? -8.316  10.251  3.453   1.00 44.43 ? 79  GLU A CA  1 
ATOM   627  C  C   . GLU A 1 82  ? -8.497  11.250  2.308   1.00 44.12 ? 79  GLU A C   1 
ATOM   628  O  O   . GLU A 1 82  ? -9.208  12.210  2.422   1.00 44.42 ? 79  GLU A O   1 
ATOM   629  C  CB  . GLU A 1 82  ? -7.092  10.579  4.312   1.00 43.92 ? 79  GLU A CB  1 
ATOM   630  C  CG  . GLU A 1 82  ? -6.879  9.525   5.348   1.00 50.31 ? 79  GLU A CG  1 
ATOM   631  C  CD  . GLU A 1 82  ? -6.337  10.037  6.637   1.00 57.91 ? 79  GLU A CD  1 
ATOM   632  O  OE1 . GLU A 1 82  ? -5.130  9.785   6.867   1.00 62.34 ? 79  GLU A OE1 1 
ATOM   633  O  OE2 . GLU A 1 82  ? -7.099  10.666  7.418   1.00 58.75 ? 79  GLU A OE2 1 
ATOM   634  N  N   . SER A 1 83  ? -7.867  10.968  1.191   1.00 45.23 ? 80  SER A N   1 
ATOM   635  C  CA  . SER A 1 83  ? -7.844  11.880  0.095   1.00 46.62 ? 80  SER A CA  1 
ATOM   636  C  C   . SER A 1 83  ? -7.876  11.073  -1.195  1.00 45.79 ? 80  SER A C   1 
ATOM   637  O  O   . SER A 1 83  ? -7.116  10.119  -1.357  1.00 44.65 ? 80  SER A O   1 
ATOM   638  C  CB  . SER A 1 83  ? -6.589  12.738  0.186   1.00 46.95 ? 80  SER A CB  1 
ATOM   639  O  OG  . SER A 1 83  ? -6.694  13.793  -0.739  1.00 54.13 ? 80  SER A OG  1 
ATOM   640  N  N   . LEU A 1 84  ? -8.808  11.451  -2.080  1.00 45.97 ? 81  LEU A N   1 
ATOM   641  C  CA  . LEU A 1 84  ? -9.012  10.815  -3.394  1.00 44.85 ? 81  LEU A CA  1 
ATOM   642  C  C   . LEU A 1 84  ? -9.175  11.918  -4.432  1.00 45.72 ? 81  LEU A C   1 
ATOM   643  O  O   . LEU A 1 84  ? -10.239 12.535  -4.555  1.00 45.04 ? 81  LEU A O   1 
ATOM   644  C  CB  . LEU A 1 84  ? -10.284 9.942   -3.385  1.00 44.19 ? 81  LEU A CB  1 
ATOM   645  C  CG  . LEU A 1 84  ? -10.200 8.657   -2.546  1.00 45.35 ? 81  LEU A CG  1 
ATOM   646  C  CD1 . LEU A 1 84  ? -11.532 8.030   -2.354  1.00 44.42 ? 81  LEU A CD1 1 
ATOM   647  C  CD2 . LEU A 1 84  ? -9.230  7.648   -3.183  1.00 43.39 ? 81  LEU A CD2 1 
ATOM   648  N  N   . VAL A 1 85  ? -8.113  12.207  -5.164  1.00 45.51 ? 82  VAL A N   1 
ATOM   649  C  CA  . VAL A 1 85  ? -8.292  13.074  -6.280  1.00 44.13 ? 82  VAL A CA  1 
ATOM   650  C  C   . VAL A 1 85  ? -8.046  12.335  -7.602  1.00 44.49 ? 82  VAL A C   1 
ATOM   651  O  O   . VAL A 1 85  ? -6.980  11.740  -7.826  1.00 44.25 ? 82  VAL A O   1 
ATOM   652  C  CB  . VAL A 1 85  ? -7.732  14.544  -6.042  1.00 45.90 ? 82  VAL A CB  1 
ATOM   653  C  CG1 . VAL A 1 85  ? -6.826  14.687  -4.785  1.00 42.90 ? 82  VAL A CG1 1 
ATOM   654  C  CG2 . VAL A 1 85  ? -7.225  15.270  -7.338  1.00 43.84 ? 82  VAL A CG2 1 
HETATM 655  N  N   . MSE A 1 86  ? -9.099  12.314  -8.423  1.00 43.79 ? 83  MSE A N   1 
HETATM 656  C  CA  . MSE A 1 86  ? -9.177  11.565  -9.680  1.00 43.56 ? 83  MSE A CA  1 
HETATM 657  C  C   . MSE A 1 86  ? -7.968  11.617  -10.598 1.00 42.96 ? 83  MSE A C   1 
HETATM 658  O  O   . MSE A 1 86  ? -7.598  12.690  -11.081 1.00 42.38 ? 83  MSE A O   1 
HETATM 659  C  CB  . MSE A 1 86  ? -10.374 12.025  -10.479 1.00 44.71 ? 83  MSE A CB  1 
HETATM 660  C  CG  . MSE A 1 86  ? -10.672 11.095  -11.641 1.00 47.91 ? 83  MSE A CG  1 
HETATM 661  SE SE  . MSE A 1 86  ? -11.838 11.863  -12.975 0.70 54.95 ? 83  MSE A SE  1 
HETATM 662  C  CE  . MSE A 1 86  ? -13.300 12.548  -11.847 1.00 54.03 ? 83  MSE A CE  1 
ATOM   663  N  N   . ASP A 1 87  ? -7.387  10.426  -10.826 1.00 42.72 ? 84  ASP A N   1 
ATOM   664  C  CA  . ASP A 1 87  ? -6.214  10.171  -11.686 1.00 42.60 ? 84  ASP A CA  1 
ATOM   665  C  C   . ASP A 1 87  ? -4.970  10.851  -11.147 1.00 42.61 ? 84  ASP A C   1 
ATOM   666  O  O   . ASP A 1 87  ? -3.965  10.955  -11.841 1.00 43.16 ? 84  ASP A O   1 
ATOM   667  C  CB  . ASP A 1 87  ? -6.465  10.596  -13.166 1.00 42.80 ? 84  ASP A CB  1 
ATOM   668  C  CG  . ASP A 1 87  ? -7.627  9.890   -13.786 1.00 42.68 ? 84  ASP A CG  1 
ATOM   669  O  OD1 . ASP A 1 87  ? -8.004  8.797   -13.317 1.00 41.15 ? 84  ASP A OD1 1 
ATOM   670  O  OD2 . ASP A 1 87  ? -8.172  10.414  -14.783 1.00 47.42 ? 84  ASP A OD2 1 
ATOM   671  N  N   . GLU A 1 88  ? -5.021  11.303  -9.898  1.00 42.87 ? 85  GLU A N   1 
ATOM   672  C  CA  . GLU A 1 88  ? -3.999  12.220  -9.408  1.00 42.68 ? 85  GLU A CA  1 
ATOM   673  C  C   . GLU A 1 88  ? -3.399  11.838  -8.051  1.00 42.03 ? 85  GLU A C   1 
ATOM   674  O  O   . GLU A 1 88  ? -2.180  11.916  -7.849  1.00 42.30 ? 85  GLU A O   1 
ATOM   675  C  CB  . GLU A 1 88  ? -4.574  13.648  -9.363  1.00 42.63 ? 85  GLU A CB  1 
ATOM   676  C  CG  . GLU A 1 88  ? -3.563  14.696  -9.015  1.00 44.12 ? 85  GLU A CG  1 
ATOM   677  C  CD  . GLU A 1 88  ? -4.134  16.111  -8.924  1.00 45.99 ? 85  GLU A CD  1 
ATOM   678  O  OE1 . GLU A 1 88  ? -5.186  16.398  -9.561  1.00 47.52 ? 85  GLU A OE1 1 
ATOM   679  O  OE2 . GLU A 1 88  ? -3.497  16.944  -8.228  1.00 42.89 ? 85  GLU A OE2 1 
ATOM   680  N  N   . TYR A 1 89  ? -4.235  11.436  -7.106  1.00 41.28 ? 86  TYR A N   1 
ATOM   681  C  CA  . TYR A 1 89  ? -3.727  11.359  -5.745  1.00 41.18 ? 86  TYR A CA  1 
ATOM   682  C  C   . TYR A 1 89  ? -4.594  10.547  -4.871  1.00 40.49 ? 86  TYR A C   1 
ATOM   683  O  O   . TYR A 1 89  ? -5.801  10.763  -4.793  1.00 40.93 ? 86  TYR A O   1 
ATOM   684  C  CB  . TYR A 1 89  ? -3.515  12.769  -5.158  1.00 41.22 ? 86  TYR A CB  1 
ATOM   685  C  CG  . TYR A 1 89  ? -2.881  12.853  -3.775  1.00 42.18 ? 86  TYR A CG  1 
ATOM   686  C  CD1 . TYR A 1 89  ? -1.615  12.325  -3.513  1.00 43.88 ? 86  TYR A CD1 1 
ATOM   687  C  CD2 . TYR A 1 89  ? -3.532  13.536  -2.739  1.00 44.63 ? 86  TYR A CD2 1 
ATOM   688  C  CE1 . TYR A 1 89  ? -1.028  12.419  -2.221  1.00 42.20 ? 86  TYR A CE1 1 
ATOM   689  C  CE2 . TYR A 1 89  ? -2.958  13.657  -1.466  1.00 45.15 ? 86  TYR A CE2 1 
ATOM   690  C  CZ  . TYR A 1 89  ? -1.714  13.095  -1.218  1.00 45.80 ? 86  TYR A CZ  1 
ATOM   691  O  OH  . TYR A 1 89  ? -1.166  13.236  0.044   1.00 46.37 ? 86  TYR A OH  1 
ATOM   692  N  N   . VAL A 1 90  ? -3.947  9.589   -4.225  1.00 39.82 ? 87  VAL A N   1 
ATOM   693  C  CA  . VAL A 1 90  ? -4.554  8.844   -3.138  1.00 39.44 ? 87  VAL A CA  1 
ATOM   694  C  C   . VAL A 1 90  ? -3.715  9.013   -1.839  1.00 39.50 ? 87  VAL A C   1 
ATOM   695  O  O   . VAL A 1 90  ? -2.503  8.778   -1.832  1.00 38.81 ? 87  VAL A O   1 
ATOM   696  C  CB  . VAL A 1 90  ? -4.712  7.311   -3.488  1.00 39.67 ? 87  VAL A CB  1 
ATOM   697  C  CG1 . VAL A 1 90  ? -5.347  6.559   -2.323  1.00 37.67 ? 87  VAL A CG1 1 
ATOM   698  C  CG2 . VAL A 1 90  ? -5.529  7.099   -4.745  1.00 37.49 ? 87  VAL A CG2 1 
ATOM   699  N  N   . LYS A 1 91  ? -4.372  9.488   -0.783  1.00 39.95 ? 88  LYS A N   1 
ATOM   700  C  CA  . LYS A 1 91  ? -3.886  9.411   0.602   1.00 40.63 ? 88  LYS A CA  1 
ATOM   701  C  C   . LYS A 1 91  ? -4.805  8.468   1.381   1.00 41.74 ? 88  LYS A C   1 
ATOM   702  O  O   . LYS A 1 91  ? -6.028  8.657   1.434   1.00 41.51 ? 88  LYS A O   1 
ATOM   703  C  CB  . LYS A 1 91  ? -3.852  10.771  1.274   1.00 39.98 ? 88  LYS A CB  1 
ATOM   704  C  CG  . LYS A 1 91  ? -3.245  10.802  2.684   1.00 38.95 ? 88  LYS A CG  1 
ATOM   705  C  CD  . LYS A 1 91  ? -3.302  12.290  3.200   1.00 42.35 ? 88  LYS A CD  1 
ATOM   706  C  CE  . LYS A 1 91  ? -2.899  12.504  4.664   1.00 40.86 ? 88  LYS A CE  1 
ATOM   707  N  NZ  . LYS A 1 91  ? -1.766  11.543  5.052   1.00 42.63 ? 88  LYS A NZ  1 
HETATM 708  N  N   . MSE A 1 92  ? -4.207  7.429   1.948   1.00 42.19 ? 89  MSE A N   1 
HETATM 709  C  CA  . MSE A 1 92  ? -4.939  6.451   2.684   1.00 43.94 ? 89  MSE A CA  1 
HETATM 710  C  C   . MSE A 1 92  ? -4.142  6.017   3.922   1.00 45.59 ? 89  MSE A C   1 
HETATM 711  O  O   . MSE A 1 92  ? -2.921  6.273   4.017   1.00 45.63 ? 89  MSE A O   1 
HETATM 712  C  CB  . MSE A 1 92  ? -5.321  5.265   1.773   1.00 43.45 ? 89  MSE A CB  1 
HETATM 713  C  CG  . MSE A 1 92  ? -4.170  4.472   1.228   1.00 43.64 ? 89  MSE A CG  1 
HETATM 714  SE SE  . MSE A 1 92  ? -4.620  3.254   -0.163  0.70 47.02 ? 89  MSE A SE  1 
HETATM 715  C  CE  . MSE A 1 92  ? -5.808  2.126   0.871   1.00 42.80 ? 89  MSE A CE  1 
ATOM   716  N  N   . THR A 1 93  ? -4.852  5.418   4.882   1.00 46.81 ? 90  THR A N   1 
ATOM   717  C  CA  . THR A 1 93  ? -4.221  4.746   6.007   1.00 48.47 ? 90  THR A CA  1 
ATOM   718  C  C   . THR A 1 93  ? -4.178  3.207   5.870   1.00 50.47 ? 90  THR A C   1 
ATOM   719  O  O   . THR A 1 93  ? -5.025  2.560   5.190   1.00 49.57 ? 90  THR A O   1 
ATOM   720  C  CB  . THR A 1 93  ? -4.842  5.083   7.371   1.00 47.89 ? 90  THR A CB  1 
ATOM   721  O  OG1 . THR A 1 93  ? -6.040  4.331   7.563   1.00 47.36 ? 90  THR A OG1 1 
ATOM   722  C  CG2 . THR A 1 93  ? -5.112  6.561   7.537   1.00 46.19 ? 90  THR A CG2 1 
ATOM   723  N  N   . ILE A 1 94  ? -3.132  2.665   6.486   1.00 53.15 ? 91  ILE A N   1 
ATOM   724  C  CA  . ILE A 1 94  ? -3.001  1.239   6.826   1.00 56.46 ? 91  ILE A CA  1 
ATOM   725  C  C   . ILE A 1 94  ? -3.109  1.220   8.341   1.00 57.77 ? 91  ILE A C   1 
ATOM   726  O  O   . ILE A 1 94  ? -2.269  1.754   9.044   1.00 57.87 ? 91  ILE A O   1 
ATOM   727  C  CB  . ILE A 1 94  ? -1.662  0.677   6.412   1.00 56.51 ? 91  ILE A CB  1 
ATOM   728  C  CG1 . ILE A 1 94  ? -1.538  0.682   4.901   1.00 56.99 ? 91  ILE A CG1 1 
ATOM   729  C  CG2 . ILE A 1 94  ? -1.527  -0.785  6.894   1.00 61.01 ? 91  ILE A CG2 1 
ATOM   730  C  CD1 . ILE A 1 94  ? -1.960  -0.676  4.251   1.00 57.87 ? 91  ILE A CD1 1 
ATOM   731  N  N   . GLY A 1 95  ? -4.204  0.687   8.851   1.00 60.30 ? 92  GLY A N   1 
ATOM   732  C  CA  . GLY A 1 95  ? -4.516  0.878   10.258  1.00 61.89 ? 92  GLY A CA  1 
ATOM   733  C  C   . GLY A 1 95  ? -5.694  1.796   10.428  1.00 63.91 ? 92  GLY A C   1 
ATOM   734  O  O   . GLY A 1 95  ? -5.893  2.759   9.689   1.00 63.68 ? 92  GLY A O   1 
HETATM 735  N  N   . MSE A 1 96  ? -6.474  1.483   11.444  1.00 66.18 ? 93  MSE A N   1 
HETATM 736  C  CA  . MSE A 1 96  ? -7.758  2.092   11.655  1.00 68.20 ? 93  MSE A CA  1 
HETATM 737  C  C   . MSE A 1 96  ? -7.611  3.209   12.733  1.00 69.78 ? 93  MSE A C   1 
HETATM 738  O  O   . MSE A 1 96  ? -7.254  2.920   13.888  1.00 70.55 ? 93  MSE A O   1 
HETATM 739  C  CB  . MSE A 1 96  ? -8.723  0.958   12.048  1.00 67.91 ? 93  MSE A CB  1 
HETATM 740  C  CG  . MSE A 1 96  ? -10.180 1.169   11.696  1.00 67.95 ? 93  MSE A CG  1 
HETATM 741  SE SE  . MSE A 1 96  ? -10.609 1.589   9.834   0.70 65.03 ? 93  MSE A SE  1 
HETATM 742  C  CE  . MSE A 1 96  ? -12.306 2.516   10.204  1.00 66.14 ? 93  MSE A CE  1 
ATOM   743  N  N   . PRO A 1 97  ? -7.818  4.496   12.339  1.00 70.96 ? 94  PRO A N   1 
ATOM   744  C  CA  . PRO A 1 97  ? -7.730  5.638   13.261  1.00 71.22 ? 94  PRO A CA  1 
ATOM   745  C  C   . PRO A 1 97  ? -8.293  5.354   14.644  1.00 71.62 ? 94  PRO A C   1 
ATOM   746  O  O   . PRO A 1 97  ? -7.981  6.067   15.596  1.00 72.13 ? 94  PRO A O   1 
ATOM   747  C  CB  . PRO A 1 97  ? -8.577  6.713   12.562  1.00 72.11 ? 94  PRO A CB  1 
ATOM   748  C  CG  . PRO A 1 97  ? -8.423  6.421   11.074  1.00 71.75 ? 94  PRO A CG  1 
ATOM   749  C  CD  . PRO A 1 97  ? -8.103  4.930   10.949  1.00 71.02 ? 94  PRO A CD  1 
ATOM   750  N  N   . SER A 1 100 ? -4.062  0.413   20.911  1.00 86.30 ? 97  SER A N   1 
ATOM   751  C  CA  . SER A 1 100 ? -3.177  -0.720  20.621  1.00 86.19 ? 97  SER A CA  1 
ATOM   752  C  C   . SER A 1 100 ? -2.112  -0.402  19.570  1.00 85.82 ? 97  SER A C   1 
ATOM   753  O  O   . SER A 1 100 ? -0.907  -0.585  19.821  1.00 86.04 ? 97  SER A O   1 
ATOM   754  C  CB  . SER A 1 100 ? -3.983  -1.954  20.175  1.00 86.47 ? 97  SER A CB  1 
ATOM   755  O  OG  . SER A 1 100 ? -4.767  -2.499  21.234  1.00 87.01 ? 97  SER A OG  1 
ATOM   756  N  N   . GLU A 1 101 ? -2.552  0.084   18.404  1.00 85.00 ? 98  GLU A N   1 
ATOM   757  C  CA  . GLU A 1 101 ? -1.713  0.053   17.187  1.00 83.96 ? 98  GLU A CA  1 
ATOM   758  C  C   . GLU A 1 101 ? -1.959  1.168   16.150  1.00 82.43 ? 98  GLU A C   1 
ATOM   759  O  O   . GLU A 1 101 ? -3.059  1.305   15.594  1.00 82.57 ? 98  GLU A O   1 
ATOM   760  C  CB  . GLU A 1 101 ? -1.825  -1.325  16.519  1.00 84.55 ? 98  GLU A CB  1 
ATOM   761  C  CG  . GLU A 1 101 ? -3.251  -1.885  16.502  1.00 85.35 ? 98  GLU A CG  1 
ATOM   762  C  CD  . GLU A 1 101 ? -3.367  -3.148  15.690  1.00 87.64 ? 98  GLU A CD  1 
ATOM   763  O  OE1 . GLU A 1 101 ? -2.559  -3.318  14.738  1.00 87.49 ? 98  GLU A OE1 1 
ATOM   764  O  OE2 . GLU A 1 101 ? -4.269  -3.964  16.001  1.00 87.97 ? 98  GLU A OE2 1 
ATOM   765  N  N   . THR A 1 102 ? -0.896  1.921   15.875  1.00 80.32 ? 99  THR A N   1 
ATOM   766  C  CA  . THR A 1 102 ? -0.915  3.138   15.024  1.00 77.41 ? 99  THR A CA  1 
ATOM   767  C  C   . THR A 1 102 ? -1.368  2.918   13.560  1.00 74.41 ? 99  THR A C   1 
ATOM   768  O  O   . THR A 1 102 ? -1.418  1.765   13.078  1.00 74.70 ? 99  THR A O   1 
ATOM   769  C  CB  . THR A 1 102 ? 0.488   3.825   15.038  1.00 77.89 ? 99  THR A CB  1 
ATOM   770  O  OG1 . THR A 1 102 ? 0.555   4.836   14.026  1.00 77.82 ? 99  THR A OG1 1 
ATOM   771  C  CG2 . THR A 1 102 ? 1.591   2.797   14.803  1.00 76.51 ? 99  THR A CG2 1 
ATOM   772  N  N   . GLN A 1 103 ? -1.716  4.023   12.875  1.00 69.65 ? 100 GLN A N   1 
ATOM   773  C  CA  . GLN A 1 103 ? -1.958  3.980   11.427  1.00 64.78 ? 100 GLN A CA  1 
ATOM   774  C  C   . GLN A 1 103 ? -0.681  4.294   10.667  1.00 60.36 ? 100 GLN A C   1 
ATOM   775  O  O   . GLN A 1 103 ? -0.033  5.339   10.874  1.00 59.79 ? 100 GLN A O   1 
ATOM   776  C  CB  . GLN A 1 103 ? -3.001  4.995   10.950  1.00 65.12 ? 100 GLN A CB  1 
ATOM   777  C  CG  . GLN A 1 103 ? -4.240  5.139   11.741  1.00 68.09 ? 100 GLN A CG  1 
ATOM   778  C  CD  . GLN A 1 103 ? -4.596  6.603   11.885  1.00 71.53 ? 100 GLN A CD  1 
ATOM   779  O  OE1 . GLN A 1 103 ? -4.056  7.300   12.748  1.00 72.55 ? 100 GLN A OE1 1 
ATOM   780  N  NE2 . GLN A 1 103 ? -5.492  7.086   11.027  1.00 72.21 ? 100 GLN A NE2 1 
ATOM   781  N  N   . ASP A 1 104 ? -0.343  3.397   9.762   1.00 54.88 ? 101 ASP A N   1 
ATOM   782  C  CA  . ASP A 1 104 ? 0.564   3.720   8.709   1.00 50.54 ? 101 ASP A CA  1 
ATOM   783  C  C   . ASP A 1 104 ? -0.135  4.635   7.676   1.00 47.88 ? 101 ASP A C   1 
ATOM   784  O  O   . ASP A 1 104 ? -1.349  4.617   7.490   1.00 43.70 ? 101 ASP A O   1 
ATOM   785  C  CB  . ASP A 1 104 ? 1.083   2.474   8.032   1.00 49.99 ? 101 ASP A CB  1 
ATOM   786  C  CG  . ASP A 1 104 ? 1.637   1.434   9.026   1.00 53.19 ? 101 ASP A CG  1 
ATOM   787  O  OD1 . ASP A 1 104 ? 2.065   1.798   10.160  1.00 49.88 ? 101 ASP A OD1 1 
ATOM   788  O  OD2 . ASP A 1 104 ? 1.676   0.241   8.613   1.00 55.11 ? 101 ASP A OD2 1 
ATOM   789  N  N   . VAL A 1 105 ? 0.697   5.408   7.004   1.00 45.35 ? 102 VAL A N   1 
ATOM   790  C  CA  . VAL A 1 105 ? 0.254   6.391   6.036   1.00 44.16 ? 102 VAL A CA  1 
ATOM   791  C  C   . VAL A 1 105 ? 0.782   5.981   4.683   1.00 41.76 ? 102 VAL A C   1 
ATOM   792  O  O   . VAL A 1 105 ? 1.939   5.698   4.544   1.00 41.12 ? 102 VAL A O   1 
ATOM   793  C  CB  . VAL A 1 105 ? 0.751   7.835   6.441   1.00 43.37 ? 102 VAL A CB  1 
ATOM   794  C  CG1 . VAL A 1 105 ? 0.727   8.798   5.247   1.00 41.78 ? 102 VAL A CG1 1 
ATOM   795  C  CG2 . VAL A 1 105 ? -0.072  8.366   7.650   1.00 43.16 ? 102 VAL A CG2 1 
ATOM   796  N  N   . ILE A 1 106 ? -0.101  5.945   3.700   1.00 41.29 ? 103 ILE A N   1 
ATOM   797  C  CA  . ILE A 1 106 ? 0.274   5.893   2.278   1.00 40.94 ? 103 ILE A CA  1 
ATOM   798  C  C   . ILE A 1 106 ? -0.121  7.199   1.559   1.00 41.22 ? 103 ILE A C   1 
ATOM   799  O  O   . ILE A 1 106 ? -1.242  7.653   1.674   1.00 40.84 ? 103 ILE A O   1 
ATOM   800  C  CB  . ILE A 1 106 ? -0.426  4.688   1.576   1.00 41.83 ? 103 ILE A CB  1 
ATOM   801  C  CG1 . ILE A 1 106 ? 0.263   3.372   2.006   1.00 40.18 ? 103 ILE A CG1 1 
ATOM   802  C  CG2 . ILE A 1 106 ? -0.429  4.854   0.029   1.00 39.29 ? 103 ILE A CG2 1 
ATOM   803  C  CD1 . ILE A 1 106 ? -0.446  2.072   1.488   1.00 40.60 ? 103 ILE A CD1 1 
ATOM   804  N  N   . GLU A 1 107 ? 0.814   7.816   0.847   1.00 41.63 ? 104 GLU A N   1 
ATOM   805  C  CA  . GLU A 1 107 ? 0.481   8.947   -0.048  1.00 41.99 ? 104 GLU A CA  1 
ATOM   806  C  C   . GLU A 1 107 ? 1.079   8.622   -1.401  1.00 42.62 ? 104 GLU A C   1 
ATOM   807  O  O   . GLU A 1 107 ? 2.269   8.393   -1.501  1.00 43.49 ? 104 GLU A O   1 
ATOM   808  C  CB  . GLU A 1 107 ? 0.988   10.263  0.488   1.00 41.03 ? 104 GLU A CB  1 
ATOM   809  C  CG  . GLU A 1 107 ? 0.369   10.605  1.839   1.00 42.47 ? 104 GLU A CG  1 
ATOM   810  C  CD  . GLU A 1 107 ? 0.935   11.811  2.526   1.00 44.62 ? 104 GLU A CD  1 
ATOM   811  O  OE1 . GLU A 1 107 ? 1.977   12.346  2.095   1.00 46.43 ? 104 GLU A OE1 1 
ATOM   812  O  OE2 . GLU A 1 107 ? 0.298   12.269  3.521   1.00 48.38 ? 104 GLU A OE2 1 
ATOM   813  N  N   . VAL A 1 108 ? 0.229   8.523   -2.420  1.00 42.32 ? 105 VAL A N   1 
ATOM   814  C  CA  . VAL A 1 108 ? 0.676   8.110   -3.725  1.00 41.39 ? 105 VAL A CA  1 
ATOM   815  C  C   . VAL A 1 108 ? 0.144   9.092   -4.794  1.00 42.31 ? 105 VAL A C   1 
ATOM   816  O  O   . VAL A 1 108 ? -1.056  9.333   -4.906  1.00 41.76 ? 105 VAL A O   1 
ATOM   817  C  CB  . VAL A 1 108 ? 0.353   6.588   -4.031  1.00 41.53 ? 105 VAL A CB  1 
ATOM   818  C  CG1 . VAL A 1 108 ? -1.135  6.329   -4.024  1.00 38.81 ? 105 VAL A CG1 1 
ATOM   819  C  CG2 . VAL A 1 108 ? 0.991   6.149   -5.391  1.00 37.14 ? 105 VAL A CG2 1 
ATOM   820  N  N   . GLU A 1 109 ? 1.074   9.671   -5.557  1.00 42.90 ? 106 GLU A N   1 
ATOM   821  C  CA  . GLU A 1 109 ? 0.733   10.597  -6.604  1.00 42.72 ? 106 GLU A CA  1 
ATOM   822  C  C   . GLU A 1 109 ? 1.019   10.028  -8.006  1.00 43.17 ? 106 GLU A C   1 
ATOM   823  O  O   . GLU A 1 109 ? 2.031   9.368   -8.219  1.00 41.76 ? 106 GLU A O   1 
ATOM   824  C  CB  . GLU A 1 109 ? 1.447   11.931  -6.374  1.00 42.23 ? 106 GLU A CB  1 
ATOM   825  C  CG  . GLU A 1 109 ? 0.580   13.112  -6.796  1.00 44.08 ? 106 GLU A CG  1 
ATOM   826  C  CD  . GLU A 1 109 ? 1.178   14.473  -6.503  1.00 45.95 ? 106 GLU A CD  1 
ATOM   827  O  OE1 . GLU A 1 109 ? 2.227   14.576  -5.818  1.00 43.15 ? 106 GLU A OE1 1 
ATOM   828  O  OE2 . GLU A 1 109 ? 0.546   15.458  -6.950  1.00 46.08 ? 106 GLU A OE2 1 
ATOM   829  N  N   . PHE A 1 110 ? 0.102   10.317  -8.943  1.00 44.66 ? 107 PHE A N   1 
ATOM   830  C  CA  . PHE A 1 110 ? 0.159   9.862   -10.337 1.00 45.99 ? 107 PHE A CA  1 
ATOM   831  C  C   . PHE A 1 110 ? 0.353   11.058  -11.293 1.00 47.18 ? 107 PHE A C   1 
ATOM   832  O  O   . PHE A 1 110 ? -0.460  11.981  -11.300 1.00 48.59 ? 107 PHE A O   1 
ATOM   833  C  CB  . PHE A 1 110 ? -1.130  9.089   -10.683 1.00 45.71 ? 107 PHE A CB  1 
ATOM   834  C  CG  . PHE A 1 110 ? -1.512  8.073   -9.651  1.00 45.65 ? 107 PHE A CG  1 
ATOM   835  C  CD1 . PHE A 1 110 ? -2.450  8.379   -8.663  1.00 46.93 ? 107 PHE A CD1 1 
ATOM   836  C  CD2 . PHE A 1 110 ? -0.890  6.828   -9.615  1.00 44.47 ? 107 PHE A CD2 1 
ATOM   837  C  CE1 . PHE A 1 110 ? -2.773  7.454   -7.651  1.00 45.15 ? 107 PHE A CE1 1 
ATOM   838  C  CE2 . PHE A 1 110 ? -1.213  5.902   -8.623  1.00 44.11 ? 107 PHE A CE2 1 
ATOM   839  C  CZ  . PHE A 1 110 ? -2.158  6.211   -7.645  1.00 42.92 ? 107 PHE A CZ  1 
ATOM   840  N  N   . PHE A 1 111 ? 1.439   11.070  -12.058 1.00 47.92 ? 108 PHE A N   1 
ATOM   841  C  CA  . PHE A 1 111 ? 1.686   12.117  -13.054 1.00 49.12 ? 108 PHE A CA  1 
ATOM   842  C  C   . PHE A 1 111 ? 1.699   11.535  -14.450 1.00 50.69 ? 108 PHE A C   1 
ATOM   843  O  O   . PHE A 1 111 ? 2.263   10.463  -14.672 1.00 50.56 ? 108 PHE A O   1 
ATOM   844  C  CB  . PHE A 1 111 ? 3.030   12.810  -12.817 1.00 48.40 ? 108 PHE A CB  1 
ATOM   845  C  CG  . PHE A 1 111 ? 3.107   13.570  -11.526 1.00 47.36 ? 108 PHE A CG  1 
ATOM   846  C  CD1 . PHE A 1 111 ? 3.448   12.914  -10.333 1.00 41.63 ? 108 PHE A CD1 1 
ATOM   847  C  CD2 . PHE A 1 111 ? 2.858   14.950  -11.499 1.00 44.78 ? 108 PHE A CD2 1 
ATOM   848  C  CE1 . PHE A 1 111 ? 3.517   13.616  -9.131  1.00 41.93 ? 108 PHE A CE1 1 
ATOM   849  C  CE2 . PHE A 1 111 ? 2.947   15.670  -10.286 1.00 44.63 ? 108 PHE A CE2 1 
ATOM   850  C  CZ  . PHE A 1 111 ? 3.289   14.995  -9.107  1.00 42.18 ? 108 PHE A CZ  1 
ATOM   851  N  N   . GLU A 1 112 ? 1.082   12.240  -15.394 1.00 52.94 ? 109 GLU A N   1 
ATOM   852  C  CA  . GLU A 1 112 ? 1.159   11.856  -16.813 1.00 54.83 ? 109 GLU A CA  1 
ATOM   853  C  C   . GLU A 1 112 ? 2.534   12.223  -17.359 1.00 55.74 ? 109 GLU A C   1 
ATOM   854  O  O   . GLU A 1 112 ? 3.018   13.335  -17.135 1.00 56.07 ? 109 GLU A O   1 
ATOM   855  C  CB  . GLU A 1 112 ? 0.090   12.577  -17.615 1.00 54.95 ? 109 GLU A CB  1 
ATOM   856  C  CG  . GLU A 1 112 ? -0.527  11.760  -18.746 1.00 58.17 ? 109 GLU A CG  1 
ATOM   857  C  CD  . GLU A 1 112 ? -1.904  12.282  -19.144 1.00 61.76 ? 109 GLU A CD  1 
ATOM   858  O  OE1 . GLU A 1 112 ? -2.406  13.192  -18.426 1.00 61.06 ? 109 GLU A OE1 1 
ATOM   859  O  OE2 . GLU A 1 112 ? -2.467  11.785  -20.167 1.00 61.52 ? 109 GLU A OE2 1 
ATOM   860  N  N   . ARG A 1 113 ? 3.180   11.281  -18.035 1.00 56.50 ? 110 ARG A N   1 
ATOM   861  C  CA  . ARG A 1 113 ? 4.433   11.575  -18.722 1.00 57.57 ? 110 ARG A CA  1 
ATOM   862  C  C   . ARG A 1 113 ? 4.144   12.015  -20.157 1.00 58.52 ? 110 ARG A C   1 
ATOM   863  O  O   . ARG A 1 113 ? 3.041   11.783  -20.664 1.00 58.47 ? 110 ARG A O   1 
ATOM   864  C  CB  . ARG A 1 113 ? 5.325   10.343  -18.729 1.00 57.18 ? 110 ARG A CB  1 
ATOM   865  C  CG  . ARG A 1 113 ? 5.456   9.688   -17.382 1.00 55.13 ? 110 ARG A CG  1 
ATOM   866  C  CD  . ARG A 1 113 ? 5.711   8.208   -17.519 1.00 52.64 ? 110 ARG A CD  1 
ATOM   867  N  NE  . ARG A 1 113 ? 7.026   7.919   -18.080 1.00 52.52 ? 110 ARG A NE  1 
ATOM   868  C  CZ  . ARG A 1 113 ? 7.339   6.768   -18.676 1.00 53.90 ? 110 ARG A CZ  1 
ATOM   869  N  NH1 . ARG A 1 113 ? 6.429   5.807   -18.772 1.00 54.62 ? 110 ARG A NH1 1 
ATOM   870  N  NH2 . ARG A 1 113 ? 8.561   6.569   -19.171 1.00 52.28 ? 110 ARG A NH2 1 
ATOM   871  N  N   . GLU A 1 114 ? 5.114   12.669  -20.798 1.00 60.04 ? 111 GLU A N   1 
ATOM   872  C  CA  . GLU A 1 114 ? 5.072   12.841  -22.275 1.00 61.86 ? 111 GLU A CA  1 
ATOM   873  C  C   . GLU A 1 114 ? 6.099   11.911  -22.928 1.00 62.47 ? 111 GLU A C   1 
ATOM   874  O  O   . GLU A 1 114 ? 7.320   12.118  -22.835 1.00 63.03 ? 111 GLU A O   1 
ATOM   875  C  CB  . GLU A 1 114 ? 5.211   14.297  -22.743 1.00 61.74 ? 111 GLU A CB  1 
ATOM   876  C  CG  . GLU A 1 114 ? 6.189   15.126  -21.943 1.00 63.29 ? 111 GLU A CG  1 
ATOM   877  C  CD  . GLU A 1 114 ? 6.720   16.293  -22.733 1.00 65.02 ? 111 GLU A CD  1 
ATOM   878  O  OE1 . GLU A 1 114 ? 5.966   16.849  -23.567 1.00 65.14 ? 111 GLU A OE1 1 
ATOM   879  O  OE2 . GLU A 1 114 ? 7.900   16.649  -22.519 1.00 65.79 ? 111 GLU A OE2 1 
ATOM   880  N  N   . THR A 1 115 ? 5.548   10.928  -23.637 1.00 62.95 ? 112 THR A N   1 
ATOM   881  C  CA  . THR A 1 115 ? 6.032   9.541   -23.745 1.00 62.84 ? 112 THR A CA  1 
ATOM   882  C  C   . THR A 1 115 ? 4.925   8.721   -23.070 1.00 62.20 ? 112 THR A C   1 
ATOM   883  O  O   . THR A 1 115 ? 3.764   8.743   -23.511 1.00 61.96 ? 112 THR A O   1 
ATOM   884  C  CB  . THR A 1 115 ? 7.460   9.207   -23.096 1.00 63.48 ? 112 THR A CB  1 
ATOM   885  O  OG1 . THR A 1 115 ? 7.725   7.799   -23.209 1.00 64.68 ? 112 THR A OG1 1 
ATOM   886  C  CG2 . THR A 1 115 ? 7.578   9.587   -21.589 1.00 62.23 ? 112 THR A CG2 1 
ATOM   887  N  N   . GLY A 1 116 ? 5.285   8.070   -21.962 1.00 61.30 ? 113 GLY A N   1 
ATOM   888  C  CA  . GLY A 1 116 ? 4.478   7.030   -21.337 1.00 59.95 ? 113 GLY A CA  1 
ATOM   889  C  C   . GLY A 1 116 ? 3.112   7.410   -20.819 1.00 58.54 ? 113 GLY A C   1 
ATOM   890  O  O   . GLY A 1 116 ? 2.552   8.444   -21.158 1.00 59.33 ? 113 GLY A O   1 
ATOM   891  N  N   . GLY A 1 117 ? 2.558   6.530   -20.007 1.00 57.60 ? 114 GLY A N   1 
ATOM   892  C  CA  . GLY A 1 117 ? 1.343   6.840   -19.287 1.00 55.66 ? 114 GLY A CA  1 
ATOM   893  C  C   . GLY A 1 117 ? 1.638   7.630   -18.034 1.00 53.42 ? 114 GLY A C   1 
ATOM   894  O  O   . GLY A 1 117 ? 1.366   8.815   -17.963 1.00 53.90 ? 114 GLY A O   1 
ATOM   895  N  N   . THR A 1 118 ? 2.204   6.968   -17.036 1.00 52.04 ? 115 THR A N   1 
ATOM   896  C  CA  . THR A 1 118 ? 2.283   7.565   -15.697 1.00 48.85 ? 115 THR A CA  1 
ATOM   897  C  C   . THR A 1 118 ? 3.595   7.383   -14.966 1.00 47.35 ? 115 THR A C   1 
ATOM   898  O  O   . THR A 1 118 ? 4.239   6.334   -15.051 1.00 46.44 ? 115 THR A O   1 
ATOM   899  C  CB  . THR A 1 118 ? 1.027   7.229   -14.813 1.00 49.36 ? 115 THR A CB  1 
ATOM   900  O  OG1 . THR A 1 118 ? 1.354   7.094   -13.392 1.00 51.26 ? 115 THR A OG1 1 
ATOM   901  C  CG2 . THR A 1 118 ? 0.358   6.036   -15.293 1.00 46.33 ? 115 THR A CG2 1 
ATOM   902  N  N   . GLN A 1 119 ? 3.993   8.464   -14.294 1.00 46.00 ? 116 GLN A N   1 
ATOM   903  C  CA  . GLN A 1 119 ? 4.923   8.413   -13.174 1.00 45.38 ? 116 GLN A CA  1 
ATOM   904  C  C   . GLN A 1 119 ? 4.173   8.258   -11.853 1.00 45.39 ? 116 GLN A C   1 
ATOM   905  O  O   . GLN A 1 119 ? 3.329   9.079   -11.490 1.00 44.91 ? 116 GLN A O   1 
ATOM   906  C  CB  . GLN A 1 119 ? 5.750   9.686   -13.114 1.00 45.50 ? 116 GLN A CB  1 
ATOM   907  C  CG  . GLN A 1 119 ? 6.802   9.685   -12.043 1.00 42.76 ? 116 GLN A CG  1 
ATOM   908  C  CD  . GLN A 1 119 ? 7.518   11.007  -11.951 1.00 43.31 ? 116 GLN A CD  1 
ATOM   909  O  OE1 . GLN A 1 119 ? 6.948   12.054  -12.255 1.00 43.84 ? 116 GLN A OE1 1 
ATOM   910  N  NE2 . GLN A 1 119 ? 8.774   10.977  -11.518 1.00 43.51 ? 116 GLN A NE2 1 
HETATM 911  N  N   . MSE A 1 120 ? 4.499   7.205   -11.114 1.00 45.38 ? 117 MSE A N   1 
HETATM 912  C  CA  . MSE A 1 120 ? 3.850   6.964   -9.854  1.00 44.40 ? 117 MSE A CA  1 
HETATM 913  C  C   . MSE A 1 120 ? 4.854   7.164   -8.751  1.00 44.53 ? 117 MSE A C   1 
HETATM 914  O  O   . MSE A 1 120 ? 5.873   6.476   -8.698  1.00 44.31 ? 117 MSE A O   1 
HETATM 915  C  CB  . MSE A 1 120 ? 3.251   5.570   -9.803  1.00 44.41 ? 117 MSE A CB  1 
HETATM 916  C  CG  . MSE A 1 120 ? 2.464   5.287   -8.524  1.00 45.41 ? 117 MSE A CG  1 
HETATM 917  SE SE  . MSE A 1 120 ? 1.911   3.414   -8.359  0.70 47.68 ? 117 MSE A SE  1 
HETATM 918  C  CE  . MSE A 1 120 ? 3.510   2.599   -7.665  1.00 42.78 ? 117 MSE A CE  1 
ATOM   919  N  N   . LEU A 1 121 ? 4.532   8.129   -7.880  1.00 44.28 ? 118 LEU A N   1 
ATOM   920  C  CA  . LEU A 1 121 ? 5.330   8.479   -6.723  1.00 43.73 ? 118 LEU A CA  1 
ATOM   921  C  C   . LEU A 1 121 ? 4.614   8.071   -5.406  1.00 43.72 ? 118 LEU A C   1 
ATOM   922  O  O   . LEU A 1 121 ? 3.561   8.615   -5.008  1.00 42.67 ? 118 LEU A O   1 
ATOM   923  C  CB  . LEU A 1 121 ? 5.716   9.955   -6.756  1.00 43.71 ? 118 LEU A CB  1 
ATOM   924  C  CG  . LEU A 1 121 ? 6.428   10.425  -8.041  1.00 45.29 ? 118 LEU A CG  1 
ATOM   925  C  CD1 . LEU A 1 121 ? 6.443   11.949  -8.153  1.00 45.33 ? 118 LEU A CD1 1 
ATOM   926  C  CD2 . LEU A 1 121 ? 7.850   9.848   -8.100  1.00 47.24 ? 118 LEU A CD2 1 
ATOM   927  N  N   . PHE A 1 122 ? 5.217   7.079   -4.765  1.00 43.01 ? 119 PHE A N   1 
ATOM   928  C  CA  . PHE A 1 122 ? 4.643   6.444   -3.595  1.00 43.61 ? 119 PHE A CA  1 
ATOM   929  C  C   . PHE A 1 122 ? 5.434   6.820   -2.352  1.00 42.83 ? 119 PHE A C   1 
ATOM   930  O  O   . PHE A 1 122 ? 6.656   6.663   -2.325  1.00 42.91 ? 119 PHE A O   1 
ATOM   931  C  CB  . PHE A 1 122 ? 4.591   4.896   -3.817  1.00 42.06 ? 119 PHE A CB  1 
ATOM   932  C  CG  . PHE A 1 122 ? 4.271   4.084   -2.551  1.00 42.97 ? 119 PHE A CG  1 
ATOM   933  C  CD1 . PHE A 1 122 ? 2.948   3.849   -2.170  1.00 39.63 ? 119 PHE A CD1 1 
ATOM   934  C  CD2 . PHE A 1 122 ? 5.317   3.518   -1.769  1.00 40.85 ? 119 PHE A CD2 1 
ATOM   935  C  CE1 . PHE A 1 122 ? 2.674   3.068   -1.051  1.00 40.40 ? 119 PHE A CE1 1 
ATOM   936  C  CE2 . PHE A 1 122 ? 5.063   2.751   -0.633  1.00 37.57 ? 119 PHE A CE2 1 
ATOM   937  C  CZ  . PHE A 1 122 ? 3.748   2.502   -0.278  1.00 37.77 ? 119 PHE A CZ  1 
ATOM   938  N  N   . TYR A 1 123 ? 4.731   7.285   -1.325  1.00 42.91 ? 120 TYR A N   1 
ATOM   939  C  CA  . TYR A 1 123 ? 5.338   7.567   -0.023  1.00 42.54 ? 120 TYR A CA  1 
ATOM   940  C  C   . TYR A 1 123 ? 4.628   6.763   1.062   1.00 42.34 ? 120 TYR A C   1 
ATOM   941  O  O   . TYR A 1 123 ? 3.424   6.713   1.059   1.00 42.98 ? 120 TYR A O   1 
ATOM   942  C  CB  . TYR A 1 123 ? 5.201   9.065   0.293   1.00 41.84 ? 120 TYR A CB  1 
ATOM   943  C  CG  . TYR A 1 123 ? 5.506   9.408   1.738   1.00 42.53 ? 120 TYR A CG  1 
ATOM   944  C  CD1 . TYR A 1 123 ? 6.811   9.569   2.172   1.00 44.19 ? 120 TYR A CD1 1 
ATOM   945  C  CD2 . TYR A 1 123 ? 4.476   9.577   2.675   1.00 43.61 ? 120 TYR A CD2 1 
ATOM   946  C  CE1 . TYR A 1 123 ? 7.109   9.927   3.525   1.00 43.58 ? 120 TYR A CE1 1 
ATOM   947  C  CE2 . TYR A 1 123 ? 4.751   9.936   3.994   1.00 41.25 ? 120 TYR A CE2 1 
ATOM   948  C  CZ  . TYR A 1 123 ? 6.090   10.110  4.415   1.00 41.17 ? 120 TYR A CZ  1 
ATOM   949  O  OH  . TYR A 1 123 ? 6.384   10.416  5.733   1.00 39.73 ? 120 TYR A OH  1 
ATOM   950  N  N   . TYR A 1 124 ? 5.368   6.168   1.987   1.00 42.17 ? 121 TYR A N   1 
ATOM   951  C  CA  . TYR A 1 124 ? 4.796   5.425   3.083   1.00 42.77 ? 121 TYR A CA  1 
ATOM   952  C  C   . TYR A 1 124 ? 5.517   5.762   4.375   1.00 43.64 ? 121 TYR A C   1 
ATOM   953  O  O   . TYR A 1 124 ? 6.756   5.831   4.396   1.00 43.37 ? 121 TYR A O   1 
ATOM   954  C  CB  . TYR A 1 124 ? 4.926   3.946   2.786   1.00 42.39 ? 121 TYR A CB  1 
ATOM   955  C  CG  . TYR A 1 124 ? 4.687   2.940   3.914   1.00 43.43 ? 121 TYR A CG  1 
ATOM   956  C  CD1 . TYR A 1 124 ? 3.399   2.490   4.233   1.00 43.75 ? 121 TYR A CD1 1 
ATOM   957  C  CD2 . TYR A 1 124 ? 5.779   2.380   4.612   1.00 45.01 ? 121 TYR A CD2 1 
ATOM   958  C  CE1 . TYR A 1 124 ? 3.185   1.501   5.218   1.00 41.24 ? 121 TYR A CE1 1 
ATOM   959  C  CE2 . TYR A 1 124 ? 5.588   1.422   5.627   1.00 42.38 ? 121 TYR A CE2 1 
ATOM   960  C  CZ  . TYR A 1 124 ? 4.306   0.973   5.912   1.00 46.34 ? 121 TYR A CZ  1 
ATOM   961  O  OH  . TYR A 1 124 ? 4.154   0.026   6.916   1.00 46.12 ? 121 TYR A OH  1 
ATOM   962  N  N   . ARG A 1 125 ? 4.735   5.944   5.441   1.00 43.61 ? 122 ARG A N   1 
ATOM   963  C  CA  . ARG A 1 125 ? 5.267   6.223   6.779   1.00 44.23 ? 122 ARG A CA  1 
ATOM   964  C  C   . ARG A 1 125 ? 4.717   5.218   7.799   1.00 44.66 ? 122 ARG A C   1 
ATOM   965  O  O   . ARG A 1 125 ? 3.511   4.983   7.858   1.00 44.46 ? 122 ARG A O   1 
ATOM   966  C  CB  . ARG A 1 125 ? 4.936   7.630   7.200   1.00 42.67 ? 122 ARG A CB  1 
ATOM   967  C  CG  . ARG A 1 125 ? 5.769   8.045   8.376   1.00 46.18 ? 122 ARG A CG  1 
ATOM   968  C  CD  . ARG A 1 125 ? 5.518   9.440   8.863   1.00 43.03 ? 122 ARG A CD  1 
ATOM   969  N  NE  . ARG A 1 125 ? 4.137   9.815   9.115   1.00 45.17 ? 122 ARG A NE  1 
ATOM   970  C  CZ  . ARG A 1 125 ? 3.409   10.618  8.319   1.00 49.39 ? 122 ARG A CZ  1 
ATOM   971  N  NH1 . ARG A 1 125 ? 3.870   11.068  7.150   1.00 51.25 ? 122 ARG A NH1 1 
ATOM   972  N  NH2 . ARG A 1 125 ? 2.187   10.945  8.666   1.00 50.10 ? 122 ARG A NH2 1 
ATOM   973  N  N   . SER A 1 126 ? 5.606   4.611   8.575   1.00 44.99 ? 123 SER A N   1 
ATOM   974  C  CA  . SER A 1 126 ? 5.192   3.656   9.596   1.00 47.57 ? 123 SER A CA  1 
ATOM   975  C  C   . SER A 1 126 ? 5.993   3.807   10.873  1.00 48.00 ? 123 SER A C   1 
ATOM   976  O  O   . SER A 1 126 ? 7.199   3.936   10.816  1.00 48.59 ? 123 SER A O   1 
ATOM   977  C  CB  . SER A 1 126 ? 5.383   2.219   9.103   1.00 47.90 ? 123 SER A CB  1 
ATOM   978  O  OG  . SER A 1 126 ? 4.900   1.320   10.091  1.00 49.88 ? 123 SER A OG  1 
ATOM   979  N  N   . LEU A 1 127 ? 5.323   3.772   12.011  1.00 49.31 ? 124 LEU A N   1 
ATOM   980  C  CA  . LEU A 1 127 ? 5.977   3.931   13.317  1.00 51.49 ? 124 LEU A CA  1 
ATOM   981  C  C   . LEU A 1 127 ? 6.580   2.641   13.751  1.00 51.70 ? 124 LEU A C   1 
ATOM   982  O  O   . LEU A 1 127 ? 5.873   1.640   13.781  1.00 53.65 ? 124 LEU A O   1 
ATOM   983  C  CB  . LEU A 1 127 ? 4.956   4.317   14.389  1.00 51.75 ? 124 LEU A CB  1 
ATOM   984  C  CG  . LEU A 1 127 ? 4.947   5.763   14.778  1.00 53.14 ? 124 LEU A CG  1 
ATOM   985  C  CD1 . LEU A 1 127 ? 3.867   5.924   15.799  1.00 58.57 ? 124 LEU A CD1 1 
ATOM   986  C  CD2 . LEU A 1 127 ? 6.305   6.167   15.380  1.00 56.70 ? 124 LEU A CD2 1 
ATOM   987  N  N   . VAL A 1 128 ? 7.872   2.626   14.054  1.00 52.12 ? 125 VAL A N   1 
ATOM   988  C  CA  . VAL A 1 128 ? 8.477   1.382   14.576  1.00 52.88 ? 125 VAL A CA  1 
ATOM   989  C  C   . VAL A 1 128 ? 8.666   1.375   16.126  1.00 52.81 ? 125 VAL A C   1 
ATOM   990  O  O   . VAL A 1 128 ? 9.125   2.308   16.754  1.00 52.01 ? 125 VAL A O   1 
ATOM   991  C  CB  . VAL A 1 128 ? 9.588   0.730   13.633  1.00 53.26 ? 125 VAL A CB  1 
ATOM   992  C  CG1 . VAL A 1 128 ? 10.043  1.678   12.549  1.00 54.29 ? 125 VAL A CG1 1 
ATOM   993  C  CG2 . VAL A 1 128 ? 10.769  0.010   14.400  1.00 52.35 ? 125 VAL A CG2 1 
ATOM   994  N  N   . GLU A 1 129 ? 8.176   0.323   16.736  1.00 53.60 ? 126 GLU A N   1 
ATOM   995  C  CA  . GLU A 1 129 ? 8.170   0.271   18.181  1.00 54.17 ? 126 GLU A CA  1 
ATOM   996  C  C   . GLU A 1 129 ? 9.582   -0.006  18.697  1.00 52.34 ? 126 GLU A C   1 
ATOM   997  O  O   . GLU A 1 129 ? 10.304  -0.893  18.189  1.00 51.67 ? 126 GLU A O   1 
ATOM   998  C  CB  . GLU A 1 129 ? 7.182   -0.763  18.682  1.00 54.18 ? 126 GLU A CB  1 
ATOM   999  C  CG  . GLU A 1 129 ? 6.421   -0.316  19.903  1.00 60.48 ? 126 GLU A CG  1 
ATOM   1000 C  CD  . GLU A 1 129 ? 5.118   0.413   19.569  1.00 68.87 ? 126 GLU A CD  1 
ATOM   1001 O  OE1 . GLU A 1 129 ? 5.119   1.244   18.612  1.00 72.32 ? 126 GLU A OE1 1 
ATOM   1002 O  OE2 . GLU A 1 129 ? 4.097   0.164   20.274  1.00 70.14 ? 126 GLU A OE2 1 
ATOM   1003 N  N   . LYS A 1 130 ? 9.963   0.782   19.691  1.00 50.66 ? 127 LYS A N   1 
ATOM   1004 C  CA  . LYS A 1 130 ? 11.239  0.580   20.328  1.00 50.61 ? 127 LYS A CA  1 
ATOM   1005 C  C   . LYS A 1 130 ? 11.060  -0.465  21.418  1.00 49.04 ? 127 LYS A C   1 
ATOM   1006 O  O   . LYS A 1 130 ? 10.078  -0.460  22.148  1.00 49.60 ? 127 LYS A O   1 
ATOM   1007 C  CB  . LYS A 1 130 ? 11.802  1.896   20.857  1.00 51.27 ? 127 LYS A CB  1 
ATOM   1008 C  CG  . LYS A 1 130 ? 13.318  1.821   21.123  1.00 52.67 ? 127 LYS A CG  1 
ATOM   1009 C  CD  . LYS A 1 130 ? 13.804  3.134   21.664  1.00 52.87 ? 127 LYS A CD  1 
ATOM   1010 C  CE  . LYS A 1 130 ? 15.262  3.170   21.595  1.00 53.99 ? 127 LYS A CE  1 
ATOM   1011 N  NZ  . LYS A 1 130 ? 15.652  4.372   22.343  1.00 59.04 ? 127 LYS A NZ  1 
ATOM   1012 N  N   . GLU A 1 131 ? 11.949  -1.439  21.443  1.00 47.70 ? 128 GLU A N   1 
ATOM   1013 C  CA  . GLU A 1 131 ? 11.844  -2.490  22.443  1.00 47.03 ? 128 GLU A CA  1 
ATOM   1014 C  C   . GLU A 1 131 ? 12.545  -2.118  23.749  1.00 45.01 ? 128 GLU A C   1 
ATOM   1015 O  O   . GLU A 1 131 ? 13.448  -1.307  23.768  1.00 42.41 ? 128 GLU A O   1 
ATOM   1016 C  CB  . GLU A 1 131 ? 12.329  -3.805  21.818  1.00 48.32 ? 128 GLU A CB  1 
ATOM   1017 C  CG  . GLU A 1 131 ? 11.449  -4.193  20.575  1.00 52.73 ? 128 GLU A CG  1 
ATOM   1018 C  CD  . GLU A 1 131 ? 11.893  -5.461  19.852  1.00 60.64 ? 128 GLU A CD  1 
ATOM   1019 O  OE1 . GLU A 1 131 ? 11.641  -5.551  18.617  1.00 64.13 ? 128 GLU A OE1 1 
ATOM   1020 O  OE2 . GLU A 1 131 ? 12.494  -6.368  20.489  1.00 63.69 ? 128 GLU A OE2 1 
ATOM   1021 N  N   . ARG A 1 132 ? 12.069  -2.693  24.845  1.00 45.03 ? 129 ARG A N   1 
ATOM   1022 C  CA  . ARG A 1 132 ? 12.708  -2.612  26.155  1.00 43.33 ? 129 ARG A CA  1 
ATOM   1023 C  C   . ARG A 1 132 ? 14.233  -2.767  26.113  1.00 44.38 ? 129 ARG A C   1 
ATOM   1024 O  O   . ARG A 1 132 ? 14.741  -3.784  25.624  1.00 43.65 ? 129 ARG A O   1 
ATOM   1025 C  CB  . ARG A 1 132 ? 12.145  -3.685  27.043  1.00 43.04 ? 129 ARG A CB  1 
ATOM   1026 C  CG  . ARG A 1 132 ? 10.702  -3.439  27.453  1.00 42.13 ? 129 ARG A CG  1 
ATOM   1027 C  CD  . ARG A 1 132 ? 10.277  -4.495  28.446  1.00 38.63 ? 129 ARG A CD  1 
ATOM   1028 N  NE  . ARG A 1 132 ? 8.859   -4.386  28.742  1.00 38.94 ? 129 ARG A NE  1 
ATOM   1029 C  CZ  . ARG A 1 132 ? 8.168   -5.262  29.467  1.00 35.75 ? 129 ARG A CZ  1 
ATOM   1030 N  NH1 . ARG A 1 132 ? 8.746   -6.327  29.983  1.00 36.58 ? 129 ARG A NH1 1 
ATOM   1031 N  NH2 . ARG A 1 132 ? 6.894   -5.053  29.692  1.00 40.96 ? 129 ARG A NH2 1 
ATOM   1032 N  N   . ARG A 1 133 ? 14.951  -1.750  26.632  1.00 44.62 ? 130 ARG A N   1 
ATOM   1033 C  CA  . ARG A 1 133 ? 16.407  -1.817  26.853  1.00 45.04 ? 130 ARG A CA  1 
ATOM   1034 C  C   . ARG A 1 133 ? 17.239  -1.830  25.561  1.00 45.72 ? 130 ARG A C   1 
ATOM   1035 O  O   . ARG A 1 133 ? 18.426  -2.193  25.561  1.00 46.07 ? 130 ARG A O   1 
ATOM   1036 C  CB  . ARG A 1 133 ? 16.767  -2.986  27.788  1.00 43.30 ? 130 ARG A CB  1 
ATOM   1037 C  CG  . ARG A 1 133 ? 16.012  -2.953  29.152  1.00 44.67 ? 130 ARG A CG  1 
ATOM   1038 C  CD  . ARG A 1 133 ? 16.120  -4.284  29.913  1.00 46.00 ? 130 ARG A CD  1 
ATOM   1039 N  NE  . ARG A 1 133 ? 17.118  -5.075  29.222  1.00 50.40 ? 130 ARG A NE  1 
ATOM   1040 C  CZ  . ARG A 1 133 ? 16.926  -6.171  28.500  1.00 46.24 ? 130 ARG A CZ  1 
ATOM   1041 N  NH1 . ARG A 1 133 ? 15.746  -6.773  28.376  1.00 45.59 ? 130 ARG A NH1 1 
ATOM   1042 N  NH2 . ARG A 1 133 ? 17.982  -6.651  27.881  1.00 48.00 ? 130 ARG A NH2 1 
ATOM   1043 N  N   . PHE A 1 134 ? 16.605  -1.434  24.460  1.00 46.30 ? 131 PHE A N   1 
ATOM   1044 C  CA  . PHE A 1 134 ? 17.250  -1.371  23.151  1.00 46.60 ? 131 PHE A CA  1 
ATOM   1045 C  C   . PHE A 1 134 ? 18.327  -0.281  23.137  1.00 46.66 ? 131 PHE A C   1 
ATOM   1046 O  O   . PHE A 1 134 ? 18.079  0.877   23.519  1.00 45.33 ? 131 PHE A O   1 
ATOM   1047 C  CB  . PHE A 1 134 ? 16.203  -1.060  22.052  1.00 47.29 ? 131 PHE A CB  1 
ATOM   1048 C  CG  . PHE A 1 134 ? 15.923  -2.212  21.092  1.00 49.04 ? 131 PHE A CG  1 
ATOM   1049 C  CD1 . PHE A 1 134 ? 16.203  -3.524  21.439  1.00 48.43 ? 131 PHE A CD1 1 
ATOM   1050 C  CD2 . PHE A 1 134 ? 15.314  -1.962  19.860  1.00 49.01 ? 131 PHE A CD2 1 
ATOM   1051 C  CE1 . PHE A 1 134 ? 15.924  -4.555  20.570  1.00 53.20 ? 131 PHE A CE1 1 
ATOM   1052 C  CE2 . PHE A 1 134 ? 15.011  -3.008  18.974  1.00 49.09 ? 131 PHE A CE2 1 
ATOM   1053 C  CZ  . PHE A 1 134 ? 15.328  -4.291  19.317  1.00 51.51 ? 131 PHE A CZ  1 
ATOM   1054 N  N   . THR A 1 135 ? 19.519  -0.656  22.686  1.00 46.61 ? 132 THR A N   1 
ATOM   1055 C  CA  . THR A 1 135 ? 20.573  0.321   22.469  1.00 46.53 ? 132 THR A CA  1 
ATOM   1056 C  C   . THR A 1 135 ? 20.238  1.124   21.237  1.00 46.26 ? 132 THR A C   1 
ATOM   1057 O  O   . THR A 1 135 ? 19.357  0.738   20.489  1.00 45.96 ? 132 THR A O   1 
ATOM   1058 C  CB  . THR A 1 135 ? 21.930  -0.332  22.258  1.00 46.82 ? 132 THR A CB  1 
ATOM   1059 O  OG1 . THR A 1 135 ? 21.872  -1.103  21.051  1.00 48.70 ? 132 THR A OG1 1 
ATOM   1060 C  CG2 . THR A 1 135 ? 22.375  -1.214  23.517  1.00 44.98 ? 132 THR A CG2 1 
ATOM   1061 N  N   . ASN A 1 136 ? 20.926  2.250   21.045  1.00 46.59 ? 133 ASN A N   1 
ATOM   1062 C  CA  . ASN A 1 136 ? 20.700  3.100   19.889  1.00 47.02 ? 133 ASN A CA  1 
ATOM   1063 C  C   . ASN A 1 136 ? 20.923  2.302   18.614  1.00 48.14 ? 133 ASN A C   1 
ATOM   1064 O  O   . ASN A 1 136 ? 20.195  2.444   17.645  1.00 47.94 ? 133 ASN A O   1 
ATOM   1065 C  CB  . ASN A 1 136 ? 21.621  4.313   19.909  1.00 46.51 ? 133 ASN A CB  1 
ATOM   1066 C  CG  . ASN A 1 136 ? 21.192  5.379   20.894  1.00 45.41 ? 133 ASN A CG  1 
ATOM   1067 O  OD1 . ASN A 1 136 ? 21.907  6.368   21.094  1.00 49.28 ? 133 ASN A OD1 1 
ATOM   1068 N  ND2 . ASN A 1 136 ? 20.010  5.234   21.468  1.00 46.51 ? 133 ASN A ND2 1 
ATOM   1069 N  N   . LEU A 1 137 ? 21.913  1.426   18.647  1.00 49.38 ? 134 LEU A N   1 
ATOM   1070 C  CA  . LEU A 1 137 ? 22.279  0.617   17.499  1.00 50.66 ? 134 LEU A CA  1 
ATOM   1071 C  C   . LEU A 1 137 ? 21.237  -0.435  17.204  1.00 50.06 ? 134 LEU A C   1 
ATOM   1072 O  O   . LEU A 1 137 ? 20.853  -0.634  16.055  1.00 51.84 ? 134 LEU A O   1 
ATOM   1073 C  CB  . LEU A 1 137 ? 23.647  -0.041  17.754  1.00 51.12 ? 134 LEU A CB  1 
ATOM   1074 C  CG  . LEU A 1 137 ? 24.307  -0.653  16.521  1.00 54.95 ? 134 LEU A CG  1 
ATOM   1075 C  CD1 . LEU A 1 137 ? 24.493  0.393   15.410  1.00 55.95 ? 134 LEU A CD1 1 
ATOM   1076 C  CD2 . LEU A 1 137 ? 25.634  -1.330  16.889  1.00 59.16 ? 134 LEU A CD2 1 
ATOM   1077 N  N   . GLU A 1 138 ? 20.782  -1.121  18.232  1.00 50.13 ? 135 GLU A N   1 
ATOM   1078 C  CA  . GLU A 1 138 ? 19.752  -2.133  18.060  1.00 50.55 ? 135 GLU A CA  1 
ATOM   1079 C  C   . GLU A 1 138 ? 18.475  -1.573  17.457  1.00 50.08 ? 135 GLU A C   1 
ATOM   1080 O  O   . GLU A 1 138 ? 17.875  -2.224  16.619  1.00 51.25 ? 135 GLU A O   1 
ATOM   1081 C  CB  . GLU A 1 138 ? 19.442  -2.858  19.381  1.00 50.85 ? 135 GLU A CB  1 
ATOM   1082 C  CG  . GLU A 1 138 ? 20.582  -3.687  19.888  1.00 51.22 ? 135 GLU A CG  1 
ATOM   1083 C  CD  . GLU A 1 138 ? 20.370  -4.167  21.299  1.00 53.40 ? 135 GLU A CD  1 
ATOM   1084 O  OE1 . GLU A 1 138 ? 19.776  -3.448  22.105  1.00 56.29 ? 135 GLU A OE1 1 
ATOM   1085 O  OE2 . GLU A 1 138 ? 20.826  -5.271  21.616  1.00 56.34 ? 135 GLU A OE2 1 
ATOM   1086 N  N   . TYR A 1 139 ? 18.067  -0.390  17.894  1.00 49.60 ? 136 TYR A N   1 
ATOM   1087 C  CA  . TYR A 1 139 ? 16.879  0.290   17.379  1.00 49.46 ? 136 TYR A CA  1 
ATOM   1088 C  C   . TYR A 1 139 ? 17.022  0.707   15.913  1.00 49.26 ? 136 TYR A C   1 
ATOM   1089 O  O   . TYR A 1 139 ? 16.112  0.548   15.084  1.00 48.52 ? 136 TYR A O   1 
ATOM   1090 C  CB  . TYR A 1 139 ? 16.581  1.534   18.216  1.00 48.83 ? 136 TYR A CB  1 
ATOM   1091 C  CG  . TYR A 1 139 ? 15.209  2.048   17.899  1.00 49.62 ? 136 TYR A CG  1 
ATOM   1092 C  CD1 . TYR A 1 139 ? 14.148  1.147   17.693  1.00 49.46 ? 136 TYR A CD1 1 
ATOM   1093 C  CD2 . TYR A 1 139 ? 14.963  3.412   17.726  1.00 49.65 ? 136 TYR A CD2 1 
ATOM   1094 C  CE1 . TYR A 1 139 ? 12.906  1.579   17.352  1.00 48.10 ? 136 TYR A CE1 1 
ATOM   1095 C  CE2 . TYR A 1 139 ? 13.696  3.855   17.399  1.00 52.03 ? 136 TYR A CE2 1 
ATOM   1096 C  CZ  . TYR A 1 139 ? 12.676  2.917   17.217  1.00 50.33 ? 136 TYR A CZ  1 
ATOM   1097 O  OH  . TYR A 1 139 ? 11.401  3.330   16.946  1.00 51.40 ? 136 TYR A OH  1 
ATOM   1098 N  N   . LYS A 1 140 ? 18.184  1.260   15.610  1.00 49.16 ? 137 LYS A N   1 
ATOM   1099 C  CA  . LYS A 1 140 ? 18.527  1.621   14.284  1.00 49.58 ? 137 LYS A CA  1 
ATOM   1100 C  C   . LYS A 1 140 ? 18.545  0.405   13.347  1.00 49.63 ? 137 LYS A C   1 
ATOM   1101 O  O   . LYS A 1 140 ? 18.036  0.494   12.237  1.00 49.87 ? 137 LYS A O   1 
ATOM   1102 C  CB  . LYS A 1 140 ? 19.823  2.420   14.290  1.00 50.94 ? 137 LYS A CB  1 
ATOM   1103 C  CG  . LYS A 1 140 ? 20.696  2.274   13.044  1.00 54.49 ? 137 LYS A CG  1 
ATOM   1104 C  CD  . LYS A 1 140 ? 21.541  3.559   12.799  1.00 61.68 ? 137 LYS A CD  1 
ATOM   1105 C  CE  . LYS A 1 140 ? 22.416  3.384   11.550  1.00 65.36 ? 137 LYS A CE  1 
ATOM   1106 N  NZ  . LYS A 1 140 ? 22.734  4.667   10.869  1.00 68.00 ? 137 LYS A NZ  1 
ATOM   1107 N  N   . GLN A 1 141 ? 19.089  -0.723  13.805  1.00 48.83 ? 138 GLN A N   1 
ATOM   1108 C  CA  . GLN A 1 141 ? 19.049  -1.965  13.056  1.00 48.83 ? 138 GLN A CA  1 
ATOM   1109 C  C   . GLN A 1 141 ? 17.645  -2.523  12.821  1.00 47.73 ? 138 GLN A C   1 
ATOM   1110 O  O   . GLN A 1 141 ? 17.382  -3.042  11.748  1.00 46.43 ? 138 GLN A O   1 
ATOM   1111 C  CB  . GLN A 1 141 ? 20.024  -3.028  13.658  1.00 49.55 ? 138 GLN A CB  1 
ATOM   1112 C  CG  . GLN A 1 141 ? 21.502  -2.478  13.656  1.00 55.25 ? 138 GLN A CG  1 
ATOM   1113 C  CD  . GLN A 1 141 ? 22.607  -3.343  14.379  1.00 61.59 ? 138 GLN A CD  1 
ATOM   1114 O  OE1 . GLN A 1 141 ? 23.775  -3.348  13.931  1.00 61.75 ? 138 GLN A OE1 1 
ATOM   1115 N  NE2 . GLN A 1 141 ? 22.254  -4.022  15.497  1.00 59.98 ? 138 GLN A NE2 1 
ATOM   1116 N  N   . LYS A 1 142 ? 16.762  -2.451  13.830  1.00 48.09 ? 139 LYS A N   1 
ATOM   1117 C  CA  . LYS A 1 142 ? 15.359  -2.853  13.687  1.00 47.82 ? 139 LYS A CA  1 
ATOM   1118 C  C   . LYS A 1 142 ? 14.584  -1.967  12.662  1.00 48.33 ? 139 LYS A C   1 
ATOM   1119 O  O   . LYS A 1 142 ? 13.757  -2.478  11.937  1.00 48.65 ? 139 LYS A O   1 
ATOM   1120 C  CB  . LYS A 1 142 ? 14.620  -2.794  15.029  1.00 48.40 ? 139 LYS A CB  1 
ATOM   1121 C  CG  . LYS A 1 142 ? 13.169  -3.285  14.926  1.00 45.93 ? 139 LYS A CG  1 
ATOM   1122 C  CD  . LYS A 1 142 ? 12.397  -3.246  16.221  1.00 51.02 ? 139 LYS A CD  1 
ATOM   1123 C  CE  . LYS A 1 142 ? 10.935  -3.742  16.029  1.00 50.69 ? 139 LYS A CE  1 
ATOM   1124 N  NZ  . LYS A 1 142 ? 10.159  -3.440  17.240  1.00 53.31 ? 139 LYS A NZ  1 
ATOM   1125 N  N   . LYS A 1 143 ? 14.842  -0.659  12.622  1.00 48.26 ? 140 LYS A N   1 
ATOM   1126 C  CA  . LYS A 1 143 ? 14.216  0.231   11.625  1.00 48.65 ? 140 LYS A CA  1 
ATOM   1127 C  C   . LYS A 1 143 ? 14.727  0.003   10.205  1.00 48.99 ? 140 LYS A C   1 
ATOM   1128 O  O   . LYS A 1 143 ? 13.959  0.090   9.277   1.00 48.07 ? 140 LYS A O   1 
ATOM   1129 C  CB  . LYS A 1 143 ? 14.389  1.692   11.980  1.00 48.10 ? 140 LYS A CB  1 
ATOM   1130 C  CG  . LYS A 1 143 ? 13.780  2.033   13.337  1.00 51.19 ? 140 LYS A CG  1 
ATOM   1131 C  CD  . LYS A 1 143 ? 14.448  3.291   13.855  1.00 52.91 ? 140 LYS A CD  1 
ATOM   1132 C  CE  . LYS A 1 143 ? 14.083  4.421   12.977  1.00 55.03 ? 140 LYS A CE  1 
ATOM   1133 N  NZ  . LYS A 1 143 ? 15.141  5.450   13.123  1.00 59.39 ? 140 LYS A NZ  1 
ATOM   1134 N  N   . LYS A 1 144 ? 16.020  -0.279  10.061  1.00 49.13 ? 141 LYS A N   1 
ATOM   1135 C  CA  . LYS A 1 144 ? 16.584  -0.644  8.792   1.00 50.85 ? 141 LYS A CA  1 
ATOM   1136 C  C   . LYS A 1 144 ? 15.991  -1.955  8.216   1.00 50.23 ? 141 LYS A C   1 
ATOM   1137 O  O   . LYS A 1 144 ? 15.638  -1.996  7.048   1.00 50.99 ? 141 LYS A O   1 
ATOM   1138 C  CB  . LYS A 1 144 ? 18.112  -0.696  8.898   1.00 51.85 ? 141 LYS A CB  1 
ATOM   1139 C  CG  . LYS A 1 144 ? 18.828  -1.211  7.662   1.00 54.14 ? 141 LYS A CG  1 
ATOM   1140 C  CD  . LYS A 1 144 ? 19.208  -0.107  6.668   1.00 62.75 ? 141 LYS A CD  1 
ATOM   1141 C  CE  . LYS A 1 144 ? 18.015  0.329   5.761   1.00 65.84 ? 141 LYS A CE  1 
ATOM   1142 N  NZ  . LYS A 1 144 ? 18.402  0.557   4.316   1.00 63.04 ? 141 LYS A NZ  1 
ATOM   1143 N  N   . GLU A 1 145 ? 15.879  -2.991  9.043   1.00 49.69 ? 142 GLU A N   1 
ATOM   1144 C  CA  . GLU A 1 145 ? 15.265  -4.282  8.683   1.00 50.12 ? 142 GLU A CA  1 
ATOM   1145 C  C   . GLU A 1 145 ? 13.808  -4.086  8.286   1.00 48.60 ? 142 GLU A C   1 
ATOM   1146 O  O   . GLU A 1 145 ? 13.327  -4.681  7.328   1.00 47.50 ? 142 GLU A O   1 
ATOM   1147 C  CB  . GLU A 1 145 ? 15.304  -5.267  9.873   1.00 49.59 ? 142 GLU A CB  1 
ATOM   1148 C  CG  . GLU A 1 145 ? 16.428  -6.257  9.902   1.00 57.15 ? 142 GLU A CG  1 
ATOM   1149 C  CD  . GLU A 1 145 ? 17.016  -6.495  11.315  1.00 62.27 ? 142 GLU A CD  1 
ATOM   1150 O  OE1 . GLU A 1 145 ? 16.262  -6.563  12.331  1.00 63.98 ? 142 GLU A OE1 1 
ATOM   1151 O  OE2 . GLU A 1 145 ? 18.263  -6.596  11.395  1.00 64.72 ? 142 GLU A OE2 1 
ATOM   1152 N  N   . TYR A 1 146 ? 13.102  -3.316  9.096   1.00 47.78 ? 143 TYR A N   1 
ATOM   1153 C  CA  . TYR A 1 146 ? 11.703  -2.965  8.835   1.00 48.29 ? 143 TYR A CA  1 
ATOM   1154 C  C   . TYR A 1 146 ? 11.513  -2.180  7.501   1.00 47.24 ? 143 TYR A C   1 
ATOM   1155 O  O   . TYR A 1 146 ? 10.660  -2.537  6.694   1.00 48.18 ? 143 TYR A O   1 
ATOM   1156 C  CB  . TYR A 1 146 ? 11.072  -2.225  10.050  1.00 48.59 ? 143 TYR A CB  1 
ATOM   1157 C  CG  . TYR A 1 146 ? 9.620   -1.965  9.841   1.00 51.35 ? 143 TYR A CG  1 
ATOM   1158 C  CD1 . TYR A 1 146 ? 8.689   -3.008  9.898   1.00 55.82 ? 143 TYR A CD1 1 
ATOM   1159 C  CD2 . TYR A 1 146 ? 9.168   -0.688  9.518   1.00 55.01 ? 143 TYR A CD2 1 
ATOM   1160 C  CE1 . TYR A 1 146 ? 7.338   -2.766  9.662   1.00 58.76 ? 143 TYR A CE1 1 
ATOM   1161 C  CE2 . TYR A 1 146 ? 7.825   -0.437  9.263   1.00 57.06 ? 143 TYR A CE2 1 
ATOM   1162 C  CZ  . TYR A 1 146 ? 6.913   -1.465  9.340   1.00 58.35 ? 143 TYR A CZ  1 
ATOM   1163 O  OH  . TYR A 1 146 ? 5.571   -1.194  9.113   1.00 56.80 ? 143 TYR A OH  1 
ATOM   1164 N  N   . HIS A 1 147 ? 12.334  -1.165  7.268   1.00 45.91 ? 144 HIS A N   1 
ATOM   1165 C  CA  . HIS A 1 147 ? 12.383  -0.425  6.033   1.00 45.53 ? 144 HIS A CA  1 
ATOM   1166 C  C   . HIS A 1 147 ? 12.616  -1.314  4.816   1.00 47.12 ? 144 HIS A C   1 
ATOM   1167 O  O   . HIS A 1 147 ? 11.924  -1.162  3.809   1.00 47.16 ? 144 HIS A O   1 
ATOM   1168 C  CB  . HIS A 1 147 ? 13.492  0.631   6.078   1.00 45.14 ? 144 HIS A CB  1 
ATOM   1169 C  CG  . HIS A 1 147 ? 13.640  1.409   4.797   1.00 44.81 ? 144 HIS A CG  1 
ATOM   1170 N  ND1 . HIS A 1 147 ? 14.448  0.985   3.762   1.00 47.38 ? 144 HIS A ND1 1 
ATOM   1171 C  CD2 . HIS A 1 147 ? 13.088  2.578   4.385   1.00 44.53 ? 144 HIS A CD2 1 
ATOM   1172 C  CE1 . HIS A 1 147 ? 14.385  1.857   2.766   1.00 45.20 ? 144 HIS A CE1 1 
ATOM   1173 N  NE2 . HIS A 1 147 ? 13.569  2.831   3.115   1.00 44.89 ? 144 HIS A NE2 1 
ATOM   1174 N  N   . ASP A 1 148 ? 13.616  -2.199  4.883   1.00 46.93 ? 145 ASP A N   1 
ATOM   1175 C  CA  . ASP A 1 148 ? 13.946  -3.066  3.758   1.00 47.35 ? 145 ASP A CA  1 
ATOM   1176 C  C   . ASP A 1 148 ? 12.846  -4.098  3.468   1.00 46.70 ? 145 ASP A C   1 
ATOM   1177 O  O   . ASP A 1 148 ? 12.624  -4.453  2.306   1.00 48.00 ? 145 ASP A O   1 
ATOM   1178 C  CB  . ASP A 1 148 ? 15.297  -3.785  3.985   1.00 48.03 ? 145 ASP A CB  1 
ATOM   1179 C  CG  . ASP A 1 148 ? 16.485  -2.830  4.007   1.00 50.24 ? 145 ASP A CG  1 
ATOM   1180 O  OD1 . ASP A 1 148 ? 16.364  -1.648  3.585   1.00 56.43 ? 145 ASP A OD1 1 
ATOM   1181 O  OD2 . ASP A 1 148 ? 17.566  -3.273  4.427   1.00 55.16 ? 145 ASP A OD2 1 
ATOM   1182 N  N   . ALA A 1 149 ? 12.200  -4.588  4.519   1.00 45.26 ? 146 ALA A N   1 
ATOM   1183 C  CA  . ALA A 1 149 ? 11.055  -5.474  4.417   1.00 45.60 ? 146 ALA A CA  1 
ATOM   1184 C  C   . ALA A 1 149 ? 9.855   -4.798  3.729   1.00 45.49 ? 146 ALA A C   1 
ATOM   1185 O  O   . ALA A 1 149 ? 9.161   -5.415  2.902   1.00 45.63 ? 146 ALA A O   1 
ATOM   1186 C  CB  . ALA A 1 149 ? 10.635  -5.996  5.830   1.00 44.95 ? 146 ALA A CB  1 
HETATM 1187 N  N   . MSE A 1 150 ? 9.583   -3.561  4.123   1.00 45.51 ? 147 MSE A N   1 
HETATM 1188 C  CA  . MSE A 1 150 ? 8.538   -2.735  3.483   1.00 46.19 ? 147 MSE A CA  1 
HETATM 1189 C  C   . MSE A 1 150 ? 8.833   -2.349  2.041   1.00 44.76 ? 147 MSE A C   1 
HETATM 1190 O  O   . MSE A 1 150 ? 7.951   -2.410  1.223   1.00 45.87 ? 147 MSE A O   1 
HETATM 1191 C  CB  . MSE A 1 150 ? 8.221   -1.497  4.328   1.00 46.06 ? 147 MSE A CB  1 
HETATM 1192 C  CG  . MSE A 1 150 ? 7.737   -1.885  5.710   1.00 51.24 ? 147 MSE A CG  1 
HETATM 1193 SE SE  . MSE A 1 150 ? 6.069   -2.932  5.793   0.70 65.74 ? 147 MSE A SE  1 
HETATM 1194 C  CE  . MSE A 1 150 ? 6.740   -4.678  6.378   1.00 60.05 ? 147 MSE A CE  1 
ATOM   1195 N  N   . VAL A 1 151 ? 10.064  -1.955  1.737   1.00 44.79 ? 148 VAL A N   1 
ATOM   1196 C  CA  . VAL A 1 151 ? 10.481  -1.720  0.379   1.00 45.15 ? 148 VAL A CA  1 
ATOM   1197 C  C   . VAL A 1 151 ? 10.198  -2.960  -0.465  1.00 46.23 ? 148 VAL A C   1 
ATOM   1198 O  O   . VAL A 1 151 ? 9.566   -2.872  -1.517  1.00 48.34 ? 148 VAL A O   1 
ATOM   1199 C  CB  . VAL A 1 151 ? 11.985  -1.329  0.311   1.00 45.11 ? 148 VAL A CB  1 
ATOM   1200 C  CG1 . VAL A 1 151 ? 12.514  -1.387  -1.134  1.00 43.94 ? 148 VAL A CG1 1 
ATOM   1201 C  CG2 . VAL A 1 151 ? 12.180  0.049   0.858   1.00 42.61 ? 148 VAL A CG2 1 
ATOM   1202 N  N   . HIS A 1 152 ? 10.647  -4.121  0.000   1.00 46.48 ? 149 HIS A N   1 
ATOM   1203 C  CA  . HIS A 1 152 ? 10.484  -5.383  -0.722  1.00 45.51 ? 149 HIS A CA  1 
ATOM   1204 C  C   . HIS A 1 152 ? 9.010   -5.786  -0.854  1.00 44.56 ? 149 HIS A C   1 
ATOM   1205 O  O   . HIS A 1 152 ? 8.578   -6.160  -1.902  1.00 43.66 ? 149 HIS A O   1 
ATOM   1206 C  CB  . HIS A 1 152 ? 11.303  -6.471  -0.025  1.00 45.93 ? 149 HIS A CB  1 
ATOM   1207 C  CG  . HIS A 1 152 ? 11.153  -7.832  -0.633  1.00 49.70 ? 149 HIS A CG  1 
ATOM   1208 N  ND1 . HIS A 1 152 ? 11.749  -8.185  -1.829  1.00 52.98 ? 149 HIS A ND1 1 
ATOM   1209 C  CD2 . HIS A 1 152 ? 10.474  -8.929  -0.213  1.00 50.57 ? 149 HIS A CD2 1 
ATOM   1210 C  CE1 . HIS A 1 152 ? 11.465  -9.445  -2.108  1.00 51.65 ? 149 HIS A CE1 1 
ATOM   1211 N  NE2 . HIS A 1 152 ? 10.690  -9.919  -1.147  1.00 52.16 ? 149 HIS A NE2 1 
ATOM   1212 N  N   . GLY A 1 153 ? 8.234   -5.669  0.217   1.00 44.62 ? 150 GLY A N   1 
ATOM   1213 C  CA  . GLY A 1 153 ? 6.827   -6.026  0.168   1.00 44.31 ? 150 GLY A CA  1 
ATOM   1214 C  C   . GLY A 1 153 ? 6.022   -5.139  -0.767  1.00 44.76 ? 150 GLY A C   1 
ATOM   1215 O  O   . GLY A 1 153 ? 5.148   -5.639  -1.466  1.00 45.47 ? 150 GLY A O   1 
ATOM   1216 N  N   . PHE A 1 154 ? 6.322   -3.835  -0.797  1.00 44.37 ? 151 PHE A N   1 
ATOM   1217 C  CA  . PHE A 1 154 ? 5.670   -2.936  -1.747  1.00 44.82 ? 151 PHE A CA  1 
ATOM   1218 C  C   . PHE A 1 154 ? 6.084   -3.127  -3.209  1.00 44.84 ? 151 PHE A C   1 
ATOM   1219 O  O   . PHE A 1 154 ? 5.228   -3.051  -4.078  1.00 44.97 ? 151 PHE A O   1 
ATOM   1220 C  CB  . PHE A 1 154 ? 5.818   -1.453  -1.348  1.00 44.18 ? 151 PHE A CB  1 
ATOM   1221 C  CG  . PHE A 1 154 ? 4.925   -1.051  -0.230  1.00 45.47 ? 151 PHE A CG  1 
ATOM   1222 C  CD1 . PHE A 1 154 ? 3.539   -1.096  -0.378  1.00 44.51 ? 151 PHE A CD1 1 
ATOM   1223 C  CD2 . PHE A 1 154 ? 5.464   -0.643  0.991   1.00 45.06 ? 151 PHE A CD2 1 
ATOM   1224 C  CE1 . PHE A 1 154 ? 2.694   -0.716  0.680   1.00 45.78 ? 151 PHE A CE1 1 
ATOM   1225 C  CE2 . PHE A 1 154 ? 4.631   -0.268  2.040   1.00 46.62 ? 151 PHE A CE2 1 
ATOM   1226 C  CZ  . PHE A 1 154 ? 3.240   -0.303  1.879   1.00 44.77 ? 151 PHE A CZ  1 
ATOM   1227 N  N   . GLU A 1 155 ? 7.374   -3.331  -3.470  1.00 45.55 ? 152 GLU A N   1 
ATOM   1228 C  CA  . GLU A 1 155 ? 7.853   -3.728  -4.801  1.00 46.62 ? 152 GLU A CA  1 
ATOM   1229 C  C   . GLU A 1 155 ? 7.097   -4.922  -5.332  1.00 46.64 ? 152 GLU A C   1 
ATOM   1230 O  O   . GLU A 1 155 ? 6.702   -4.918  -6.507  1.00 46.56 ? 152 GLU A O   1 
ATOM   1231 C  CB  . GLU A 1 155 ? 9.336   -4.096  -4.813  1.00 46.59 ? 152 GLU A CB  1 
ATOM   1232 C  CG  . GLU A 1 155 ? 10.333  -2.965  -4.586  1.00 52.40 ? 152 GLU A CG  1 
ATOM   1233 C  CD  . GLU A 1 155 ? 10.261  -1.822  -5.588  1.00 56.93 ? 152 GLU A CD  1 
ATOM   1234 O  OE1 . GLU A 1 155 ? 9.768   -2.033  -6.704  1.00 61.71 ? 152 GLU A OE1 1 
ATOM   1235 O  OE2 . GLU A 1 155 ? 10.735  -0.710  -5.267  1.00 58.90 ? 152 GLU A OE2 1 
ATOM   1236 N  N   . LEU A 1 156 ? 6.933   -5.960  -4.499  1.00 46.78 ? 153 LEU A N   1 
ATOM   1237 C  CA  . LEU A 1 156 ? 6.251   -7.197  -4.931  1.00 46.82 ? 153 LEU A CA  1 
ATOM   1238 C  C   . LEU A 1 156 ? 4.802   -6.908  -5.238  1.00 46.65 ? 153 LEU A C   1 
ATOM   1239 O  O   . LEU A 1 156 ? 4.246   -7.480  -6.170  1.00 46.83 ? 153 LEU A O   1 
ATOM   1240 C  CB  . LEU A 1 156 ? 6.290   -8.300  -3.876  1.00 45.91 ? 153 LEU A CB  1 
ATOM   1241 C  CG  . LEU A 1 156 ? 7.426   -9.272  -3.688  1.00 47.08 ? 153 LEU A CG  1 
ATOM   1242 C  CD1 . LEU A 1 156 ? 7.174   -10.064 -2.403  1.00 46.49 ? 153 LEU A CD1 1 
ATOM   1243 C  CD2 . LEU A 1 156 ? 7.570   -10.179 -4.874  1.00 44.14 ? 153 LEU A CD2 1 
HETATM 1244 N  N   . MSE A 1 157 ? 4.206   -6.019  -4.439  1.00 46.89 ? 154 MSE A N   1 
HETATM 1245 C  CA  . MSE A 1 157 ? 2.826   -5.543  -4.654  1.00 47.20 ? 154 MSE A CA  1 
HETATM 1246 C  C   . MSE A 1 157 ? 2.602   -4.750  -5.940  1.00 46.88 ? 154 MSE A C   1 
HETATM 1247 O  O   . MSE A 1 157 ? 1.568   -4.892  -6.583  1.00 46.20 ? 154 MSE A O   1 
HETATM 1248 C  CB  . MSE A 1 157 ? 2.400   -4.641  -3.511  1.00 46.92 ? 154 MSE A CB  1 
HETATM 1249 C  CG  . MSE A 1 157 ? 1.525   -5.309  -2.508  1.00 49.30 ? 154 MSE A CG  1 
HETATM 1250 SE SE  . MSE A 1 157 ? 0.998   -3.963  -1.202  0.70 51.09 ? 154 MSE A SE  1 
HETATM 1251 C  CE  . MSE A 1 157 ? 2.235   -4.533  0.141   1.00 45.78 ? 154 MSE A CE  1 
ATOM   1252 N  N   . PHE A 1 158 ? 3.535   -3.851  -6.249  1.00 46.65 ? 155 PHE A N   1 
ATOM   1253 C  CA  . PHE A 1 158 ? 3.379   -2.988  -7.401  1.00 46.74 ? 155 PHE A CA  1 
ATOM   1254 C  C   . PHE A 1 158 ? 3.628   -3.789  -8.663  1.00 47.04 ? 155 PHE A C   1 
ATOM   1255 O  O   . PHE A 1 158 ? 3.087   -3.476  -9.716  1.00 47.02 ? 155 PHE A O   1 
ATOM   1256 C  CB  . PHE A 1 158 ? 4.346   -1.815  -7.352  1.00 45.64 ? 155 PHE A CB  1 
ATOM   1257 C  CG  . PHE A 1 158 ? 4.147   -0.926  -6.186  1.00 46.91 ? 155 PHE A CG  1 
ATOM   1258 C  CD1 . PHE A 1 158 ? 2.886   -0.766  -5.601  1.00 45.52 ? 155 PHE A CD1 1 
ATOM   1259 C  CD2 . PHE A 1 158 ? 5.209   -0.206  -5.673  1.00 45.48 ? 155 PHE A CD2 1 
ATOM   1260 C  CE1 . PHE A 1 158 ? 2.707   0.089   -4.517  1.00 45.94 ? 155 PHE A CE1 1 
ATOM   1261 C  CE2 . PHE A 1 158 ? 5.009   0.640   -4.615  1.00 46.41 ? 155 PHE A CE2 1 
ATOM   1262 C  CZ  . PHE A 1 158 ? 3.758   0.778   -4.032  1.00 44.04 ? 155 PHE A CZ  1 
ATOM   1263 N  N   . ASP A 1 159 ? 4.467   -4.806  -8.581  1.00 47.75 ? 156 ASP A N   1 
ATOM   1264 C  CA  . ASP A 1 159 ? 4.670   -5.534  -9.802  1.00 48.96 ? 156 ASP A CA  1 
ATOM   1265 C  C   . ASP A 1 159 ? 3.534   -6.554  -10.075 1.00 47.67 ? 156 ASP A C   1 
ATOM   1266 O  O   . ASP A 1 159 ? 3.146   -6.790  -11.215 1.00 46.30 ? 156 ASP A O   1 
ATOM   1267 C  CB  . ASP A 1 159 ? 6.156   -5.875  -10.119 1.00 50.41 ? 156 ASP A CB  1 
ATOM   1268 C  CG  . ASP A 1 159 ? 6.769   -6.927  -9.236  1.00 55.44 ? 156 ASP A CG  1 
ATOM   1269 O  OD1 . ASP A 1 159 ? 6.117   -7.939  -8.891  1.00 63.84 ? 156 ASP A OD1 1 
ATOM   1270 O  OD2 . ASP A 1 159 ? 7.986   -6.792  -8.961  1.00 60.10 ? 156 ASP A OD2 1 
ATOM   1271 N  N   . LYS A 1 160 ? 2.910   -7.014  -8.997  1.00 46.65 ? 157 LYS A N   1 
ATOM   1272 C  CA  . LYS A 1 160 ? 1.598   -7.627  -9.084  1.00 45.91 ? 157 LYS A CA  1 
ATOM   1273 C  C   . LYS A 1 160 ? 0.502   -6.682  -9.618  1.00 46.02 ? 157 LYS A C   1 
ATOM   1274 O  O   . LYS A 1 160 ? -0.250  -7.040  -10.509 1.00 46.32 ? 157 LYS A O   1 
ATOM   1275 C  CB  . LYS A 1 160 ? 1.221   -8.162  -7.729  1.00 45.81 ? 157 LYS A CB  1 
ATOM   1276 C  CG  . LYS A 1 160 ? -0.036  -8.952  -7.722  1.00 46.29 ? 157 LYS A CG  1 
ATOM   1277 C  CD  . LYS A 1 160 ? 0.203   -10.282 -7.059  1.00 49.63 ? 157 LYS A CD  1 
ATOM   1278 C  CE  . LYS A 1 160 ? 0.185   -10.266 -5.543  1.00 49.21 ? 157 LYS A CE  1 
ATOM   1279 N  NZ  . LYS A 1 160 ? 0.409   -11.737 -5.182  1.00 54.85 ? 157 LYS A NZ  1 
HETATM 1280 N  N   . MSE A 1 161 ? 0.394   -5.488  -9.057  1.00 46.07 ? 158 MSE A N   1 
HETATM 1281 C  CA  . MSE A 1 161 ? -0.469  -4.465  -9.600  1.00 46.14 ? 158 MSE A CA  1 
HETATM 1282 C  C   . MSE A 1 161 ? -0.228  -4.235  -11.112 1.00 46.98 ? 158 MSE A C   1 
HETATM 1283 O  O   . MSE A 1 161 ? -1.173  -4.028  -11.864 1.00 46.49 ? 158 MSE A O   1 
HETATM 1284 C  CB  . MSE A 1 161 ? -0.306  -3.145  -8.824  1.00 46.13 ? 158 MSE A CB  1 
HETATM 1285 C  CG  . MSE A 1 161 ? -1.260  -2.007  -9.280  1.00 44.03 ? 158 MSE A CG  1 
HETATM 1286 SE SE  . MSE A 1 161 ? -0.501  -0.274  -8.798  0.70 49.89 ? 158 MSE A SE  1 
HETATM 1287 C  CE  . MSE A 1 161 ? 0.894   -0.071  -10.126 1.00 44.82 ? 158 MSE A CE  1 
ATOM   1288 N  N   . TYR A 1 162 ? 1.032   -4.248  -11.535 1.00 48.07 ? 159 TYR A N   1 
ATOM   1289 C  CA  . TYR A 1 162 ? 1.375   -4.035  -12.929 1.00 49.63 ? 159 TYR A CA  1 
ATOM   1290 C  C   . TYR A 1 162 ? 0.727   -5.077  -13.901 1.00 49.57 ? 159 TYR A C   1 
ATOM   1291 O  O   . TYR A 1 162 ? 0.191   -4.691  -14.937 1.00 47.60 ? 159 TYR A O   1 
ATOM   1292 C  CB  . TYR A 1 162 ? 2.900   -3.962  -13.117 1.00 50.70 ? 159 TYR A CB  1 
ATOM   1293 C  CG  . TYR A 1 162 ? 3.316   -3.882  -14.579 1.00 53.52 ? 159 TYR A CG  1 
ATOM   1294 C  CD1 . TYR A 1 162 ? 3.558   -2.649  -15.195 1.00 55.26 ? 159 TYR A CD1 1 
ATOM   1295 C  CD2 . TYR A 1 162 ? 3.433   -5.042  -15.361 1.00 55.37 ? 159 TYR A CD2 1 
ATOM   1296 C  CE1 . TYR A 1 162 ? 3.926   -2.577  -16.553 1.00 56.11 ? 159 TYR A CE1 1 
ATOM   1297 C  CE2 . TYR A 1 162 ? 3.788   -4.972  -16.701 1.00 56.10 ? 159 TYR A CE2 1 
ATOM   1298 C  CZ  . TYR A 1 162 ? 4.031   -3.735  -17.287 1.00 56.11 ? 159 TYR A CZ  1 
ATOM   1299 O  OH  . TYR A 1 162 ? 4.387   -3.673  -18.620 1.00 57.99 ? 159 TYR A OH  1 
ATOM   1300 N  N   . HIS A 1 163 ? 0.786   -6.366  -13.547 1.00 50.56 ? 160 HIS A N   1 
ATOM   1301 C  CA  . HIS A 1 163 ? 0.177   -7.435  -14.333 1.00 52.05 ? 160 HIS A CA  1 
ATOM   1302 C  C   . HIS A 1 163 ? -1.336  -7.424  -14.278 1.00 52.83 ? 160 HIS A C   1 
ATOM   1303 O  O   . HIS A 1 163 ? -1.970  -7.724  -15.265 1.00 53.37 ? 160 HIS A O   1 
ATOM   1304 C  CB  . HIS A 1 163 ? 0.707   -8.795  -13.916 1.00 52.63 ? 160 HIS A CB  1 
ATOM   1305 C  CG  . HIS A 1 163 ? 2.166   -8.969  -14.183 1.00 54.17 ? 160 HIS A CG  1 
ATOM   1306 N  ND1 . HIS A 1 163 ? 2.655   -9.404  -15.399 1.00 57.12 ? 160 HIS A ND1 1 
ATOM   1307 C  CD2 . HIS A 1 163 ? 3.247   -8.755  -13.395 1.00 55.87 ? 160 HIS A CD2 1 
ATOM   1308 C  CE1 . HIS A 1 163 ? 3.975   -9.464  -15.343 1.00 58.66 ? 160 HIS A CE1 1 
ATOM   1309 N  NE2 . HIS A 1 163 ? 4.359   -9.069  -14.138 1.00 58.56 ? 160 HIS A NE2 1 
ATOM   1310 N  N   . VAL A 1 164 ? -1.921  -7.048  -13.148 1.00 53.91 ? 161 VAL A N   1 
ATOM   1311 C  CA  . VAL A 1 164 ? -3.370  -6.890  -13.063 1.00 54.77 ? 161 VAL A CA  1 
ATOM   1312 C  C   . VAL A 1 164 ? -3.811  -5.807  -14.053 1.00 55.79 ? 161 VAL A C   1 
ATOM   1313 O  O   . VAL A 1 164 ? -4.843  -5.948  -14.711 1.00 56.66 ? 161 VAL A O   1 
ATOM   1314 C  CB  . VAL A 1 164 ? -3.820  -6.508  -11.634 1.00 55.37 ? 161 VAL A CB  1 
ATOM   1315 C  CG1 . VAL A 1 164 ? -5.287  -5.975  -11.623 1.00 55.59 ? 161 VAL A CG1 1 
ATOM   1316 C  CG2 . VAL A 1 164 ? -3.616  -7.678  -10.660 1.00 53.80 ? 161 VAL A CG2 1 
ATOM   1317 N  N   . ILE A 1 165 ? -3.035  -4.728  -14.167 1.00 56.33 ? 162 ILE A N   1 
ATOM   1318 C  CA  . ILE A 1 165 ? -3.349  -3.684  -15.149 1.00 56.67 ? 162 ILE A CA  1 
ATOM   1319 C  C   . ILE A 1 165 ? -3.120  -4.170  -16.604 1.00 57.92 ? 162 ILE A C   1 
ATOM   1320 O  O   . ILE A 1 165 ? -3.982  -3.995  -17.468 1.00 57.77 ? 162 ILE A O   1 
ATOM   1321 C  CB  . ILE A 1 165 ? -2.607  -2.341  -14.867 1.00 56.25 ? 162 ILE A CB  1 
ATOM   1322 C  CG1 . ILE A 1 165 ? -2.906  -1.822  -13.466 1.00 53.48 ? 162 ILE A CG1 1 
ATOM   1323 C  CG2 . ILE A 1 165 ? -3.031  -1.267  -15.893 1.00 57.32 ? 162 ILE A CG2 1 
ATOM   1324 C  CD1 . ILE A 1 165 ? -1.902  -0.782  -12.963 1.00 48.22 ? 162 ILE A CD1 1 
ATOM   1325 N  N   . GLU A 1 166 ? -1.966  -4.791  -16.845 1.00 59.36 ? 163 GLU A N   1 
ATOM   1326 C  CA  . GLU A 1 166 ? -1.597  -5.357  -18.128 1.00 61.66 ? 163 GLU A CA  1 
ATOM   1327 C  C   . GLU A 1 166 ? -2.663  -6.323  -18.695 1.00 63.10 ? 163 GLU A C   1 
ATOM   1328 O  O   . GLU A 1 166 ? -2.931  -6.315  -19.883 1.00 62.57 ? 163 GLU A O   1 
ATOM   1329 C  CB  . GLU A 1 166 ? -0.252  -6.076  -17.987 1.00 61.54 ? 163 GLU A CB  1 
ATOM   1330 C  CG  . GLU A 1 166 ? 0.236   -6.799  -19.239 1.00 62.89 ? 163 GLU A CG  1 
ATOM   1331 C  CD  . GLU A 1 166 ? 1.245   -5.983  -20.029 1.00 64.38 ? 163 GLU A CD  1 
ATOM   1332 O  OE1 . GLU A 1 166 ? 0.854   -5.419  -21.098 1.00 63.87 ? 163 GLU A OE1 1 
ATOM   1333 O  OE2 . GLU A 1 166 ? 2.425   -5.904  -19.572 1.00 64.52 ? 163 GLU A OE2 1 
ATOM   1334 N  N   . THR A 1 167 ? -3.262  -7.137  -17.825 1.00 65.23 ? 164 THR A N   1 
ATOM   1335 C  CA  . THR A 1 167 ? -4.240  -8.160  -18.213 1.00 66.87 ? 164 THR A CA  1 
ATOM   1336 C  C   . THR A 1 167 ? -5.696  -7.647  -18.181 1.00 68.42 ? 164 THR A C   1 
ATOM   1337 O  O   . THR A 1 167 ? -6.651  -8.431  -18.196 1.00 69.20 ? 164 THR A O   1 
ATOM   1338 C  CB  . THR A 1 167 ? -4.130  -9.428  -17.330 1.00 66.57 ? 164 THR A CB  1 
ATOM   1339 O  OG1 . THR A 1 167 ? -2.756  -9.571  -16.814 1.00 66.09 ? 164 THR A OG1 1 
ATOM   1340 C  CG2 . THR A 1 167 ? -4.516  -10.690 -18.148 1.00 66.87 ? 164 THR A CG2 1 
ATOM   1341 N  N   . SER A 1 168 ? -5.873  -6.338  -18.116 1.00 69.70 ? 165 SER A N   1 
ATOM   1342 C  CA  . SER A 1 168 ? -7.166  -5.762  -18.459 1.00 71.45 ? 165 SER A CA  1 
ATOM   1343 C  C   . SER A 1 168 ? -7.021  -5.066  -19.819 1.00 72.40 ? 165 SER A C   1 
ATOM   1344 O  O   . SER A 1 168 ? -7.994  -4.582  -20.396 1.00 72.79 ? 165 SER A O   1 
ATOM   1345 C  CB  . SER A 1 168 ? -7.628  -4.791  -17.380 1.00 71.11 ? 165 SER A CB  1 
ATOM   1346 O  OG  . SER A 1 168 ? -6.663  -3.783  -17.158 1.00 72.57 ? 165 SER A OG  1 
ATOM   1347 N  N   . THR A 1 169 ? -5.781  -5.068  -20.317 1.00 73.67 ? 166 THR A N   1 
ATOM   1348 C  CA  . THR A 1 169 ? -5.332  -4.318  -21.491 1.00 74.54 ? 166 THR A CA  1 
ATOM   1349 C  C   . THR A 1 169 ? -5.177  -5.296  -22.680 1.00 75.90 ? 166 THR A C   1 
ATOM   1350 O  O   . THR A 1 169 ? -5.112  -4.896  -23.859 1.00 75.62 ? 166 THR A O   1 
ATOM   1351 C  CB  . THR A 1 169 ? -4.007  -3.540  -21.137 1.00 74.36 ? 166 THR A CB  1 
ATOM   1352 O  OG1 . THR A 1 169 ? -4.165  -2.133  -21.355 1.00 73.53 ? 166 THR A OG1 1 
ATOM   1353 C  CG2 . THR A 1 169 ? -2.750  -4.078  -21.857 1.00 73.54 ? 166 THR A CG2 1 
ATOM   1354 N  N   . GLN A 1 170 ? -5.150  -6.584  -22.335 1.00 77.22 ? 167 GLN A N   1 
ATOM   1355 C  CA  . GLN A 1 170 ? -5.035  -7.685  -23.281 1.00 78.60 ? 167 GLN A CA  1 
ATOM   1356 C  C   . GLN A 1 170 ? -6.301  -8.560  -23.251 1.00 79.42 ? 167 GLN A C   1 
ATOM   1357 O  O   . GLN A 1 170 ? -6.606  -9.265  -24.222 1.00 79.40 ? 167 GLN A O   1 
ATOM   1358 C  CB  . GLN A 1 170 ? -3.787  -8.507  -22.959 1.00 78.65 ? 167 GLN A CB  1 
ATOM   1359 C  CG  . GLN A 1 170 ? -2.487  -7.701  -23.035 1.00 79.26 ? 167 GLN A CG  1 
ATOM   1360 C  CD  . GLN A 1 170 ? -1.292  -8.407  -22.399 1.00 80.69 ? 167 GLN A CD  1 
ATOM   1361 O  OE1 . GLN A 1 170 ? -1.452  -9.360  -21.620 1.00 80.72 ? 167 GLN A OE1 1 
ATOM   1362 N  NE2 . GLN A 1 170 ? -0.081  -7.934  -22.729 1.00 81.02 ? 167 GLN A NE2 1 
ATOM   1363 N  N   . GLN A 1 171 ? -7.025  -8.504  -22.129 1.00 80.30 ? 168 GLN A N   1 
ATOM   1364 C  CA  . GLN A 1 171 ? -8.332  -9.158  -21.978 1.00 80.93 ? 168 GLN A CA  1 
ATOM   1365 C  C   . GLN A 1 171 ? -9.402  -8.100  -21.638 1.00 81.23 ? 168 GLN A C   1 
ATOM   1366 O  O   . GLN A 1 171 ? -9.461  -7.031  -22.256 1.00 81.31 ? 168 GLN A O   1 
ATOM   1367 C  CB  . GLN A 1 171 ? -8.261  -10.277 -20.916 1.00 80.91 ? 168 GLN A CB  1 
ATOM   1368 C  CG  . GLN A 1 171 ? -9.447  -11.266 -20.892 1.00 80.97 ? 168 GLN A CG  1 
ATOM   1369 C  CD  . GLN A 1 171 ? -9.520  -12.182 -22.121 1.00 81.63 ? 168 GLN A CD  1 
ATOM   1370 O  OE1 . GLN A 1 171 ? -9.751  -11.727 -23.248 1.00 81.42 ? 168 GLN A OE1 1 
ATOM   1371 N  NE2 . GLN A 1 171 ? -9.348  -13.484 -21.897 1.00 81.25 ? 168 GLN A NE2 1 
ATOM   1372 O  OXT . GLN A 1 171 ? -10.231 -8.255  -20.736 1.00 81.61 ? 168 GLN A OXT 1 
HETATM 1373 NA NA  . NA  B 2 .   ? -4.133  -2.781  9.651   1.00 66.95 ? 201 NA  A NA  1 
HETATM 1374 O  O   . HOH C 3 .   ? 18.159  3.451   22.466  1.00 36.71 ? 202 HOH A O   1 
HETATM 1375 O  O   . HOH C 3 .   ? -14.763 -0.522  -5.886  1.00 53.08 ? 203 HOH A O   1 
HETATM 1376 O  O   . HOH C 3 .   ? 10.199  -4.841  24.250  1.00 41.19 ? 204 HOH A O   1 
HETATM 1377 O  O   . HOH C 3 .   ? 2.486   3.218   11.761  1.00 42.17 ? 205 HOH A O   1 
HETATM 1378 O  O   . HOH C 3 .   ? 7.697   -3.124  -8.458  1.00 57.46 ? 206 HOH A O   1 
HETATM 1379 O  O   . HOH C 3 .   ? -2.948  8.901   5.464   1.00 40.33 ? 207 HOH A O   1 
HETATM 1380 O  O   . HOH C 3 .   ? -16.923 3.630   4.757   1.00 48.49 ? 208 HOH A O   1 
HETATM 1381 O  O   . HOH C 3 .   ? 17.962  2.622   10.602  1.00 40.36 ? 209 HOH A O   1 
HETATM 1382 O  O   . HOH C 3 .   ? -9.830  5.418   -12.577 1.00 55.00 ? 210 HOH A O   1 
HETATM 1383 O  O   . HOH C 3 .   ? -2.598  3.185   -21.318 1.00 64.70 ? 211 HOH A O   1 
HETATM 1384 O  O   . HOH C 3 .   ? -6.989  18.412  -9.081  1.00 46.77 ? 212 HOH A O   1 
HETATM 1385 O  O   . HOH C 3 .   ? 12.244  12.360  7.222   1.00 44.79 ? 213 HOH A O   1 
HETATM 1386 O  O   . HOH C 3 .   ? 14.034  -6.196  24.917  1.00 40.28 ? 214 HOH A O   1 
HETATM 1387 O  O   . HOH C 3 .   ? 4.969   -9.891  -7.197  1.00 54.49 ? 215 HOH A O   1 
HETATM 1388 O  O   . HOH C 3 .   ? 18.932  -4.877  24.565  1.00 48.10 ? 216 HOH A O   1 
HETATM 1389 O  O   . HOH C 3 .   ? 16.111  1.841   24.940  1.00 46.51 ? 217 HOH A O   1 
HETATM 1390 O  O   . HOH C 3 .   ? 1.157   -17.521 5.667   1.00 60.32 ? 218 HOH A O   1 
HETATM 1391 O  O   . HOH C 3 .   ? 14.483  -4.103  0.399   1.00 50.60 ? 219 HOH A O   1 
HETATM 1392 O  O   . HOH C 3 .   ? -4.155  -15.176 -6.899  1.00 66.68 ? 220 HOH A O   1 
HETATM 1393 O  O   . HOH C 3 .   ? -1.677  15.148  1.408   1.00 45.07 ? 221 HOH A O   1 
HETATM 1394 O  O   . HOH C 3 .   ? -13.751 12.237  -2.792  1.00 57.44 ? 222 HOH A O   1 
HETATM 1395 O  O   . HOH C 3 .   ? -4.386  -12.001 -7.962  1.00 60.42 ? 223 HOH A O   1 
HETATM 1396 O  O   . HOH C 3 .   ? 20.085  -4.369  29.022  1.00 49.74 ? 224 HOH A O   1 
HETATM 1397 O  O   . HOH C 3 .   ? 18.063  7.606   21.394  1.00 59.94 ? 225 HOH A O   1 
HETATM 1398 O  O   . HOH C 3 .   ? 3.735   -7.907  -0.961  1.00 47.87 ? 226 HOH A O   1 
HETATM 1399 O  O   . HOH C 3 .   ? 2.989   6.790   10.774  1.00 50.31 ? 227 HOH A O   1 
HETATM 1400 O  O   . HOH C 3 .   ? 12.840  1.288   24.906  1.00 50.71 ? 228 HOH A O   1 
HETATM 1401 O  O   . HOH C 3 .   ? 1.850   -26.852 9.268   1.00 46.05 ? 229 HOH A O   1 
HETATM 1402 O  O   . HOH C 3 .   ? 10.970  9.704   13.198  1.00 59.75 ? 230 HOH A O   1 
HETATM 1403 O  O   . HOH C 3 .   ? -3.121  -26.441 10.135  1.00 52.82 ? 231 HOH A O   1 
HETATM 1404 O  O   . HOH C 3 .   ? 17.258  -6.138  6.299   1.00 62.84 ? 232 HOH A O   1 
HETATM 1405 O  O   . HOH C 3 .   ? -14.082 -16.296 1.137   1.00 55.73 ? 233 HOH A O   1 
HETATM 1406 O  O   . HOH C 3 .   ? -14.649 2.156   -6.696  1.00 63.26 ? 234 HOH A O   1 
HETATM 1407 O  O   . HOH C 3 .   ? 4.349   -4.442  2.536   1.00 60.61 ? 235 HOH A O   1 
HETATM 1408 O  O   . HOH C 3 .   ? 15.340  4.300   25.115  1.00 50.43 ? 236 HOH A O   1 
HETATM 1409 O  O   . HOH C 3 .   ? 0.864   17.742  -8.220  1.00 46.17 ? 237 HOH A O   1 
HETATM 1410 O  O   . HOH C 3 .   ? 1.780   4.971   -23.058 1.00 54.02 ? 238 HOH A O   1 
HETATM 1411 O  O   . HOH C 3 .   ? -15.888 -0.857  3.920   1.00 51.83 ? 239 HOH A O   1 
HETATM 1412 O  O   . HOH C 3 .   ? -7.867  -24.086 -5.039  1.00 52.21 ? 240 HOH A O   1 
HETATM 1413 O  O   . HOH C 3 .   ? 13.400  5.815   7.024   1.00 57.21 ? 241 HOH A O   1 
HETATM 1414 O  O   . HOH C 3 .   ? -4.523  -9.811  11.187  1.00 56.61 ? 242 HOH A O   1 
HETATM 1415 O  O   . HOH C 3 .   ? 14.631  -7.098  6.383   1.00 50.65 ? 243 HOH A O   1 
HETATM 1416 O  O   . HOH C 3 .   ? 3.592   -20.623 0.713   1.00 56.71 ? 244 HOH A O   1 
HETATM 1417 O  O   . HOH C 3 .   ? 2.569   -21.217 9.525   1.00 60.17 ? 245 HOH A O   1 
HETATM 1418 O  O   . HOH C 3 .   ? 7.213   -2.174  27.680  1.00 50.13 ? 246 HOH A O   1 
HETATM 1419 O  O   . HOH C 3 .   ? 23.226  -5.073  23.354  1.00 54.66 ? 247 HOH A O   1 
HETATM 1420 O  O   . HOH C 3 .   ? 6.773   -1.815  15.558  1.00 48.81 ? 248 HOH A O   1 
HETATM 1421 O  O   . HOH C 3 .   ? 20.102  2.815   9.093   1.00 58.28 ? 249 HOH A O   1 
HETATM 1422 O  O   . HOH C 3 .   ? 17.869  -4.831  16.562  1.00 49.43 ? 250 HOH A O   1 
HETATM 1423 O  O   . HOH C 3 .   ? 2.851   -3.590  4.599   1.00 67.10 ? 251 HOH A O   1 
HETATM 1424 O  O   . HOH C 3 .   ? -9.401  18.245  -7.753  1.00 53.80 ? 252 HOH A O   1 
HETATM 1425 O  O   . HOH C 3 .   ? 13.464  -4.532  -2.969  1.00 73.04 ? 253 HOH A O   1 
HETATM 1426 O  O   . HOH C 3 .   ? 3.559   -3.944  29.451  1.00 58.47 ? 254 HOH A O   1 
HETATM 1427 O  O   . HOH C 3 .   ? -11.927 -9.522  -8.802  1.00 64.66 ? 255 HOH A O   1 
HETATM 1428 O  O   . HOH C 3 .   ? 0.757   -8.142  -0.896  1.00 60.37 ? 256 HOH A O   1 
HETATM 1429 O  O   . HOH C 3 .   ? -16.191 -0.753  -3.685  1.00 59.07 ? 257 HOH A O   1 
HETATM 1430 O  O   . HOH C 3 .   ? 0.146   -8.638  -3.097  1.00 51.47 ? 258 HOH A O   1 
HETATM 1431 O  O   . HOH C 3 .   ? -5.611  -9.992  -14.140 1.00 58.91 ? 259 HOH A O   1 
HETATM 1432 O  O   . HOH C 3 .   ? 11.979  -4.950  12.066  1.00 56.98 ? 260 HOH A O   1 
HETATM 1433 O  O   . HOH C 3 .   ? 8.964   -7.663  2.894   1.00 49.51 ? 261 HOH A O   1 
HETATM 1434 O  O   . HOH C 3 .   ? -4.970  -11.562 -10.500 1.00 54.01 ? 262 HOH A O   1 
HETATM 1435 O  O   . HOH C 3 .   ? 5.444   -0.193  -18.328 1.00 58.42 ? 263 HOH A O   1 
HETATM 1436 O  O   . HOH C 3 .   ? 9.390   -4.738  12.959  1.00 46.93 ? 264 HOH A O   1 
HETATM 1437 O  O   . HOH C 3 .   ? 12.684  4.547   0.684   1.00 47.38 ? 265 HOH A O   1 
HETATM 1438 O  O   . HOH C 3 .   ? -3.562  9.901   8.845   1.00 63.40 ? 266 HOH A O   1 
HETATM 1439 O  O   . HOH C 3 .   ? -0.266  8.451   -20.950 1.00 56.44 ? 267 HOH A O   1 
HETATM 1440 O  O   . HOH C 3 .   ? -5.623  -16.379 -9.156  1.00 67.42 ? 268 HOH A O   1 
HETATM 1441 O  O   . HOH C 3 .   ? 6.099   -2.266  -10.712 1.00 59.42 ? 269 HOH A O   1 
HETATM 1442 O  O   . HOH C 3 .   ? -0.390  -6.437  7.696   1.00 63.40 ? 270 HOH A O   1 
HETATM 1443 O  O   . HOH C 3 .   ? 16.072  2.963   8.239   1.00 56.12 ? 271 HOH A O   1 
HETATM 1444 O  O   . HOH C 3 .   ? 20.496  -3.249  26.682  1.00 39.64 ? 272 HOH A O   1 
HETATM 1445 O  O   . HOH C 3 .   ? 20.436  -4.473  10.719  1.00 63.59 ? 273 HOH A O   1 
HETATM 1446 O  O   . HOH C 3 .   ? 12.268  -8.717  3.151   1.00 57.33 ? 274 HOH A O   1 
HETATM 1447 O  O   . HOH C 3 .   ? -2.301  -11.151 -8.303  1.00 65.27 ? 275 HOH A O   1 
HETATM 1448 O  O   . HOH C 3 .   ? -8.330  -18.868 0.254   1.00 64.25 ? 276 HOH A O   1 
HETATM 1449 O  O   . HOH C 3 .   ? 17.867  5.266   11.663  1.00 51.80 ? 277 HOH A O   1 
HETATM 1450 O  O   . HOH C 3 .   ? -5.445  15.339  -12.988 1.00 63.51 ? 278 HOH A O   1 
HETATM 1451 O  O   . HOH C 3 .   ? -0.725  -11.608 -0.827  1.00 74.00 ? 279 HOH A O   1 
HETATM 1452 O  O   . HOH C 3 .   ? -1.024  9.026   15.156  1.00 65.95 ? 280 HOH A O   1 
HETATM 1453 O  O   . HOH C 3 .   ? 3.095   0.852   13.345  1.00 60.51 ? 281 HOH A O   1 
HETATM 1454 O  O   . HOH C 3 .   ? 3.161   16.902  -5.255  1.00 48.62 ? 282 HOH A O   1 
HETATM 1455 O  O   . HOH C 3 .   ? -9.784  -11.778 -7.923  1.00 80.34 ? 283 HOH A O   1 
# 
